data_1WHD
#
_entry.id   1WHD
#
_entity_poly.entity_id   1
_entity_poly.type   'polypeptide(L)'
_entity_poly.pdbx_seq_one_letter_code
;GSSGSSGEGDPENGEKLQITIRRGKDGFGFTICCDSPVRVQAVDSGGPAERAGLQQLDTVLQLNERPVEHWKCVELAHEI
RSCPSEIILLVWRVSGPSSG
;
_entity_poly.pdbx_strand_id   A
#
# COMPACT_ATOMS: atom_id res chain seq x y z
N GLY A 1 -17.97 -31.98 15.10
CA GLY A 1 -18.30 -30.62 15.50
C GLY A 1 -19.72 -30.25 15.13
N SER A 2 -20.66 -30.59 15.99
CA SER A 2 -22.07 -30.29 15.75
C SER A 2 -22.33 -28.79 15.91
N SER A 3 -21.83 -28.22 17.00
CA SER A 3 -22.01 -26.81 17.29
C SER A 3 -20.67 -26.12 17.50
N GLY A 4 -20.02 -25.75 16.41
CA GLY A 4 -18.72 -25.09 16.51
C GLY A 4 -17.59 -25.92 15.94
N SER A 5 -16.37 -25.42 16.07
CA SER A 5 -15.20 -26.13 15.57
C SER A 5 -13.91 -25.40 15.94
N SER A 6 -12.88 -26.17 16.26
CA SER A 6 -11.60 -25.61 16.65
C SER A 6 -10.95 -24.84 15.49
N GLY A 7 -10.05 -23.93 15.81
CA GLY A 7 -9.39 -23.14 14.79
C GLY A 7 -10.17 -21.89 14.42
N GLU A 8 -11.48 -22.04 14.27
CA GLU A 8 -12.34 -20.92 13.91
C GLU A 8 -11.85 -19.63 14.56
N GLY A 9 -11.51 -19.72 15.84
CA GLY A 9 -11.03 -18.56 16.57
C GLY A 9 -9.80 -17.94 15.93
N ASP A 10 -9.29 -16.87 16.54
CA ASP A 10 -8.11 -16.19 16.02
C ASP A 10 -8.21 -15.99 14.51
N PRO A 11 -9.32 -15.38 14.06
CA PRO A 11 -9.57 -15.12 12.64
C PRO A 11 -8.64 -14.05 12.08
N GLU A 12 -8.76 -13.80 10.78
CA GLU A 12 -7.92 -12.80 10.12
C GLU A 12 -8.76 -11.61 9.65
N ASN A 13 -8.46 -10.44 10.18
CA ASN A 13 -9.19 -9.22 9.82
C ASN A 13 -8.59 -8.58 8.57
N GLY A 14 -7.43 -7.95 8.73
CA GLY A 14 -6.77 -7.31 7.61
C GLY A 14 -6.20 -8.30 6.62
N GLU A 15 -6.06 -7.87 5.37
CA GLU A 15 -5.53 -8.74 4.31
C GLU A 15 -4.63 -7.96 3.37
N LYS A 16 -3.72 -8.66 2.71
CA LYS A 16 -2.80 -8.03 1.78
C LYS A 16 -3.50 -7.69 0.47
N LEU A 17 -3.65 -6.39 0.22
CA LEU A 17 -4.31 -5.93 -1.01
C LEU A 17 -3.34 -5.15 -1.88
N GLN A 18 -3.35 -5.44 -3.17
CA GLN A 18 -2.47 -4.77 -4.12
C GLN A 18 -3.21 -3.68 -4.88
N ILE A 19 -2.55 -2.55 -5.08
CA ILE A 19 -3.16 -1.43 -5.80
C ILE A 19 -2.12 -0.69 -6.65
N THR A 20 -2.51 -0.32 -7.86
CA THR A 20 -1.62 0.38 -8.76
C THR A 20 -2.03 1.84 -8.92
N ILE A 21 -1.05 2.70 -9.18
CA ILE A 21 -1.32 4.13 -9.34
C ILE A 21 -0.92 4.60 -10.74
N ARG A 22 -1.87 5.19 -11.46
CA ARG A 22 -1.62 5.68 -12.80
C ARG A 22 -1.14 7.14 -12.77
N ARG A 23 0.14 7.34 -13.03
CA ARG A 23 0.72 8.68 -13.02
C ARG A 23 0.23 9.48 -14.23
N GLY A 24 -0.78 10.32 -14.00
CA GLY A 24 -1.32 11.13 -15.08
C GLY A 24 -1.94 12.42 -14.58
N LYS A 25 -1.41 12.94 -13.49
CA LYS A 25 -1.91 14.18 -12.91
C LYS A 25 -0.93 14.75 -11.89
N ASP A 26 -0.33 15.89 -12.22
CA ASP A 26 0.63 16.53 -11.34
C ASP A 26 1.44 15.50 -10.58
N GLY A 27 1.80 14.41 -11.25
CA GLY A 27 2.58 13.36 -10.62
C GLY A 27 1.84 12.05 -10.55
N PHE A 28 2.00 11.33 -9.45
CA PHE A 28 1.34 10.04 -9.26
C PHE A 28 -0.04 10.22 -8.64
N GLY A 29 -0.16 11.21 -7.76
CA GLY A 29 -1.43 11.48 -7.10
C GLY A 29 -1.36 11.30 -5.60
N PHE A 30 -0.90 10.14 -5.16
CA PHE A 30 -0.78 9.84 -3.74
C PHE A 30 0.61 10.24 -3.21
N THR A 31 0.66 10.63 -1.94
CA THR A 31 1.91 11.03 -1.33
C THR A 31 2.32 10.06 -0.22
N ILE A 32 3.59 9.66 -0.22
CA ILE A 32 4.10 8.73 0.77
C ILE A 32 5.54 9.08 1.16
N CYS A 33 5.77 9.30 2.44
CA CYS A 33 7.10 9.64 2.94
C CYS A 33 7.27 9.17 4.38
N CYS A 34 8.28 8.34 4.61
CA CYS A 34 8.55 7.83 5.95
C CYS A 34 9.86 7.03 5.97
N ASP A 35 10.20 6.49 7.14
CA ASP A 35 11.42 5.71 7.29
C ASP A 35 11.10 4.24 7.54
N SER A 36 11.74 3.36 6.78
CA SER A 36 11.51 1.93 6.92
C SER A 36 11.20 1.56 8.37
N PRO A 37 10.03 0.95 8.58
CA PRO A 37 9.09 0.64 7.49
C PRO A 37 8.45 1.88 6.91
N VAL A 38 8.11 1.83 5.63
CA VAL A 38 7.48 2.95 4.95
C VAL A 38 5.97 2.94 5.15
N ARG A 39 5.37 4.13 5.16
CA ARG A 39 3.93 4.25 5.35
C ARG A 39 3.36 5.31 4.41
N VAL A 40 2.03 5.38 4.35
CA VAL A 40 1.35 6.35 3.50
C VAL A 40 1.12 7.66 4.23
N GLN A 41 1.32 8.77 3.52
CA GLN A 41 1.13 10.09 4.09
C GLN A 41 -0.30 10.58 3.91
N ALA A 42 -0.77 10.53 2.66
CA ALA A 42 -2.13 10.96 2.36
C ALA A 42 -2.50 10.62 0.91
N VAL A 43 -3.80 10.54 0.64
CA VAL A 43 -4.28 10.23 -0.70
C VAL A 43 -5.02 11.41 -1.32
N ASP A 44 -4.80 11.63 -2.61
CA ASP A 44 -5.45 12.73 -3.31
C ASP A 44 -6.88 12.37 -3.68
N SER A 45 -7.80 13.31 -3.48
CA SER A 45 -9.20 13.10 -3.78
C SER A 45 -9.46 13.24 -5.29
N GLY A 46 -10.06 12.20 -5.87
CA GLY A 46 -10.36 12.22 -7.29
C GLY A 46 -9.12 12.02 -8.15
N GLY A 47 -8.26 11.10 -7.72
CA GLY A 47 -7.04 10.83 -8.46
C GLY A 47 -6.92 9.38 -8.87
N PRO A 48 -5.81 9.03 -9.53
CA PRO A 48 -5.55 7.66 -9.99
C PRO A 48 -5.29 6.70 -8.84
N ALA A 49 -4.72 7.22 -7.75
CA ALA A 49 -4.42 6.41 -6.59
C ALA A 49 -5.69 6.07 -5.81
N GLU A 50 -6.50 7.09 -5.54
CA GLU A 50 -7.74 6.90 -4.80
C GLU A 50 -8.74 6.08 -5.62
N ARG A 51 -9.08 6.60 -6.80
CA ARG A 51 -10.02 5.93 -7.68
C ARG A 51 -9.72 4.43 -7.76
N ALA A 52 -8.46 4.11 -7.98
CA ALA A 52 -8.03 2.71 -8.08
C ALA A 52 -8.38 1.94 -6.82
N GLY A 53 -8.30 2.61 -5.68
CA GLY A 53 -8.62 1.97 -4.41
C GLY A 53 -7.46 2.02 -3.43
N LEU A 54 -6.78 3.16 -3.38
CA LEU A 54 -5.64 3.33 -2.48
C LEU A 54 -6.04 4.13 -1.25
N GLN A 55 -5.88 3.53 -0.08
CA GLN A 55 -6.24 4.20 1.17
C GLN A 55 -4.98 4.54 1.97
N GLN A 56 -4.95 5.74 2.53
CA GLN A 56 -3.81 6.19 3.32
C GLN A 56 -3.74 5.44 4.65
N LEU A 57 -2.76 5.80 5.46
CA LEU A 57 -2.59 5.17 6.77
C LEU A 57 -2.29 3.67 6.62
N ASP A 58 -1.48 3.33 5.62
CA ASP A 58 -1.12 1.94 5.37
C ASP A 58 0.40 1.76 5.37
N THR A 59 0.84 0.52 5.49
CA THR A 59 2.27 0.21 5.51
C THR A 59 2.70 -0.47 4.21
N VAL A 60 3.71 0.10 3.56
CA VAL A 60 4.22 -0.45 2.31
C VAL A 60 5.04 -1.71 2.56
N LEU A 61 4.53 -2.86 2.12
CA LEU A 61 5.22 -4.12 2.30
C LEU A 61 6.22 -4.36 1.18
N GLN A 62 5.71 -4.42 -0.05
CA GLN A 62 6.56 -4.64 -1.22
C GLN A 62 6.06 -3.85 -2.43
N LEU A 63 6.99 -3.31 -3.20
CA LEU A 63 6.64 -2.52 -4.38
C LEU A 63 7.08 -3.23 -5.65
N ASN A 64 6.25 -3.14 -6.69
CA ASN A 64 6.56 -3.78 -7.96
C ASN A 64 7.14 -5.17 -7.75
N GLU A 65 6.55 -5.93 -6.84
CA GLU A 65 7.01 -7.28 -6.54
C GLU A 65 8.42 -7.25 -5.96
N ARG A 66 8.72 -6.21 -5.20
CA ARG A 66 10.03 -6.06 -4.58
C ARG A 66 9.91 -5.69 -3.11
N PRO A 67 10.78 -6.26 -2.27
CA PRO A 67 10.79 -6.00 -0.83
C PRO A 67 11.24 -4.58 -0.49
N VAL A 68 10.41 -3.85 0.22
CA VAL A 68 10.72 -2.48 0.62
C VAL A 68 10.48 -2.26 2.10
N GLU A 69 10.47 -3.35 2.87
CA GLU A 69 10.23 -3.27 4.30
C GLU A 69 11.34 -2.48 4.99
N HIS A 70 12.54 -2.51 4.40
CA HIS A 70 13.68 -1.80 4.96
C HIS A 70 14.11 -0.66 4.04
N TRP A 71 13.15 -0.12 3.30
CA TRP A 71 13.42 0.98 2.37
C TRP A 71 12.95 2.31 2.96
N LYS A 72 13.57 3.40 2.52
CA LYS A 72 13.20 4.73 2.99
C LYS A 72 12.57 5.55 1.88
N CYS A 73 11.83 6.59 2.26
CA CYS A 73 11.17 7.46 1.29
C CYS A 73 12.02 7.60 0.03
N VAL A 74 13.31 7.87 0.22
CA VAL A 74 14.23 8.04 -0.89
C VAL A 74 14.39 6.74 -1.68
N GLU A 75 14.82 5.70 -0.98
CA GLU A 75 15.02 4.40 -1.61
C GLU A 75 13.79 4.00 -2.43
N LEU A 76 12.62 4.08 -1.81
CA LEU A 76 11.37 3.73 -2.48
C LEU A 76 11.07 4.71 -3.61
N ALA A 77 10.95 5.98 -3.27
CA ALA A 77 10.66 7.02 -4.25
C ALA A 77 11.41 6.76 -5.55
N HIS A 78 12.64 6.27 -5.44
CA HIS A 78 13.45 5.97 -6.61
C HIS A 78 12.81 4.88 -7.46
N GLU A 79 12.34 3.83 -6.80
CA GLU A 79 11.70 2.72 -7.49
C GLU A 79 10.40 3.16 -8.15
N ILE A 80 9.60 3.92 -7.42
CA ILE A 80 8.33 4.41 -7.93
C ILE A 80 8.52 5.21 -9.20
N ARG A 81 9.23 6.32 -9.10
CA ARG A 81 9.49 7.19 -10.25
C ARG A 81 9.93 6.35 -11.45
N SER A 82 10.53 5.19 -11.18
CA SER A 82 11.01 4.32 -12.24
C SER A 82 10.04 4.31 -13.42
N CYS A 83 8.78 3.95 -13.15
CA CYS A 83 7.76 3.89 -14.18
C CYS A 83 6.89 5.14 -14.15
N PRO A 84 7.10 6.04 -15.12
CA PRO A 84 6.34 7.30 -15.22
C PRO A 84 4.88 7.06 -15.61
N SER A 85 4.59 5.85 -16.08
CA SER A 85 3.24 5.50 -16.49
C SER A 85 2.42 5.00 -15.32
N GLU A 86 2.73 3.80 -14.87
CA GLU A 86 2.02 3.20 -13.74
C GLU A 86 2.97 2.34 -12.89
N ILE A 87 2.63 2.20 -11.61
CA ILE A 87 3.45 1.42 -10.70
C ILE A 87 2.58 0.61 -9.73
N ILE A 88 3.08 -0.55 -9.33
CA ILE A 88 2.35 -1.42 -8.41
C ILE A 88 2.90 -1.31 -7.00
N LEU A 89 2.02 -1.10 -6.02
CA LEU A 89 2.42 -0.97 -4.64
C LEU A 89 1.51 -1.78 -3.73
N LEU A 90 2.08 -2.69 -2.95
CA LEU A 90 1.32 -3.53 -2.04
C LEU A 90 1.35 -2.96 -0.62
N VAL A 91 0.22 -3.06 0.07
CA VAL A 91 0.12 -2.56 1.44
C VAL A 91 -0.87 -3.39 2.25
N TRP A 92 -0.81 -3.24 3.57
CA TRP A 92 -1.70 -3.98 4.46
C TRP A 92 -2.80 -3.07 5.00
N ARG A 93 -4.04 -3.52 4.86
CA ARG A 93 -5.19 -2.76 5.33
C ARG A 93 -6.13 -3.63 6.15
N VAL A 94 -6.74 -3.03 7.17
CA VAL A 94 -7.67 -3.76 8.02
C VAL A 94 -9.12 -3.36 7.74
N SER A 95 -9.88 -4.30 7.19
CA SER A 95 -11.28 -4.06 6.85
C SER A 95 -12.15 -4.06 8.12
N GLY A 96 -12.53 -2.87 8.56
CA GLY A 96 -13.36 -2.76 9.74
C GLY A 96 -13.70 -1.32 10.08
N PRO A 97 -14.07 -1.07 11.34
CA PRO A 97 -14.43 0.27 11.82
C PRO A 97 -13.22 1.20 11.88
N SER A 98 -12.06 0.70 11.46
CA SER A 98 -10.84 1.49 11.47
C SER A 98 -11.14 2.96 11.18
N SER A 99 -11.15 3.77 12.23
CA SER A 99 -11.42 5.19 12.09
C SER A 99 -10.16 5.95 11.67
N GLY A 100 -10.32 7.25 11.44
CA GLY A 100 -9.19 8.06 11.03
C GLY A 100 -8.97 8.05 9.53
N GLY A 1 13.96 -16.40 16.36
CA GLY A 1 13.07 -17.50 16.65
C GLY A 1 11.88 -17.56 15.71
N SER A 2 11.13 -18.65 15.77
CA SER A 2 9.96 -18.82 14.92
C SER A 2 8.74 -19.20 15.74
N SER A 3 7.71 -18.36 15.69
CA SER A 3 6.48 -18.60 16.43
C SER A 3 5.42 -19.25 15.54
N GLY A 4 4.81 -20.31 16.06
CA GLY A 4 3.78 -21.01 15.31
C GLY A 4 2.39 -20.50 15.60
N SER A 5 1.68 -20.07 14.56
CA SER A 5 0.33 -19.55 14.72
C SER A 5 -0.59 -20.59 15.35
N SER A 6 -1.19 -20.24 16.47
CA SER A 6 -2.09 -21.15 17.18
C SER A 6 -3.54 -20.89 16.79
N GLY A 7 -4.39 -21.89 16.99
CA GLY A 7 -5.79 -21.76 16.65
C GLY A 7 -6.66 -21.51 17.87
N GLU A 8 -6.19 -20.65 18.76
CA GLU A 8 -6.93 -20.33 19.98
C GLU A 8 -7.65 -19.00 19.84
N GLY A 9 -6.95 -18.01 19.30
CA GLY A 9 -7.54 -16.69 19.13
C GLY A 9 -6.57 -15.70 18.51
N ASP A 10 -7.00 -14.45 18.40
CA ASP A 10 -6.16 -13.41 17.80
C ASP A 10 -5.90 -13.70 16.33
N PRO A 11 -6.98 -13.89 15.56
CA PRO A 11 -6.89 -14.18 14.12
C PRO A 11 -6.43 -12.96 13.33
N GLU A 12 -6.43 -13.10 12.00
CA GLU A 12 -6.01 -12.02 11.12
C GLU A 12 -7.21 -11.35 10.45
N ASN A 13 -7.51 -10.13 10.86
CA ASN A 13 -8.63 -9.38 10.31
C ASN A 13 -8.27 -8.79 8.95
N GLY A 14 -7.17 -8.05 8.92
CA GLY A 14 -6.73 -7.44 7.67
C GLY A 14 -6.15 -8.44 6.69
N GLU A 15 -6.00 -8.04 5.45
CA GLU A 15 -5.45 -8.91 4.42
C GLU A 15 -4.52 -8.14 3.48
N LYS A 16 -3.71 -8.87 2.73
CA LYS A 16 -2.77 -8.26 1.80
C LYS A 16 -3.49 -7.76 0.55
N LEU A 17 -3.49 -6.45 0.34
CA LEU A 17 -4.15 -5.86 -0.81
C LEU A 17 -3.17 -4.97 -1.60
N GLN A 18 -3.25 -5.03 -2.92
CA GLN A 18 -2.39 -4.24 -3.78
C GLN A 18 -3.20 -3.23 -4.60
N ILE A 19 -2.58 -2.11 -4.91
CA ILE A 19 -3.25 -1.07 -5.69
C ILE A 19 -2.36 -0.58 -6.82
N THR A 20 -2.91 -0.57 -8.04
CA THR A 20 -2.17 -0.13 -9.21
C THR A 20 -2.55 1.30 -9.60
N ILE A 21 -1.56 2.18 -9.63
CA ILE A 21 -1.78 3.57 -9.99
C ILE A 21 -0.96 3.97 -11.20
N ARG A 22 -1.62 4.59 -12.18
CA ARG A 22 -0.94 5.02 -13.39
C ARG A 22 -0.85 6.55 -13.45
N ARG A 23 0.19 7.05 -14.11
CA ARG A 23 0.40 8.49 -14.23
C ARG A 23 -0.60 9.09 -15.23
N GLY A 24 -1.73 9.56 -14.71
CA GLY A 24 -2.73 10.16 -15.56
C GLY A 24 -2.39 11.58 -15.96
N LYS A 25 -1.29 11.74 -16.68
CA LYS A 25 -0.85 13.05 -17.12
C LYS A 25 -0.55 13.96 -15.93
N ASP A 26 -0.22 13.35 -14.80
CA ASP A 26 0.10 14.10 -13.59
C ASP A 26 0.55 13.17 -12.47
N GLY A 27 1.86 13.16 -12.21
CA GLY A 27 2.40 12.30 -11.18
C GLY A 27 1.66 10.98 -11.06
N PHE A 28 1.23 10.65 -9.85
CA PHE A 28 0.50 9.41 -9.61
C PHE A 28 -0.85 9.67 -8.96
N GLY A 29 -0.87 10.61 -8.02
CA GLY A 29 -2.11 10.96 -7.34
C GLY A 29 -2.07 10.59 -5.87
N PHE A 30 -0.89 10.25 -5.37
CA PHE A 30 -0.72 9.87 -3.97
C PHE A 30 0.68 10.20 -3.49
N THR A 31 0.79 10.64 -2.24
CA THR A 31 2.07 10.99 -1.65
C THR A 31 2.43 10.05 -0.49
N ILE A 32 3.68 9.62 -0.46
CA ILE A 32 4.15 8.73 0.59
C ILE A 32 5.59 9.03 0.98
N CYS A 33 5.83 9.21 2.27
CA CYS A 33 7.16 9.50 2.76
C CYS A 33 7.33 9.02 4.20
N CYS A 34 8.31 8.15 4.43
CA CYS A 34 8.57 7.61 5.75
C CYS A 34 9.78 6.67 5.73
N ASP A 35 10.49 6.63 6.85
CA ASP A 35 11.68 5.78 6.96
C ASP A 35 11.28 4.34 7.24
N SER A 36 11.87 3.41 6.48
CA SER A 36 11.58 1.99 6.64
C SER A 36 11.26 1.66 8.10
N PRO A 37 10.07 1.06 8.31
CA PRO A 37 9.14 0.73 7.23
C PRO A 37 8.50 1.97 6.62
N VAL A 38 8.19 1.90 5.33
CA VAL A 38 7.57 3.01 4.63
C VAL A 38 6.07 3.07 4.90
N ARG A 39 5.53 4.28 4.92
CA ARG A 39 4.10 4.47 5.17
C ARG A 39 3.51 5.51 4.20
N VAL A 40 2.19 5.60 4.18
CA VAL A 40 1.51 6.55 3.32
C VAL A 40 1.33 7.90 4.00
N GLN A 41 1.50 8.98 3.24
CA GLN A 41 1.36 10.32 3.77
C GLN A 41 -0.08 10.81 3.64
N ALA A 42 -0.57 10.87 2.40
CA ALA A 42 -1.93 11.31 2.12
C ALA A 42 -2.35 10.96 0.72
N VAL A 43 -3.66 11.03 0.45
CA VAL A 43 -4.19 10.70 -0.86
C VAL A 43 -4.84 11.93 -1.50
N ASP A 44 -4.71 12.04 -2.82
CA ASP A 44 -5.27 13.16 -3.55
C ASP A 44 -6.77 12.94 -3.81
N SER A 45 -7.55 13.99 -3.64
CA SER A 45 -8.99 13.90 -3.85
C SER A 45 -9.34 14.06 -5.33
N GLY A 46 -9.95 13.02 -5.90
CA GLY A 46 -10.31 13.06 -7.30
C GLY A 46 -9.20 12.60 -8.21
N GLY A 47 -8.50 11.55 -7.80
CA GLY A 47 -7.40 11.03 -8.60
C GLY A 47 -7.47 9.52 -8.77
N PRO A 48 -6.55 8.98 -9.58
CA PRO A 48 -6.48 7.54 -9.84
C PRO A 48 -6.03 6.74 -8.62
N ALA A 49 -5.42 7.43 -7.67
CA ALA A 49 -4.94 6.80 -6.45
C ALA A 49 -6.10 6.43 -5.53
N GLU A 50 -7.01 7.37 -5.33
CA GLU A 50 -8.16 7.15 -4.47
C GLU A 50 -9.12 6.13 -5.08
N ARG A 51 -9.60 6.43 -6.29
CA ARG A 51 -10.51 5.54 -7.00
C ARG A 51 -9.97 4.12 -7.04
N ALA A 52 -8.69 3.99 -7.43
CA ALA A 52 -8.04 2.70 -7.52
C ALA A 52 -8.30 1.87 -6.25
N GLY A 53 -8.16 2.52 -5.10
CA GLY A 53 -8.38 1.83 -3.83
C GLY A 53 -7.23 2.04 -2.87
N LEU A 54 -6.66 3.24 -2.88
CA LEU A 54 -5.54 3.56 -1.99
C LEU A 54 -6.03 4.33 -0.77
N GLN A 55 -5.59 3.90 0.42
CA GLN A 55 -5.97 4.56 1.65
C GLN A 55 -4.76 5.19 2.34
N GLN A 56 -5.03 6.13 3.24
CA GLN A 56 -3.95 6.82 3.96
C GLN A 56 -3.59 6.07 5.23
N LEU A 57 -2.39 6.32 5.73
CA LEU A 57 -1.92 5.67 6.95
C LEU A 57 -1.73 4.17 6.74
N ASP A 58 -1.32 3.81 5.52
CA ASP A 58 -1.09 2.40 5.18
C ASP A 58 0.40 2.09 5.10
N THR A 59 0.76 0.85 5.39
CA THR A 59 2.16 0.43 5.36
C THR A 59 2.48 -0.29 4.04
N VAL A 60 3.63 0.03 3.47
CA VAL A 60 4.06 -0.58 2.22
C VAL A 60 4.82 -1.88 2.48
N LEU A 61 4.28 -2.98 1.95
CA LEU A 61 4.91 -4.29 2.12
C LEU A 61 5.93 -4.56 1.02
N GLN A 62 5.46 -4.53 -0.23
CA GLN A 62 6.32 -4.78 -1.38
C GLN A 62 5.87 -3.95 -2.58
N LEU A 63 6.84 -3.51 -3.38
CA LEU A 63 6.55 -2.71 -4.57
C LEU A 63 7.16 -3.34 -5.82
N ASN A 64 6.43 -3.28 -6.93
CA ASN A 64 6.90 -3.83 -8.19
C ASN A 64 7.38 -5.27 -7.99
N GLU A 65 6.63 -6.05 -7.22
CA GLU A 65 6.99 -7.44 -6.96
C GLU A 65 8.33 -7.53 -6.25
N ARG A 66 8.66 -6.49 -5.48
CA ARG A 66 9.91 -6.46 -4.74
C ARG A 66 9.68 -6.02 -3.30
N PRO A 67 10.45 -6.61 -2.37
CA PRO A 67 10.36 -6.29 -0.95
C PRO A 67 10.86 -4.90 -0.63
N VAL A 68 10.03 -4.11 0.05
CA VAL A 68 10.39 -2.75 0.42
C VAL A 68 10.12 -2.49 1.90
N GLU A 69 10.11 -3.56 2.70
CA GLU A 69 9.86 -3.44 4.13
C GLU A 69 10.98 -2.68 4.82
N HIS A 70 12.20 -2.83 4.30
CA HIS A 70 13.36 -2.15 4.87
C HIS A 70 13.89 -1.10 3.92
N TRP A 71 12.98 -0.45 3.19
CA TRP A 71 13.36 0.59 2.24
C TRP A 71 13.02 1.98 2.79
N LYS A 72 13.96 2.90 2.62
CA LYS A 72 13.76 4.27 3.11
C LYS A 72 13.05 5.12 2.05
N CYS A 73 12.33 6.14 2.50
CA CYS A 73 11.61 7.02 1.61
C CYS A 73 12.44 7.33 0.36
N VAL A 74 13.73 7.61 0.57
CA VAL A 74 14.63 7.92 -0.53
C VAL A 74 14.87 6.69 -1.41
N GLU A 75 14.86 5.52 -0.78
CA GLU A 75 15.07 4.27 -1.51
C GLU A 75 13.84 3.89 -2.31
N LEU A 76 12.68 4.00 -1.70
CA LEU A 76 11.42 3.67 -2.36
C LEU A 76 11.07 4.71 -3.42
N ALA A 77 10.74 5.92 -2.97
CA ALA A 77 10.39 7.00 -3.88
C ALA A 77 11.16 6.88 -5.20
N HIS A 78 12.43 6.49 -5.11
CA HIS A 78 13.27 6.34 -6.28
C HIS A 78 12.70 5.26 -7.23
N GLU A 79 12.43 4.09 -6.68
CA GLU A 79 11.89 2.99 -7.47
C GLU A 79 10.61 3.40 -8.18
N ILE A 80 9.73 4.09 -7.44
CA ILE A 80 8.47 4.55 -8.00
C ILE A 80 8.69 5.35 -9.27
N ARG A 81 9.44 6.45 -9.17
CA ARG A 81 9.72 7.30 -10.32
C ARG A 81 10.24 6.47 -11.48
N SER A 82 11.07 5.47 -11.17
CA SER A 82 11.66 4.61 -12.19
C SER A 82 10.68 4.40 -13.34
N CYS A 83 9.47 3.95 -13.02
CA CYS A 83 8.45 3.70 -14.03
C CYS A 83 7.39 4.80 -14.00
N PRO A 84 7.50 5.75 -14.94
CA PRO A 84 6.56 6.87 -15.04
C PRO A 84 5.18 6.42 -15.52
N SER A 85 5.15 5.50 -16.46
CA SER A 85 3.90 4.99 -17.01
C SER A 85 2.96 4.54 -15.90
N GLU A 86 3.36 3.51 -15.16
CA GLU A 86 2.56 3.00 -14.06
C GLU A 86 3.44 2.43 -12.96
N ILE A 87 2.89 2.30 -11.77
CA ILE A 87 3.63 1.77 -10.63
C ILE A 87 2.72 0.96 -9.71
N ILE A 88 3.21 -0.20 -9.27
CA ILE A 88 2.43 -1.06 -8.39
C ILE A 88 3.02 -1.06 -6.97
N LEU A 89 2.15 -0.89 -5.99
CA LEU A 89 2.58 -0.87 -4.59
C LEU A 89 1.59 -1.64 -3.71
N LEU A 90 2.10 -2.65 -3.01
CA LEU A 90 1.27 -3.46 -2.12
C LEU A 90 1.29 -2.91 -0.70
N VAL A 91 0.14 -2.94 -0.05
CA VAL A 91 0.02 -2.44 1.32
C VAL A 91 -0.88 -3.35 2.16
N TRP A 92 -0.89 -3.12 3.45
CA TRP A 92 -1.71 -3.92 4.37
C TRP A 92 -2.94 -3.13 4.81
N ARG A 93 -4.10 -3.79 4.78
CA ARG A 93 -5.35 -3.15 5.18
C ARG A 93 -6.09 -4.01 6.21
N VAL A 94 -6.93 -3.37 7.01
CA VAL A 94 -7.70 -4.07 8.03
C VAL A 94 -9.20 -3.90 7.80
N SER A 95 -9.92 -5.01 7.76
CA SER A 95 -11.36 -5.00 7.55
C SER A 95 -12.08 -5.73 8.67
N GLY A 96 -13.18 -5.15 9.13
CA GLY A 96 -13.96 -5.75 10.20
C GLY A 96 -14.61 -4.72 11.11
N PRO A 97 -15.03 -5.16 12.29
CA PRO A 97 -15.68 -4.29 13.28
C PRO A 97 -14.70 -3.28 13.88
N SER A 98 -13.47 -3.27 13.38
CA SER A 98 -12.45 -2.36 13.88
C SER A 98 -13.06 -1.02 14.28
N SER A 99 -13.27 -0.85 15.58
CA SER A 99 -13.86 0.38 16.10
C SER A 99 -12.96 1.59 15.80
N GLY A 100 -13.44 2.48 14.95
CA GLY A 100 -12.68 3.66 14.60
C GLY A 100 -12.28 4.48 15.81
N GLY A 1 3.37 -25.98 18.45
CA GLY A 1 2.23 -25.78 19.33
C GLY A 1 1.79 -27.07 19.98
N SER A 2 0.65 -27.01 20.68
CA SER A 2 0.11 -28.19 21.35
C SER A 2 -0.74 -29.03 20.40
N SER A 3 -0.19 -29.30 19.22
CA SER A 3 -0.91 -30.09 18.22
C SER A 3 -2.40 -29.80 18.26
N GLY A 4 -2.75 -28.52 18.34
CA GLY A 4 -4.14 -28.14 18.38
C GLY A 4 -4.96 -28.77 17.27
N SER A 5 -6.08 -29.37 17.64
CA SER A 5 -6.95 -30.02 16.66
C SER A 5 -8.15 -29.14 16.33
N SER A 6 -7.98 -28.26 15.36
CA SER A 6 -9.04 -27.36 14.94
C SER A 6 -8.75 -26.74 13.57
N GLY A 7 -9.76 -26.14 12.96
CA GLY A 7 -9.58 -25.52 11.66
C GLY A 7 -8.94 -24.15 11.75
N GLU A 8 -9.69 -23.12 11.36
CA GLU A 8 -9.18 -21.76 11.39
C GLU A 8 -9.81 -20.97 12.53
N GLY A 9 -11.11 -21.13 12.71
CA GLY A 9 -11.80 -20.43 13.77
C GLY A 9 -11.94 -18.94 13.50
N ASP A 10 -11.06 -18.15 14.10
CA ASP A 10 -11.09 -16.70 13.93
C ASP A 10 -10.55 -16.32 12.54
N PRO A 11 -11.35 -15.54 11.79
CA PRO A 11 -10.98 -15.10 10.45
C PRO A 11 -9.85 -14.07 10.48
N GLU A 12 -9.44 -13.62 9.30
CA GLU A 12 -8.37 -12.64 9.18
C GLU A 12 -8.93 -11.23 9.00
N ASN A 13 -8.76 -10.40 10.02
CA ASN A 13 -9.25 -9.03 9.98
C ASN A 13 -8.57 -8.24 8.86
N GLY A 14 -7.25 -8.36 8.76
CA GLY A 14 -6.51 -7.66 7.73
C GLY A 14 -6.22 -8.53 6.53
N GLU A 15 -6.11 -7.92 5.37
CA GLU A 15 -5.83 -8.65 4.13
C GLU A 15 -4.85 -7.88 3.24
N LYS A 16 -4.04 -8.61 2.50
CA LYS A 16 -3.07 -7.99 1.60
C LYS A 16 -3.72 -7.58 0.28
N LEU A 17 -3.74 -6.28 0.02
CA LEU A 17 -4.33 -5.76 -1.21
C LEU A 17 -3.32 -4.95 -2.00
N GLN A 18 -3.32 -5.13 -3.32
CA GLN A 18 -2.40 -4.39 -4.19
C GLN A 18 -3.13 -3.31 -4.97
N ILE A 19 -2.59 -2.10 -4.94
CA ILE A 19 -3.19 -0.97 -5.64
C ILE A 19 -2.28 -0.47 -6.76
N THR A 20 -2.82 -0.44 -7.98
CA THR A 20 -2.05 0.01 -9.14
C THR A 20 -2.42 1.45 -9.50
N ILE A 21 -1.45 2.35 -9.41
CA ILE A 21 -1.67 3.75 -9.73
C ILE A 21 -1.02 4.11 -11.07
N ARG A 22 -1.80 4.76 -11.94
CA ARG A 22 -1.30 5.15 -13.25
C ARG A 22 -1.19 6.67 -13.35
N ARG A 23 0.01 7.16 -13.66
CA ARG A 23 0.24 8.60 -13.79
C ARG A 23 -0.87 9.26 -14.60
N GLY A 24 -1.68 10.07 -13.93
CA GLY A 24 -2.77 10.75 -14.61
C GLY A 24 -2.38 12.13 -15.10
N LYS A 25 -1.91 12.97 -14.19
CA LYS A 25 -1.49 14.32 -14.54
C LYS A 25 -0.84 15.02 -13.35
N ASP A 26 0.29 15.68 -13.60
CA ASP A 26 1.00 16.38 -12.55
C ASP A 26 1.37 15.44 -11.41
N GLY A 27 1.87 14.25 -11.77
CA GLY A 27 2.26 13.28 -10.77
C GLY A 27 1.30 12.09 -10.72
N PHE A 28 1.53 11.21 -9.75
CA PHE A 28 0.68 10.03 -9.60
C PHE A 28 -0.66 10.40 -8.97
N GLY A 29 -0.60 11.07 -7.82
CA GLY A 29 -1.82 11.47 -7.14
C GLY A 29 -1.70 11.37 -5.63
N PHE A 30 -1.22 10.23 -5.15
CA PHE A 30 -1.06 10.01 -3.72
C PHE A 30 0.37 10.34 -3.28
N THR A 31 0.50 10.78 -2.03
CA THR A 31 1.80 11.13 -1.48
C THR A 31 2.22 10.16 -0.38
N ILE A 32 3.51 9.87 -0.32
CA ILE A 32 4.03 8.95 0.69
C ILE A 32 5.47 9.32 1.07
N CYS A 33 5.70 9.54 2.36
CA CYS A 33 7.03 9.89 2.85
C CYS A 33 7.22 9.40 4.29
N CYS A 34 8.26 8.59 4.49
CA CYS A 34 8.55 8.06 5.81
C CYS A 34 9.85 7.26 5.79
N ASP A 35 10.22 6.71 6.95
CA ASP A 35 11.45 5.93 7.07
C ASP A 35 11.12 4.45 7.24
N SER A 36 11.81 3.60 6.48
CA SER A 36 11.58 2.16 6.54
C SER A 36 11.25 1.73 7.96
N PRO A 37 10.09 1.09 8.13
CA PRO A 37 9.18 0.80 7.01
C PRO A 37 8.52 2.07 6.47
N VAL A 38 8.23 2.08 5.17
CA VAL A 38 7.60 3.22 4.54
C VAL A 38 6.10 3.21 4.76
N ARG A 39 5.53 4.39 5.00
CA ARG A 39 4.09 4.52 5.22
C ARG A 39 3.48 5.57 4.30
N VAL A 40 2.15 5.62 4.26
CA VAL A 40 1.45 6.58 3.42
C VAL A 40 1.24 7.90 4.15
N GLN A 41 1.35 9.00 3.41
CA GLN A 41 1.17 10.33 4.00
C GLN A 41 -0.28 10.78 3.89
N ALA A 42 -0.78 10.87 2.66
CA ALA A 42 -2.16 11.28 2.42
C ALA A 42 -2.61 10.92 1.00
N VAL A 43 -3.90 10.64 0.85
CA VAL A 43 -4.45 10.28 -0.45
C VAL A 43 -5.27 11.43 -1.03
N ASP A 44 -5.12 11.65 -2.32
CA ASP A 44 -5.85 12.72 -3.01
C ASP A 44 -7.28 12.28 -3.33
N SER A 45 -8.25 13.02 -2.80
CA SER A 45 -9.65 12.71 -3.03
C SER A 45 -10.07 13.07 -4.45
N GLY A 46 -10.40 12.05 -5.24
CA GLY A 46 -10.81 12.28 -6.61
C GLY A 46 -9.66 12.14 -7.60
N GLY A 47 -8.81 11.15 -7.37
CA GLY A 47 -7.68 10.92 -8.25
C GLY A 47 -7.52 9.47 -8.65
N PRO A 48 -6.36 9.13 -9.25
CA PRO A 48 -6.07 7.77 -9.67
C PRO A 48 -5.85 6.82 -8.51
N ALA A 49 -5.30 7.34 -7.42
CA ALA A 49 -5.04 6.53 -6.24
C ALA A 49 -6.34 6.15 -5.53
N GLU A 50 -7.18 7.16 -5.28
CA GLU A 50 -8.46 6.93 -4.61
C GLU A 50 -9.30 5.92 -5.38
N ARG A 51 -9.56 6.21 -6.65
CA ARG A 51 -10.35 5.33 -7.49
C ARG A 51 -9.83 3.89 -7.41
N ALA A 52 -8.52 3.74 -7.50
CA ALA A 52 -7.89 2.43 -7.44
C ALA A 52 -8.22 1.72 -6.12
N GLY A 53 -8.22 2.48 -5.05
CA GLY A 53 -8.52 1.91 -3.73
C GLY A 53 -7.37 2.08 -2.76
N LEU A 54 -6.74 3.25 -2.79
CA LEU A 54 -5.62 3.53 -1.89
C LEU A 54 -6.09 4.25 -0.64
N GLN A 55 -5.57 3.84 0.52
CA GLN A 55 -5.95 4.44 1.79
C GLN A 55 -4.73 5.08 2.46
N GLN A 56 -4.98 6.11 3.27
CA GLN A 56 -3.91 6.79 3.97
C GLN A 56 -3.52 6.06 5.25
N LEU A 57 -2.32 6.33 5.75
CA LEU A 57 -1.83 5.68 6.96
C LEU A 57 -1.68 4.18 6.76
N ASP A 58 -1.08 3.80 5.62
CA ASP A 58 -0.86 2.40 5.31
C ASP A 58 0.62 2.07 5.29
N THR A 59 0.94 0.79 5.54
CA THR A 59 2.33 0.35 5.55
C THR A 59 2.70 -0.38 4.26
N VAL A 60 3.73 0.11 3.59
CA VAL A 60 4.18 -0.50 2.34
C VAL A 60 4.91 -1.81 2.59
N LEU A 61 4.31 -2.90 2.13
CA LEU A 61 4.89 -4.22 2.30
C LEU A 61 5.93 -4.51 1.22
N GLN A 62 5.50 -4.50 -0.03
CA GLN A 62 6.39 -4.76 -1.16
C GLN A 62 5.93 -4.00 -2.40
N LEU A 63 6.88 -3.66 -3.26
CA LEU A 63 6.58 -2.94 -4.50
C LEU A 63 7.15 -3.66 -5.70
N ASN A 64 6.43 -3.58 -6.82
CA ASN A 64 6.88 -4.23 -8.06
C ASN A 64 7.38 -5.65 -7.77
N GLU A 65 6.75 -6.32 -6.83
CA GLU A 65 7.13 -7.68 -6.46
C GLU A 65 8.56 -7.71 -5.90
N ARG A 66 8.91 -6.67 -5.15
CA ARG A 66 10.24 -6.57 -4.56
C ARG A 66 10.15 -6.20 -3.08
N PRO A 67 11.09 -6.73 -2.27
CA PRO A 67 11.14 -6.47 -0.84
C PRO A 67 11.54 -5.03 -0.53
N VAL A 68 10.60 -4.26 0.00
CA VAL A 68 10.86 -2.86 0.35
C VAL A 68 10.49 -2.58 1.79
N GLU A 69 10.32 -3.64 2.58
CA GLU A 69 9.97 -3.51 3.99
C GLU A 69 11.03 -2.71 4.75
N HIS A 70 12.27 -2.78 4.26
CA HIS A 70 13.37 -2.06 4.89
C HIS A 70 13.87 -0.94 3.99
N TRP A 71 13.03 -0.51 3.06
CA TRP A 71 13.38 0.56 2.14
C TRP A 71 12.90 1.91 2.66
N LYS A 72 13.80 2.90 2.62
CA LYS A 72 13.46 4.24 3.09
C LYS A 72 12.82 5.07 1.98
N CYS A 73 12.22 6.19 2.35
CA CYS A 73 11.57 7.06 1.38
C CYS A 73 12.47 7.30 0.17
N VAL A 74 13.69 7.75 0.43
CA VAL A 74 14.65 8.02 -0.64
C VAL A 74 15.06 6.73 -1.34
N GLU A 75 14.74 5.60 -0.72
CA GLU A 75 15.08 4.31 -1.29
C GLU A 75 13.94 3.78 -2.18
N LEU A 76 12.71 4.11 -1.80
CA LEU A 76 11.55 3.68 -2.55
C LEU A 76 11.24 4.65 -3.69
N ALA A 77 11.01 5.91 -3.33
CA ALA A 77 10.71 6.94 -4.31
C ALA A 77 11.48 6.70 -5.61
N HIS A 78 12.72 6.23 -5.49
CA HIS A 78 13.56 5.96 -6.65
C HIS A 78 12.85 5.02 -7.61
N GLU A 79 12.44 3.86 -7.12
CA GLU A 79 11.76 2.88 -7.95
C GLU A 79 10.49 3.46 -8.55
N ILE A 80 9.59 3.92 -7.70
CA ILE A 80 8.33 4.51 -8.15
C ILE A 80 8.56 5.44 -9.33
N ARG A 81 9.49 6.39 -9.17
CA ARG A 81 9.81 7.33 -10.22
C ARG A 81 10.48 6.65 -11.41
N SER A 82 11.05 5.48 -11.15
CA SER A 82 11.73 4.72 -12.19
C SER A 82 10.84 4.55 -13.42
N CYS A 83 9.55 4.31 -13.17
CA CYS A 83 8.59 4.14 -14.26
C CYS A 83 7.58 5.28 -14.28
N PRO A 84 7.80 6.25 -15.19
CA PRO A 84 6.92 7.41 -15.33
C PRO A 84 5.55 7.04 -15.91
N SER A 85 5.37 5.75 -16.20
CA SER A 85 4.11 5.27 -16.76
C SER A 85 3.18 4.80 -15.66
N GLU A 86 3.50 3.65 -15.06
CA GLU A 86 2.68 3.08 -14.00
C GLU A 86 3.55 2.41 -12.94
N ILE A 87 3.01 2.29 -11.74
CA ILE A 87 3.75 1.66 -10.64
C ILE A 87 2.81 0.88 -9.73
N ILE A 88 3.29 -0.26 -9.22
CA ILE A 88 2.49 -1.10 -8.33
C ILE A 88 3.04 -1.07 -6.91
N LEU A 89 2.15 -0.99 -5.94
CA LEU A 89 2.54 -0.96 -4.54
C LEU A 89 1.57 -1.78 -3.68
N LEU A 90 2.13 -2.66 -2.86
CA LEU A 90 1.31 -3.49 -1.99
C LEU A 90 1.35 -2.99 -0.55
N VAL A 91 0.18 -2.98 0.10
CA VAL A 91 0.08 -2.51 1.49
C VAL A 91 -0.85 -3.40 2.29
N TRP A 92 -0.81 -3.25 3.62
CA TRP A 92 -1.64 -4.05 4.50
C TRP A 92 -2.78 -3.21 5.08
N ARG A 93 -3.99 -3.75 5.06
CA ARG A 93 -5.15 -3.05 5.59
C ARG A 93 -5.91 -3.92 6.58
N VAL A 94 -6.38 -3.31 7.66
CA VAL A 94 -7.12 -4.03 8.69
C VAL A 94 -8.51 -3.43 8.87
N SER A 95 -9.52 -4.29 8.81
CA SER A 95 -10.91 -3.86 8.97
C SER A 95 -11.56 -4.55 10.17
N GLY A 96 -11.58 -3.86 11.31
CA GLY A 96 -12.19 -4.42 12.51
C GLY A 96 -12.89 -3.38 13.34
N PRO A 97 -14.15 -3.08 12.99
CA PRO A 97 -14.96 -2.08 13.70
C PRO A 97 -15.36 -2.56 15.10
N SER A 98 -14.75 -1.96 16.11
CA SER A 98 -15.04 -2.33 17.50
C SER A 98 -15.02 -3.84 17.66
N SER A 99 -13.98 -4.48 17.14
CA SER A 99 -13.84 -5.93 17.24
C SER A 99 -15.12 -6.63 16.77
N GLY A 100 -15.62 -6.22 15.62
CA GLY A 100 -16.83 -6.82 15.08
C GLY A 100 -16.69 -8.30 14.83
N GLY A 1 -3.30 -27.10 -2.22
CA GLY A 1 -3.26 -27.96 -1.05
C GLY A 1 -3.87 -29.32 -1.31
N SER A 2 -3.41 -30.33 -0.57
CA SER A 2 -3.92 -31.69 -0.73
C SER A 2 -4.63 -32.16 0.54
N SER A 3 -3.87 -32.23 1.63
CA SER A 3 -4.42 -32.67 2.90
C SER A 3 -4.72 -31.49 3.81
N GLY A 4 -6.00 -31.17 3.98
CA GLY A 4 -6.39 -30.06 4.82
C GLY A 4 -6.59 -28.77 4.03
N SER A 5 -7.83 -28.34 3.92
CA SER A 5 -8.16 -27.13 3.18
C SER A 5 -7.27 -25.98 3.61
N SER A 6 -7.34 -25.61 4.88
CA SER A 6 -6.55 -24.52 5.42
C SER A 6 -6.49 -24.58 6.95
N GLY A 7 -5.36 -24.16 7.51
CA GLY A 7 -5.20 -24.19 8.95
C GLY A 7 -5.72 -22.93 9.61
N GLU A 8 -5.44 -21.78 9.00
CA GLU A 8 -5.89 -20.50 9.54
C GLU A 8 -5.82 -20.50 11.06
N GLY A 9 -4.74 -21.07 11.61
CA GLY A 9 -4.58 -21.12 13.04
C GLY A 9 -5.08 -19.86 13.74
N ASP A 10 -4.35 -18.77 13.57
CA ASP A 10 -4.73 -17.50 14.18
C ASP A 10 -5.67 -16.72 13.28
N PRO A 11 -6.52 -15.88 13.88
CA PRO A 11 -7.49 -15.05 13.15
C PRO A 11 -6.82 -13.95 12.34
N GLU A 12 -7.19 -13.85 11.07
CA GLU A 12 -6.62 -12.83 10.19
C GLU A 12 -7.64 -11.74 9.89
N ASN A 13 -7.40 -10.55 10.43
CA ASN A 13 -8.30 -9.42 10.22
C ASN A 13 -8.02 -8.73 8.89
N GLY A 14 -6.81 -8.18 8.76
CA GLY A 14 -6.43 -7.51 7.53
C GLY A 14 -5.76 -8.44 6.54
N GLU A 15 -5.67 -8.00 5.29
CA GLU A 15 -5.05 -8.80 4.24
C GLU A 15 -4.24 -7.92 3.30
N LYS A 16 -3.24 -8.51 2.65
CA LYS A 16 -2.39 -7.79 1.72
C LYS A 16 -3.08 -7.62 0.37
N LEU A 17 -3.25 -6.38 -0.05
CA LEU A 17 -3.89 -6.08 -1.33
C LEU A 17 -3.04 -5.14 -2.17
N GLN A 18 -2.97 -5.42 -3.47
CA GLN A 18 -2.19 -4.59 -4.38
C GLN A 18 -3.06 -3.52 -5.03
N ILE A 19 -2.47 -2.37 -5.31
CA ILE A 19 -3.19 -1.27 -5.94
C ILE A 19 -2.41 -0.71 -7.13
N THR A 20 -2.94 -0.94 -8.34
CA THR A 20 -2.30 -0.46 -9.55
C THR A 20 -2.71 0.97 -9.85
N ILE A 21 -1.81 1.91 -9.54
CA ILE A 21 -2.07 3.32 -9.78
C ILE A 21 -1.60 3.74 -11.17
N ARG A 22 -2.36 4.63 -11.80
CA ARG A 22 -2.03 5.11 -13.14
C ARG A 22 -1.77 6.62 -13.12
N ARG A 23 -0.52 7.00 -13.36
CA ARG A 23 -0.14 8.41 -13.37
C ARG A 23 -1.20 9.25 -14.09
N GLY A 24 -1.84 10.14 -13.34
CA GLY A 24 -2.86 10.99 -13.92
C GLY A 24 -2.50 12.47 -13.86
N LYS A 25 -3.19 13.21 -13.00
CA LYS A 25 -2.94 14.64 -12.85
C LYS A 25 -1.75 14.88 -11.94
N ASP A 26 -0.82 15.71 -12.40
CA ASP A 26 0.38 16.03 -11.62
C ASP A 26 0.98 14.77 -11.02
N GLY A 27 1.27 13.79 -11.87
CA GLY A 27 1.85 12.54 -11.40
C GLY A 27 0.95 11.81 -10.43
N PHE A 28 1.55 10.99 -9.57
CA PHE A 28 0.78 10.22 -8.58
C PHE A 28 0.14 11.15 -7.56
N GLY A 29 -1.09 11.57 -7.82
CA GLY A 29 -1.79 12.45 -6.92
C GLY A 29 -1.55 12.10 -5.47
N PHE A 30 -1.20 10.84 -5.21
CA PHE A 30 -0.95 10.38 -3.85
C PHE A 30 0.52 10.54 -3.49
N THR A 31 0.78 10.81 -2.21
CA THR A 31 2.15 10.99 -1.73
C THR A 31 2.44 10.08 -0.54
N ILE A 32 3.66 9.58 -0.47
CA ILE A 32 4.07 8.70 0.62
C ILE A 32 5.47 9.06 1.12
N CYS A 33 5.61 9.19 2.44
CA CYS A 33 6.88 9.53 3.05
C CYS A 33 6.98 8.97 4.46
N CYS A 34 8.00 8.14 4.69
CA CYS A 34 8.20 7.53 6.00
C CYS A 34 9.48 6.70 6.02
N ASP A 35 10.05 6.52 7.21
CA ASP A 35 11.27 5.74 7.36
C ASP A 35 10.95 4.26 7.55
N SER A 36 11.62 3.41 6.76
CA SER A 36 11.41 1.98 6.83
C SER A 36 11.02 1.56 8.24
N PRO A 37 9.84 0.95 8.37
CA PRO A 37 8.94 0.69 7.23
C PRO A 37 8.33 1.97 6.67
N VAL A 38 8.02 1.96 5.38
CA VAL A 38 7.43 3.12 4.73
C VAL A 38 5.93 3.19 4.99
N ARG A 39 5.37 4.39 4.86
CA ARG A 39 3.95 4.59 5.07
C ARG A 39 3.39 5.64 4.12
N VAL A 40 2.10 5.91 4.22
CA VAL A 40 1.44 6.89 3.36
C VAL A 40 1.40 8.26 4.03
N GLN A 41 1.57 9.30 3.23
CA GLN A 41 1.55 10.67 3.74
C GLN A 41 0.15 11.28 3.61
N ALA A 42 -0.43 11.16 2.42
CA ALA A 42 -1.76 11.70 2.17
C ALA A 42 -2.28 11.24 0.82
N VAL A 43 -3.60 11.08 0.73
CA VAL A 43 -4.23 10.64 -0.52
C VAL A 43 -5.11 11.74 -1.10
N ASP A 44 -4.91 12.02 -2.38
CA ASP A 44 -5.68 13.06 -3.07
C ASP A 44 -7.07 12.54 -3.45
N SER A 45 -8.07 12.97 -2.70
CA SER A 45 -9.45 12.55 -2.94
C SER A 45 -9.85 12.83 -4.38
N GLY A 46 -10.04 11.77 -5.16
CA GLY A 46 -10.42 11.93 -6.55
C GLY A 46 -9.32 11.55 -7.50
N GLY A 47 -8.07 11.61 -7.03
CA GLY A 47 -6.94 11.26 -7.86
C GLY A 47 -6.99 9.83 -8.35
N PRO A 48 -6.00 9.45 -9.17
CA PRO A 48 -5.91 8.09 -9.72
C PRO A 48 -5.59 7.05 -8.66
N ALA A 49 -5.08 7.51 -7.52
CA ALA A 49 -4.73 6.62 -6.43
C ALA A 49 -5.97 6.18 -5.64
N GLU A 50 -6.81 7.15 -5.31
CA GLU A 50 -8.03 6.87 -4.57
C GLU A 50 -8.96 5.97 -5.37
N ARG A 51 -9.24 6.36 -6.61
CA ARG A 51 -10.11 5.58 -7.48
C ARG A 51 -9.78 4.10 -7.40
N ALA A 52 -8.50 3.79 -7.37
CA ALA A 52 -8.05 2.39 -7.29
C ALA A 52 -8.40 1.79 -5.93
N GLY A 53 -7.86 2.38 -4.87
CA GLY A 53 -8.11 1.87 -3.53
C GLY A 53 -7.00 2.19 -2.56
N LEU A 54 -6.43 3.38 -2.71
CA LEU A 54 -5.34 3.81 -1.83
C LEU A 54 -5.88 4.46 -0.57
N GLN A 55 -5.30 4.10 0.57
CA GLN A 55 -5.72 4.64 1.85
C GLN A 55 -4.59 5.39 2.54
N GLN A 56 -4.92 6.15 3.57
CA GLN A 56 -3.91 6.91 4.31
C GLN A 56 -3.40 6.11 5.51
N LEU A 57 -2.16 6.37 5.90
CA LEU A 57 -1.55 5.68 7.03
C LEU A 57 -1.33 4.21 6.71
N ASP A 58 -1.14 3.90 5.43
CA ASP A 58 -0.92 2.53 5.00
C ASP A 58 0.57 2.23 4.89
N THR A 59 0.96 1.02 5.29
CA THR A 59 2.36 0.61 5.24
C THR A 59 2.68 -0.08 3.92
N VAL A 60 3.73 0.38 3.25
CA VAL A 60 4.15 -0.19 1.98
C VAL A 60 4.88 -1.51 2.19
N LEU A 61 4.17 -2.61 1.96
CA LEU A 61 4.74 -3.94 2.12
C LEU A 61 5.80 -4.21 1.05
N GLN A 62 5.37 -4.19 -0.21
CA GLN A 62 6.27 -4.44 -1.33
C GLN A 62 5.83 -3.67 -2.56
N LEU A 63 6.78 -3.05 -3.26
CA LEU A 63 6.49 -2.27 -4.45
C LEU A 63 7.22 -2.85 -5.66
N ASN A 64 6.49 -3.03 -6.76
CA ASN A 64 7.07 -3.58 -7.98
C ASN A 64 7.62 -4.98 -7.75
N GLU A 65 6.78 -5.86 -7.23
CA GLU A 65 7.18 -7.23 -6.96
C GLU A 65 8.53 -7.28 -6.24
N ARG A 66 8.80 -6.24 -5.46
CA ARG A 66 10.06 -6.16 -4.71
C ARG A 66 9.80 -5.78 -3.25
N PRO A 67 10.54 -6.42 -2.34
CA PRO A 67 10.42 -6.17 -0.90
C PRO A 67 10.94 -4.79 -0.50
N VAL A 68 10.05 -3.95 0.01
CA VAL A 68 10.43 -2.60 0.43
C VAL A 68 9.95 -2.32 1.85
N GLU A 69 9.51 -3.36 2.54
CA GLU A 69 9.02 -3.22 3.91
C GLU A 69 10.08 -2.57 4.80
N HIS A 70 11.35 -2.67 4.38
CA HIS A 70 12.44 -2.09 5.14
C HIS A 70 13.17 -1.03 4.32
N TRP A 71 12.42 -0.35 3.45
CA TRP A 71 12.99 0.69 2.61
C TRP A 71 12.57 2.07 3.09
N LYS A 72 13.42 3.07 2.83
CA LYS A 72 13.14 4.44 3.25
C LYS A 72 12.59 5.25 2.08
N CYS A 73 11.74 6.23 2.39
CA CYS A 73 11.14 7.08 1.37
C CYS A 73 12.11 7.29 0.20
N VAL A 74 13.38 7.50 0.53
CA VAL A 74 14.40 7.72 -0.49
C VAL A 74 14.63 6.46 -1.32
N GLU A 75 14.90 5.35 -0.63
CA GLU A 75 15.13 4.07 -1.30
C GLU A 75 13.92 3.66 -2.13
N LEU A 76 12.74 3.78 -1.53
CA LEU A 76 11.50 3.41 -2.20
C LEU A 76 11.18 4.40 -3.32
N ALA A 77 10.95 5.66 -2.94
CA ALA A 77 10.63 6.70 -3.91
C ALA A 77 11.38 6.47 -5.23
N HIS A 78 12.62 6.02 -5.13
CA HIS A 78 13.42 5.76 -6.31
C HIS A 78 12.72 4.78 -7.25
N GLU A 79 12.30 3.65 -6.70
CA GLU A 79 11.62 2.62 -7.49
C GLU A 79 10.32 3.17 -8.06
N ILE A 80 9.59 3.93 -7.25
CA ILE A 80 8.34 4.51 -7.69
C ILE A 80 8.53 5.47 -8.85
N ARG A 81 9.48 6.38 -8.71
CA ARG A 81 9.77 7.35 -9.76
C ARG A 81 10.37 6.67 -10.99
N SER A 82 10.90 5.46 -10.79
CA SER A 82 11.49 4.70 -11.88
C SER A 82 10.47 4.44 -12.99
N CYS A 83 9.23 4.20 -12.58
CA CYS A 83 8.16 3.92 -13.53
C CYS A 83 7.10 5.02 -13.49
N PRO A 84 7.17 5.95 -14.45
CA PRO A 84 6.23 7.07 -14.55
C PRO A 84 4.82 6.62 -14.95
N SER A 85 4.75 5.83 -16.01
CA SER A 85 3.46 5.34 -16.50
C SER A 85 2.58 4.87 -15.34
N GLU A 86 2.91 3.71 -14.79
CA GLU A 86 2.14 3.17 -13.67
C GLU A 86 3.08 2.57 -12.62
N ILE A 87 2.54 2.34 -11.42
CA ILE A 87 3.32 1.77 -10.33
C ILE A 87 2.49 0.77 -9.52
N ILE A 88 3.06 -0.40 -9.27
CA ILE A 88 2.38 -1.43 -8.50
C ILE A 88 2.87 -1.46 -7.06
N LEU A 89 2.07 -0.89 -6.15
CA LEU A 89 2.42 -0.86 -4.74
C LEU A 89 1.47 -1.71 -3.92
N LEU A 90 2.02 -2.57 -3.06
CA LEU A 90 1.22 -3.44 -2.22
C LEU A 90 1.32 -3.03 -0.75
N VAL A 91 0.18 -2.75 -0.14
CA VAL A 91 0.14 -2.34 1.26
C VAL A 91 -0.77 -3.26 2.08
N TRP A 92 -0.71 -3.13 3.40
CA TRP A 92 -1.52 -3.94 4.28
C TRP A 92 -2.69 -3.13 4.85
N ARG A 93 -3.88 -3.71 4.78
CA ARG A 93 -5.08 -3.04 5.29
C ARG A 93 -5.89 -3.97 6.18
N VAL A 94 -6.55 -3.40 7.18
CA VAL A 94 -7.35 -4.17 8.12
C VAL A 94 -8.84 -3.88 7.94
N SER A 95 -9.61 -4.91 7.64
CA SER A 95 -11.05 -4.76 7.44
C SER A 95 -11.81 -5.09 8.73
N GLY A 96 -12.47 -4.08 9.28
CA GLY A 96 -13.22 -4.28 10.50
C GLY A 96 -13.12 -3.10 11.45
N PRO A 97 -13.59 -3.28 12.69
CA PRO A 97 -13.54 -2.24 13.72
C PRO A 97 -12.13 -1.94 14.20
N SER A 98 -11.47 -1.00 13.53
CA SER A 98 -10.11 -0.63 13.89
C SER A 98 -10.10 0.43 14.97
N SER A 99 -9.97 0.00 16.22
CA SER A 99 -9.95 0.92 17.36
C SER A 99 -9.27 0.28 18.56
N GLY A 100 -8.58 1.10 19.35
CA GLY A 100 -7.89 0.60 20.52
C GLY A 100 -6.47 1.15 20.63
N GLY A 1 5.16 -32.11 14.66
CA GLY A 1 5.32 -31.39 13.40
C GLY A 1 4.27 -30.32 13.21
N SER A 2 3.16 -30.68 12.58
CA SER A 2 2.08 -29.73 12.33
C SER A 2 0.73 -30.40 12.50
N SER A 3 -0.20 -29.70 13.17
CA SER A 3 -1.53 -30.23 13.42
C SER A 3 -2.54 -29.10 13.62
N GLY A 4 -3.82 -29.42 13.53
CA GLY A 4 -4.85 -28.43 13.71
C GLY A 4 -4.84 -27.83 15.10
N SER A 5 -5.83 -28.20 15.91
CA SER A 5 -5.94 -27.68 17.28
C SER A 5 -5.92 -26.16 17.28
N SER A 6 -6.74 -25.56 16.42
CA SER A 6 -6.82 -24.11 16.33
C SER A 6 -6.91 -23.47 17.70
N GLY A 7 -6.46 -22.23 17.81
CA GLY A 7 -6.49 -21.53 19.08
C GLY A 7 -6.88 -20.08 18.93
N GLU A 8 -7.12 -19.41 20.06
CA GLU A 8 -7.51 -18.00 20.04
C GLU A 8 -6.43 -17.14 20.70
N GLY A 9 -6.25 -15.94 20.19
CA GLY A 9 -5.25 -15.04 20.74
C GLY A 9 -5.19 -13.71 20.00
N ASP A 10 -4.11 -13.48 19.28
CA ASP A 10 -3.94 -12.25 18.52
C ASP A 10 -3.77 -12.53 17.04
N PRO A 11 -4.85 -13.00 16.39
CA PRO A 11 -4.86 -13.33 14.97
C PRO A 11 -4.75 -12.08 14.09
N GLU A 12 -4.69 -12.29 12.77
CA GLU A 12 -4.59 -11.19 11.83
C GLU A 12 -5.92 -10.93 11.13
N ASN A 13 -6.58 -9.83 11.51
CA ASN A 13 -7.87 -9.48 10.93
C ASN A 13 -7.69 -8.90 9.52
N GLY A 14 -6.78 -7.93 9.40
CA GLY A 14 -6.54 -7.31 8.11
C GLY A 14 -6.01 -8.30 7.09
N GLU A 15 -5.88 -7.84 5.85
CA GLU A 15 -5.39 -8.69 4.77
C GLU A 15 -4.49 -7.92 3.82
N LYS A 16 -3.54 -8.61 3.19
CA LYS A 16 -2.62 -7.98 2.27
C LYS A 16 -3.31 -7.64 0.95
N LEU A 17 -3.32 -6.36 0.61
CA LEU A 17 -3.94 -5.90 -0.63
C LEU A 17 -2.98 -5.07 -1.45
N GLN A 18 -3.17 -5.07 -2.77
CA GLN A 18 -2.31 -4.32 -3.68
C GLN A 18 -3.14 -3.37 -4.54
N ILE A 19 -2.57 -2.21 -4.85
CA ILE A 19 -3.26 -1.23 -5.67
C ILE A 19 -2.36 -0.74 -6.81
N THR A 20 -2.96 -0.49 -7.97
CA THR A 20 -2.23 -0.03 -9.13
C THR A 20 -2.61 1.41 -9.50
N ILE A 21 -1.68 2.33 -9.33
CA ILE A 21 -1.93 3.73 -9.64
C ILE A 21 -1.38 4.09 -11.02
N ARG A 22 -2.17 4.84 -11.78
CA ARG A 22 -1.76 5.26 -13.12
C ARG A 22 -1.46 6.75 -13.16
N ARG A 23 -0.34 7.10 -13.79
CA ARG A 23 0.06 8.50 -13.90
C ARG A 23 -1.11 9.37 -14.33
N GLY A 24 -1.77 10.00 -13.36
CA GLY A 24 -2.89 10.86 -13.66
C GLY A 24 -2.49 12.30 -13.93
N LYS A 25 -3.45 13.20 -13.89
CA LYS A 25 -3.19 14.61 -14.13
C LYS A 25 -1.83 15.02 -13.54
N ASP A 26 -1.73 14.96 -12.22
CA ASP A 26 -0.49 15.32 -11.53
C ASP A 26 0.27 14.07 -11.11
N GLY A 27 0.23 13.03 -11.95
CA GLY A 27 0.92 11.80 -11.64
C GLY A 27 0.32 11.07 -10.46
N PHE A 28 1.13 10.30 -9.76
CA PHE A 28 0.68 9.55 -8.60
C PHE A 28 -0.05 10.45 -7.62
N GLY A 29 -1.35 10.61 -7.82
CA GLY A 29 -2.14 11.46 -6.94
C GLY A 29 -1.85 11.21 -5.47
N PHE A 30 -1.43 9.99 -5.16
CA PHE A 30 -1.12 9.63 -3.78
C PHE A 30 0.35 9.89 -3.47
N THR A 31 0.63 10.19 -2.21
CA THR A 31 2.00 10.46 -1.78
C THR A 31 2.39 9.59 -0.59
N ILE A 32 3.66 9.20 -0.54
CA ILE A 32 4.15 8.36 0.54
C ILE A 32 5.55 8.80 0.98
N CYS A 33 5.72 8.99 2.29
CA CYS A 33 7.01 9.41 2.83
C CYS A 33 7.17 8.92 4.27
N CYS A 34 8.22 8.14 4.52
CA CYS A 34 8.49 7.62 5.85
C CYS A 34 9.81 6.86 5.88
N ASP A 35 10.13 6.27 7.02
CA ASP A 35 11.35 5.51 7.18
C ASP A 35 11.06 4.02 7.38
N SER A 36 11.71 3.18 6.59
CA SER A 36 11.50 1.74 6.67
C SER A 36 11.16 1.32 8.10
N PRO A 37 9.97 0.71 8.27
CA PRO A 37 9.05 0.45 7.16
C PRO A 37 8.43 1.73 6.61
N VAL A 38 8.10 1.73 5.32
CA VAL A 38 7.50 2.88 4.68
C VAL A 38 5.99 2.90 4.87
N ARG A 39 5.40 4.08 4.77
CA ARG A 39 3.95 4.23 4.93
C ARG A 39 3.40 5.26 3.96
N VAL A 40 2.08 5.47 4.03
CA VAL A 40 1.42 6.43 3.14
C VAL A 40 1.22 7.77 3.85
N GLN A 41 1.49 8.86 3.13
CA GLN A 41 1.33 10.20 3.69
C GLN A 41 -0.10 10.70 3.51
N ALA A 42 -0.59 10.66 2.28
CA ALA A 42 -1.94 11.11 1.97
C ALA A 42 -2.30 10.84 0.52
N VAL A 43 -3.60 10.77 0.24
CA VAL A 43 -4.07 10.51 -1.12
C VAL A 43 -4.81 11.72 -1.67
N ASP A 44 -4.57 12.02 -2.95
CA ASP A 44 -5.21 13.15 -3.61
C ASP A 44 -6.70 12.89 -3.80
N SER A 45 -7.53 13.85 -3.44
CA SER A 45 -8.98 13.72 -3.58
C SER A 45 -9.38 13.72 -5.05
N GLY A 46 -9.94 12.61 -5.50
CA GLY A 46 -10.37 12.50 -6.89
C GLY A 46 -9.20 12.32 -7.83
N GLY A 47 -8.20 11.54 -7.42
CA GLY A 47 -7.05 11.31 -8.26
C GLY A 47 -7.02 9.92 -8.85
N PRO A 48 -5.90 9.57 -9.51
CA PRO A 48 -5.73 8.25 -10.13
C PRO A 48 -5.59 7.14 -9.10
N ALA A 49 -5.07 7.48 -7.93
CA ALA A 49 -4.89 6.51 -6.86
C ALA A 49 -6.19 6.27 -6.09
N GLU A 50 -6.81 7.36 -5.66
CA GLU A 50 -8.07 7.28 -4.92
C GLU A 50 -9.10 6.45 -5.68
N ARG A 51 -9.43 6.89 -6.88
CA ARG A 51 -10.40 6.19 -7.70
C ARG A 51 -10.13 4.67 -7.69
N ALA A 52 -8.87 4.30 -7.88
CA ALA A 52 -8.49 2.89 -7.90
C ALA A 52 -8.90 2.20 -6.60
N GLY A 53 -8.80 2.92 -5.49
CA GLY A 53 -9.17 2.36 -4.20
C GLY A 53 -8.00 2.31 -3.24
N LEU A 54 -7.18 3.36 -3.25
CA LEU A 54 -6.02 3.44 -2.36
C LEU A 54 -6.35 4.23 -1.10
N GLN A 55 -5.97 3.67 0.06
CA GLN A 55 -6.22 4.33 1.33
C GLN A 55 -4.91 4.69 2.02
N GLN A 56 -4.86 5.88 2.59
CA GLN A 56 -3.66 6.35 3.29
C GLN A 56 -3.54 5.68 4.66
N LEU A 57 -2.48 6.02 5.38
CA LEU A 57 -2.26 5.46 6.72
C LEU A 57 -2.04 3.95 6.64
N ASP A 58 -1.35 3.50 5.60
CA ASP A 58 -1.08 2.08 5.42
C ASP A 58 0.43 1.82 5.31
N THR A 59 0.84 0.61 5.65
CA THR A 59 2.25 0.23 5.60
C THR A 59 2.57 -0.49 4.30
N VAL A 60 3.70 -0.13 3.69
CA VAL A 60 4.13 -0.75 2.45
C VAL A 60 4.74 -2.12 2.70
N LEU A 61 4.46 -3.06 1.80
CA LEU A 61 4.98 -4.42 1.92
C LEU A 61 6.02 -4.70 0.84
N GLN A 62 5.59 -4.58 -0.42
CA GLN A 62 6.49 -4.83 -1.55
C GLN A 62 6.02 -4.05 -2.78
N LEU A 63 6.98 -3.49 -3.51
CA LEU A 63 6.68 -2.72 -4.71
C LEU A 63 7.28 -3.38 -5.94
N ASN A 64 6.55 -3.33 -7.06
CA ASN A 64 7.00 -3.91 -8.30
C ASN A 64 7.47 -5.34 -8.09
N GLU A 65 6.76 -6.08 -7.23
CA GLU A 65 7.12 -7.47 -6.94
C GLU A 65 8.49 -7.55 -6.28
N ARG A 66 8.83 -6.52 -5.51
CA ARG A 66 10.12 -6.48 -4.82
C ARG A 66 9.95 -6.09 -3.36
N PRO A 67 10.74 -6.70 -2.48
CA PRO A 67 10.69 -6.43 -1.04
C PRO A 67 11.22 -5.05 -0.69
N VAL A 68 10.35 -4.21 -0.13
CA VAL A 68 10.73 -2.85 0.24
C VAL A 68 10.35 -2.56 1.69
N GLU A 69 10.15 -3.62 2.48
CA GLU A 69 9.79 -3.47 3.88
C GLU A 69 10.88 -2.75 4.65
N HIS A 70 12.12 -2.89 4.20
CA HIS A 70 13.25 -2.26 4.85
C HIS A 70 13.78 -1.10 4.01
N TRP A 71 12.92 -0.52 3.19
CA TRP A 71 13.29 0.60 2.34
C TRP A 71 12.81 1.92 2.92
N LYS A 72 13.63 2.96 2.78
CA LYS A 72 13.27 4.28 3.29
C LYS A 72 12.50 5.08 2.24
N CYS A 73 12.24 6.35 2.55
CA CYS A 73 11.51 7.22 1.63
C CYS A 73 12.35 7.53 0.39
N VAL A 74 13.60 7.87 0.61
CA VAL A 74 14.50 8.19 -0.50
C VAL A 74 14.88 6.94 -1.28
N GLU A 75 14.92 5.80 -0.59
CA GLU A 75 15.25 4.53 -1.22
C GLU A 75 14.08 4.01 -2.05
N LEU A 76 12.87 4.24 -1.57
CA LEU A 76 11.67 3.80 -2.27
C LEU A 76 11.34 4.72 -3.43
N ALA A 77 11.17 6.00 -3.13
CA ALA A 77 10.85 7.00 -4.15
C ALA A 77 11.52 6.66 -5.47
N HIS A 78 12.80 6.28 -5.40
CA HIS A 78 13.56 5.93 -6.59
C HIS A 78 12.79 4.93 -7.46
N GLU A 79 12.30 3.87 -6.83
CA GLU A 79 11.54 2.84 -7.55
C GLU A 79 10.20 3.40 -8.03
N ILE A 80 9.58 4.23 -7.21
CA ILE A 80 8.30 4.82 -7.56
C ILE A 80 8.40 5.66 -8.83
N ARG A 81 9.30 6.66 -8.80
CA ARG A 81 9.50 7.53 -9.94
C ARG A 81 10.10 6.76 -11.11
N SER A 82 10.88 5.73 -10.80
CA SER A 82 11.52 4.92 -11.83
C SER A 82 10.56 4.64 -12.98
N CYS A 83 9.31 4.30 -12.63
CA CYS A 83 8.30 4.00 -13.63
C CYS A 83 7.17 5.03 -13.58
N PRO A 84 7.21 6.00 -14.52
CA PRO A 84 6.20 7.06 -14.60
C PRO A 84 4.85 6.54 -15.06
N SER A 85 4.84 5.80 -16.16
CA SER A 85 3.61 5.24 -16.70
C SER A 85 2.70 4.75 -15.59
N GLU A 86 3.05 3.60 -15.01
CA GLU A 86 2.27 3.01 -13.94
C GLU A 86 3.17 2.45 -12.84
N ILE A 87 2.58 2.10 -11.70
CA ILE A 87 3.33 1.55 -10.58
C ILE A 87 2.46 0.64 -9.73
N ILE A 88 3.06 -0.45 -9.23
CA ILE A 88 2.34 -1.39 -8.40
C ILE A 88 2.93 -1.45 -6.99
N LEU A 89 2.12 -1.11 -6.00
CA LEU A 89 2.57 -1.13 -4.61
C LEU A 89 1.61 -1.94 -3.73
N LEU A 90 2.14 -2.93 -3.03
CA LEU A 90 1.34 -3.77 -2.16
C LEU A 90 1.42 -3.30 -0.72
N VAL A 91 0.25 -3.14 -0.09
CA VAL A 91 0.19 -2.69 1.30
C VAL A 91 -0.79 -3.53 2.10
N TRP A 92 -0.78 -3.35 3.41
CA TRP A 92 -1.66 -4.10 4.31
C TRP A 92 -2.85 -3.25 4.73
N ARG A 93 -4.01 -3.88 4.85
CA ARG A 93 -5.23 -3.17 5.27
C ARG A 93 -5.96 -3.94 6.37
N VAL A 94 -6.79 -3.24 7.11
CA VAL A 94 -7.56 -3.85 8.19
C VAL A 94 -9.06 -3.59 8.03
N SER A 95 -9.87 -4.58 8.34
CA SER A 95 -11.31 -4.45 8.23
C SER A 95 -11.92 -3.96 9.54
N GLY A 96 -12.90 -3.07 9.43
CA GLY A 96 -13.55 -2.53 10.62
C GLY A 96 -13.49 -1.02 10.67
N PRO A 97 -14.67 -0.39 10.77
CA PRO A 97 -14.77 1.08 10.83
C PRO A 97 -14.24 1.64 12.14
N SER A 98 -13.68 2.85 12.08
CA SER A 98 -13.14 3.50 13.26
C SER A 98 -14.06 4.61 13.74
N SER A 99 -15.00 4.25 14.61
CA SER A 99 -15.95 5.22 15.15
C SER A 99 -15.23 6.28 15.99
N GLY A 100 -15.89 7.42 16.17
CA GLY A 100 -15.29 8.49 16.95
C GLY A 100 -14.37 9.36 16.13
N GLY A 1 -2.90 -38.59 13.09
CA GLY A 1 -2.47 -38.06 14.36
C GLY A 1 -3.56 -37.26 15.06
N SER A 2 -4.08 -37.80 16.16
CA SER A 2 -5.13 -37.13 16.92
C SER A 2 -4.67 -36.82 18.34
N SER A 3 -5.04 -35.64 18.82
CA SER A 3 -4.67 -35.22 20.16
C SER A 3 -5.64 -34.17 20.69
N GLY A 4 -5.80 -34.13 22.01
CA GLY A 4 -6.69 -33.16 22.63
C GLY A 4 -6.08 -31.78 22.74
N SER A 5 -6.63 -30.83 22.00
CA SER A 5 -6.12 -29.47 22.01
C SER A 5 -7.19 -28.49 21.52
N SER A 6 -7.23 -27.31 22.14
CA SER A 6 -8.20 -26.29 21.78
C SER A 6 -7.52 -25.12 21.08
N GLY A 7 -7.77 -24.99 19.78
CA GLY A 7 -7.17 -23.92 19.01
C GLY A 7 -7.97 -22.63 19.10
N GLU A 8 -7.26 -21.51 19.32
CA GLU A 8 -7.91 -20.22 19.43
C GLU A 8 -6.88 -19.10 19.49
N GLY A 9 -7.31 -17.89 19.14
CA GLY A 9 -6.42 -16.74 19.17
C GLY A 9 -7.08 -15.48 18.66
N ASP A 10 -6.72 -15.06 17.44
CA ASP A 10 -7.28 -13.85 16.85
C ASP A 10 -7.71 -14.11 15.40
N PRO A 11 -8.90 -13.62 15.04
CA PRO A 11 -9.45 -13.78 13.69
C PRO A 11 -8.70 -12.96 12.66
N GLU A 12 -9.16 -12.99 11.42
CA GLU A 12 -8.53 -12.24 10.34
C GLU A 12 -9.21 -10.89 10.14
N ASN A 13 -8.53 -9.82 10.55
CA ASN A 13 -9.07 -8.47 10.42
C ASN A 13 -8.59 -7.83 9.12
N GLY A 14 -7.28 -7.73 8.97
CA GLY A 14 -6.72 -7.11 7.78
C GLY A 14 -6.35 -8.15 6.72
N GLU A 15 -6.20 -7.70 5.49
CA GLU A 15 -5.85 -8.59 4.38
C GLU A 15 -4.90 -7.90 3.41
N LYS A 16 -4.06 -8.69 2.75
CA LYS A 16 -3.10 -8.17 1.79
C LYS A 16 -3.79 -7.75 0.49
N LEU A 17 -3.55 -6.52 0.07
CA LEU A 17 -4.14 -6.00 -1.16
C LEU A 17 -3.12 -5.21 -1.96
N GLN A 18 -3.32 -5.15 -3.28
CA GLN A 18 -2.43 -4.42 -4.16
C GLN A 18 -3.16 -3.30 -4.89
N ILE A 19 -2.57 -2.11 -4.92
CA ILE A 19 -3.18 -0.97 -5.58
C ILE A 19 -2.27 -0.45 -6.71
N THR A 20 -2.85 -0.29 -7.89
CA THR A 20 -2.10 0.20 -9.04
C THR A 20 -2.52 1.61 -9.41
N ILE A 21 -1.59 2.55 -9.29
CA ILE A 21 -1.86 3.95 -9.61
C ILE A 21 -1.42 4.29 -11.03
N ARG A 22 -2.21 5.10 -11.71
CA ARG A 22 -1.91 5.51 -13.08
C ARG A 22 -1.41 6.94 -13.12
N ARG A 23 -0.22 7.13 -13.68
CA ARG A 23 0.37 8.45 -13.79
C ARG A 23 -0.58 9.43 -14.46
N GLY A 24 -1.24 10.26 -13.66
CA GLY A 24 -2.19 11.22 -14.19
C GLY A 24 -1.92 12.63 -13.68
N LYS A 25 -2.39 13.63 -14.43
CA LYS A 25 -2.20 15.02 -14.05
C LYS A 25 -0.73 15.33 -13.81
N ASP A 26 0.13 14.81 -14.69
CA ASP A 26 1.56 15.03 -14.56
C ASP A 26 2.09 14.52 -13.23
N GLY A 27 1.64 13.33 -12.83
CA GLY A 27 2.07 12.76 -11.57
C GLY A 27 1.22 11.57 -11.15
N PHE A 28 1.33 11.18 -9.89
CA PHE A 28 0.58 10.05 -9.37
C PHE A 28 -0.70 10.52 -8.67
N GLY A 29 -0.53 11.32 -7.61
CA GLY A 29 -1.67 11.82 -6.87
C GLY A 29 -1.53 11.62 -5.38
N PHE A 30 -1.13 10.42 -4.98
CA PHE A 30 -0.95 10.10 -3.57
C PHE A 30 0.48 10.38 -3.12
N THR A 31 0.62 10.78 -1.86
CA THR A 31 1.93 11.08 -1.30
C THR A 31 2.36 10.04 -0.27
N ILE A 32 3.66 9.74 -0.23
CA ILE A 32 4.18 8.76 0.72
C ILE A 32 5.56 9.16 1.21
N CYS A 33 5.72 9.24 2.53
CA CYS A 33 6.98 9.61 3.13
C CYS A 33 7.14 9.00 4.52
N CYS A 34 8.20 8.23 4.71
CA CYS A 34 8.44 7.57 5.99
C CYS A 34 9.76 6.80 5.97
N ASP A 35 10.28 6.50 7.15
CA ASP A 35 11.54 5.77 7.26
C ASP A 35 11.29 4.27 7.46
N SER A 36 11.98 3.45 6.68
CA SER A 36 11.82 2.00 6.78
C SER A 36 11.49 1.58 8.21
N PRO A 37 10.33 0.93 8.37
CA PRO A 37 9.42 0.63 7.26
C PRO A 37 8.75 1.87 6.71
N VAL A 38 8.46 1.86 5.41
CA VAL A 38 7.82 3.00 4.76
C VAL A 38 6.31 2.97 4.97
N ARG A 39 5.68 4.14 4.92
CA ARG A 39 4.25 4.25 5.11
C ARG A 39 3.66 5.34 4.22
N VAL A 40 2.34 5.35 4.07
CA VAL A 40 1.66 6.34 3.25
C VAL A 40 1.33 7.58 4.06
N GLN A 41 1.41 8.75 3.42
CA GLN A 41 1.12 10.01 4.08
C GLN A 41 -0.35 10.37 3.95
N ALA A 42 -0.83 10.46 2.71
CA ALA A 42 -2.22 10.79 2.45
C ALA A 42 -2.54 10.67 0.96
N VAL A 43 -3.82 10.48 0.66
CA VAL A 43 -4.27 10.35 -0.73
C VAL A 43 -5.04 11.58 -1.18
N ASP A 44 -4.66 12.14 -2.32
CA ASP A 44 -5.31 13.32 -2.86
C ASP A 44 -6.71 12.97 -3.36
N SER A 45 -7.71 13.67 -2.82
CA SER A 45 -9.10 13.43 -3.21
C SER A 45 -9.40 14.07 -4.57
N GLY A 46 -8.52 13.80 -5.53
CA GLY A 46 -8.71 14.35 -6.87
C GLY A 46 -7.71 13.80 -7.87
N GLY A 47 -7.36 12.52 -7.71
CA GLY A 47 -6.42 11.89 -8.62
C GLY A 47 -6.78 10.46 -8.93
N PRO A 48 -5.88 9.76 -9.64
CA PRO A 48 -6.10 8.37 -10.02
C PRO A 48 -6.02 7.41 -8.83
N ALA A 49 -5.02 7.63 -7.98
CA ALA A 49 -4.84 6.79 -6.80
C ALA A 49 -6.18 6.42 -6.18
N GLU A 50 -6.98 7.44 -5.87
CA GLU A 50 -8.30 7.22 -5.27
C GLU A 50 -9.12 6.24 -6.10
N ARG A 51 -9.38 6.60 -7.35
CA ARG A 51 -10.17 5.76 -8.25
C ARG A 51 -9.84 4.29 -8.03
N ALA A 52 -8.56 3.99 -7.84
CA ALA A 52 -8.11 2.63 -7.61
C ALA A 52 -8.54 2.12 -6.24
N GLY A 53 -8.31 2.94 -5.22
CA GLY A 53 -8.68 2.57 -3.87
C GLY A 53 -7.50 2.60 -2.92
N LEU A 54 -6.67 3.63 -3.03
CA LEU A 54 -5.50 3.78 -2.18
C LEU A 54 -5.86 4.51 -0.88
N GLN A 55 -5.51 3.91 0.25
CA GLN A 55 -5.80 4.51 1.55
C GLN A 55 -4.51 5.02 2.20
N GLN A 56 -4.67 5.87 3.21
CA GLN A 56 -3.53 6.44 3.92
C GLN A 56 -3.26 5.67 5.22
N LEU A 57 -2.11 5.93 5.82
CA LEU A 57 -1.73 5.27 7.06
C LEU A 57 -1.55 3.77 6.85
N ASP A 58 -0.90 3.41 5.74
CA ASP A 58 -0.66 2.01 5.41
C ASP A 58 0.83 1.75 5.25
N THR A 59 1.25 0.54 5.63
CA THR A 59 2.67 0.16 5.53
C THR A 59 2.95 -0.53 4.21
N VAL A 60 4.08 -0.18 3.58
CA VAL A 60 4.48 -0.77 2.31
C VAL A 60 5.34 -1.99 2.52
N LEU A 61 4.78 -3.17 2.24
CA LEU A 61 5.51 -4.42 2.39
C LEU A 61 6.52 -4.61 1.26
N GLN A 62 6.03 -4.54 0.02
CA GLN A 62 6.89 -4.70 -1.14
C GLN A 62 6.32 -3.95 -2.34
N LEU A 63 7.19 -3.57 -3.26
CA LEU A 63 6.77 -2.86 -4.47
C LEU A 63 7.33 -3.52 -5.72
N ASN A 64 6.56 -3.48 -6.80
CA ASN A 64 6.97 -4.08 -8.06
C ASN A 64 7.61 -5.44 -7.83
N GLU A 65 7.04 -6.20 -6.89
CA GLU A 65 7.56 -7.53 -6.57
C GLU A 65 8.99 -7.44 -6.04
N ARG A 66 9.25 -6.40 -5.26
CA ARG A 66 10.58 -6.20 -4.68
C ARG A 66 10.48 -5.86 -3.20
N PRO A 67 11.42 -6.38 -2.40
CA PRO A 67 11.46 -6.15 -0.95
C PRO A 67 11.83 -4.70 -0.61
N VAL A 68 10.93 -4.02 0.10
CA VAL A 68 11.16 -2.64 0.49
C VAL A 68 10.90 -2.44 1.99
N GLU A 69 10.88 -3.55 2.72
CA GLU A 69 10.64 -3.49 4.16
C GLU A 69 11.72 -2.66 4.86
N HIS A 70 12.91 -2.63 4.28
CA HIS A 70 14.02 -1.87 4.84
C HIS A 70 14.41 -0.73 3.92
N TRP A 71 13.43 -0.17 3.21
CA TRP A 71 13.69 0.93 2.29
C TRP A 71 13.17 2.25 2.87
N LYS A 72 13.90 3.33 2.62
CA LYS A 72 13.52 4.64 3.11
C LYS A 72 12.83 5.46 2.02
N CYS A 73 12.06 6.46 2.43
CA CYS A 73 11.36 7.31 1.48
C CYS A 73 12.18 7.51 0.22
N VAL A 74 13.40 8.02 0.38
CA VAL A 74 14.28 8.26 -0.75
C VAL A 74 14.58 6.97 -1.50
N GLU A 75 14.74 5.88 -0.76
CA GLU A 75 15.03 4.58 -1.36
C GLU A 75 13.86 4.13 -2.23
N LEU A 76 12.66 4.20 -1.69
CA LEU A 76 11.46 3.78 -2.42
C LEU A 76 11.18 4.73 -3.59
N ALA A 77 10.94 6.00 -3.27
CA ALA A 77 10.67 7.00 -4.28
C ALA A 77 11.44 6.71 -5.57
N HIS A 78 12.67 6.27 -5.43
CA HIS A 78 13.51 5.96 -6.57
C HIS A 78 12.84 4.91 -7.47
N GLU A 79 12.45 3.79 -6.88
CA GLU A 79 11.80 2.72 -7.61
C GLU A 79 10.48 3.20 -8.22
N ILE A 80 9.54 3.54 -7.36
CA ILE A 80 8.23 4.02 -7.80
C ILE A 80 8.35 4.88 -9.06
N ARG A 81 9.05 6.01 -8.93
CA ARG A 81 9.25 6.92 -10.05
C ARG A 81 9.83 6.18 -11.25
N SER A 82 10.73 5.24 -10.97
CA SER A 82 11.38 4.47 -12.04
C SER A 82 10.38 4.15 -13.15
N CYS A 83 9.13 3.90 -12.77
CA CYS A 83 8.09 3.58 -13.74
C CYS A 83 7.12 4.74 -13.89
N PRO A 84 7.30 5.53 -14.96
CA PRO A 84 6.44 6.68 -15.24
C PRO A 84 5.02 6.28 -15.65
N SER A 85 4.94 5.26 -16.51
CA SER A 85 3.64 4.77 -16.98
C SER A 85 2.72 4.46 -15.80
N GLU A 86 3.05 3.41 -15.06
CA GLU A 86 2.26 3.00 -13.92
C GLU A 86 3.16 2.52 -12.77
N ILE A 87 2.54 2.19 -11.64
CA ILE A 87 3.27 1.72 -10.48
C ILE A 87 2.41 0.79 -9.62
N ILE A 88 3.04 -0.24 -9.08
CA ILE A 88 2.33 -1.20 -8.24
C ILE A 88 2.98 -1.31 -6.87
N LEU A 89 2.23 -0.97 -5.83
CA LEU A 89 2.73 -1.03 -4.46
C LEU A 89 1.81 -1.86 -3.58
N LEU A 90 2.39 -2.80 -2.83
CA LEU A 90 1.62 -3.66 -1.95
C LEU A 90 1.66 -3.14 -0.51
N VAL A 91 0.49 -3.08 0.13
CA VAL A 91 0.40 -2.61 1.50
C VAL A 91 -0.60 -3.44 2.31
N TRP A 92 -0.56 -3.29 3.63
CA TRP A 92 -1.47 -4.03 4.50
C TRP A 92 -2.61 -3.14 4.98
N ARG A 93 -3.83 -3.64 4.85
CA ARG A 93 -5.01 -2.90 5.27
C ARG A 93 -5.80 -3.68 6.31
N VAL A 94 -6.24 -2.98 7.36
CA VAL A 94 -7.00 -3.60 8.43
C VAL A 94 -8.39 -2.98 8.55
N SER A 95 -9.40 -3.82 8.72
CA SER A 95 -10.78 -3.36 8.84
C SER A 95 -11.26 -3.45 10.29
N GLY A 96 -11.82 -2.35 10.79
CA GLY A 96 -12.31 -2.32 12.15
C GLY A 96 -13.65 -1.65 12.27
N PRO A 97 -14.56 -2.24 13.06
CA PRO A 97 -15.91 -1.71 13.27
C PRO A 97 -15.90 -0.43 14.09
N SER A 98 -14.70 0.04 14.43
CA SER A 98 -14.56 1.27 15.22
C SER A 98 -15.66 2.27 14.86
N SER A 99 -16.15 2.97 15.88
CA SER A 99 -17.20 3.97 15.68
C SER A 99 -16.64 5.38 15.78
N GLY A 100 -15.72 5.57 16.72
CA GLY A 100 -15.11 6.88 16.91
C GLY A 100 -14.99 7.26 18.37
N GLY A 1 -25.94 -25.06 -17.09
CA GLY A 1 -24.77 -24.58 -16.38
C GLY A 1 -24.90 -24.74 -14.87
N SER A 2 -23.84 -24.39 -14.15
CA SER A 2 -23.84 -24.50 -12.69
C SER A 2 -22.99 -23.40 -12.06
N SER A 3 -23.19 -23.17 -10.77
CA SER A 3 -22.45 -22.14 -10.05
C SER A 3 -22.44 -22.43 -8.56
N GLY A 4 -21.65 -21.66 -7.81
CA GLY A 4 -21.57 -21.85 -6.37
C GLY A 4 -20.32 -21.23 -5.79
N SER A 5 -20.50 -20.32 -4.83
CA SER A 5 -19.38 -19.65 -4.18
C SER A 5 -19.58 -19.58 -2.68
N SER A 6 -18.63 -20.14 -1.93
CA SER A 6 -18.70 -20.15 -0.48
C SER A 6 -17.31 -20.09 0.14
N GLY A 7 -17.14 -19.23 1.13
CA GLY A 7 -15.85 -19.10 1.79
C GLY A 7 -15.94 -18.29 3.07
N GLU A 8 -16.14 -18.97 4.19
CA GLU A 8 -16.24 -18.32 5.48
C GLU A 8 -14.88 -18.27 6.18
N GLY A 9 -14.46 -17.07 6.55
CA GLY A 9 -13.18 -16.91 7.23
C GLY A 9 -12.82 -15.46 7.44
N ASP A 10 -11.77 -15.21 8.22
CA ASP A 10 -11.32 -13.86 8.50
C ASP A 10 -9.79 -13.78 8.46
N PRO A 11 -9.29 -12.64 7.95
CA PRO A 11 -7.84 -12.40 7.84
C PRO A 11 -7.17 -12.21 9.20
N GLU A 12 -5.85 -12.11 9.19
CA GLU A 12 -5.10 -11.91 10.43
C GLU A 12 -4.75 -10.44 10.63
N ASN A 13 -5.57 -9.74 11.41
CA ASN A 13 -5.35 -8.33 11.68
C ASN A 13 -5.19 -7.54 10.39
N GLY A 14 -5.77 -8.08 9.31
CA GLY A 14 -5.69 -7.41 8.02
C GLY A 14 -5.29 -8.35 6.91
N GLU A 15 -5.38 -7.88 5.67
CA GLU A 15 -5.03 -8.69 4.51
C GLU A 15 -4.16 -7.90 3.53
N LYS A 16 -3.37 -8.62 2.75
CA LYS A 16 -2.49 -7.98 1.76
C LYS A 16 -3.26 -7.61 0.51
N LEU A 17 -3.26 -6.32 0.19
CA LEU A 17 -3.97 -5.83 -1.00
C LEU A 17 -3.05 -4.94 -1.84
N GLN A 18 -3.06 -5.16 -3.16
CA GLN A 18 -2.25 -4.38 -4.07
C GLN A 18 -3.08 -3.32 -4.78
N ILE A 19 -2.45 -2.20 -5.11
CA ILE A 19 -3.13 -1.12 -5.80
C ILE A 19 -2.33 -0.65 -7.02
N THR A 20 -3.03 -0.46 -8.13
CA THR A 20 -2.40 -0.02 -9.36
C THR A 20 -2.60 1.49 -9.59
N ILE A 21 -1.50 2.21 -9.71
CA ILE A 21 -1.56 3.65 -9.92
C ILE A 21 -0.96 4.03 -11.27
N ARG A 22 -1.75 4.73 -12.09
CA ARG A 22 -1.31 5.16 -13.41
C ARG A 22 -1.19 6.68 -13.48
N ARG A 23 -0.22 7.16 -14.25
CA ARG A 23 -0.01 8.58 -14.40
C ARG A 23 -1.25 9.26 -14.99
N GLY A 24 -2.02 9.90 -14.13
CA GLY A 24 -3.23 10.58 -14.58
C GLY A 24 -2.92 11.77 -15.47
N LYS A 25 -3.53 12.92 -15.16
CA LYS A 25 -3.32 14.12 -15.94
C LYS A 25 -2.01 14.80 -15.57
N ASP A 26 -1.68 14.77 -14.28
CA ASP A 26 -0.44 15.38 -13.79
C ASP A 26 0.04 14.66 -12.54
N GLY A 27 1.17 13.98 -12.66
CA GLY A 27 1.74 13.26 -11.52
C GLY A 27 0.89 12.07 -11.11
N PHE A 28 1.36 11.32 -10.13
CA PHE A 28 0.64 10.14 -9.64
C PHE A 28 -0.65 10.56 -8.94
N GLY A 29 -0.50 11.33 -7.86
CA GLY A 29 -1.67 11.78 -7.12
C GLY A 29 -1.54 11.49 -5.64
N PHE A 30 -1.02 10.32 -5.30
CA PHE A 30 -0.86 9.92 -3.91
C PHE A 30 0.52 10.34 -3.39
N THR A 31 0.61 10.53 -2.08
CA THR A 31 1.86 10.93 -1.45
C THR A 31 2.25 9.96 -0.33
N ILE A 32 3.54 9.65 -0.26
CA ILE A 32 4.05 8.74 0.76
C ILE A 32 5.42 9.17 1.25
N CYS A 33 5.57 9.26 2.57
CA CYS A 33 6.83 9.67 3.17
C CYS A 33 6.99 9.09 4.57
N CYS A 34 8.05 8.32 4.78
CA CYS A 34 8.31 7.70 6.07
C CYS A 34 9.63 6.93 6.05
N ASP A 35 10.04 6.45 7.22
CA ASP A 35 11.29 5.69 7.34
C ASP A 35 11.01 4.22 7.59
N SER A 36 11.68 3.36 6.83
CA SER A 36 11.50 1.92 6.97
C SER A 36 11.16 1.55 8.41
N PRO A 37 9.98 0.93 8.59
CA PRO A 37 9.06 0.63 7.50
C PRO A 37 8.43 1.89 6.91
N VAL A 38 8.18 1.86 5.60
CA VAL A 38 7.56 3.00 4.92
C VAL A 38 6.06 3.05 5.16
N ARG A 39 5.50 4.25 5.10
CA ARG A 39 4.07 4.43 5.32
C ARG A 39 3.50 5.46 4.35
N VAL A 40 2.19 5.67 4.41
CA VAL A 40 1.52 6.62 3.53
C VAL A 40 1.25 7.94 4.26
N GLN A 41 1.38 9.04 3.53
CA GLN A 41 1.15 10.36 4.11
C GLN A 41 -0.30 10.80 3.89
N ALA A 42 -0.76 10.75 2.66
CA ALA A 42 -2.12 11.15 2.32
C ALA A 42 -2.50 10.69 0.91
N VAL A 43 -3.79 10.66 0.64
CA VAL A 43 -4.28 10.25 -0.68
C VAL A 43 -5.09 11.37 -1.33
N ASP A 44 -4.73 11.70 -2.57
CA ASP A 44 -5.41 12.75 -3.31
C ASP A 44 -6.72 12.23 -3.90
N SER A 45 -7.82 12.92 -3.59
CA SER A 45 -9.14 12.52 -4.09
C SER A 45 -9.25 12.80 -5.59
N GLY A 46 -9.93 11.90 -6.30
CA GLY A 46 -10.11 12.06 -7.72
C GLY A 46 -8.97 11.46 -8.53
N GLY A 47 -7.77 11.49 -7.96
CA GLY A 47 -6.61 10.94 -8.65
C GLY A 47 -6.76 9.46 -8.93
N PRO A 48 -5.77 8.88 -9.63
CA PRO A 48 -5.77 7.46 -9.97
C PRO A 48 -5.56 6.57 -8.76
N ALA A 49 -4.94 7.12 -7.72
CA ALA A 49 -4.67 6.38 -6.49
C ALA A 49 -5.96 6.14 -5.71
N GLU A 50 -6.73 7.20 -5.50
CA GLU A 50 -7.99 7.10 -4.77
C GLU A 50 -8.95 6.15 -5.47
N ARG A 51 -9.34 6.51 -6.69
CA ARG A 51 -10.27 5.69 -7.47
C ARG A 51 -9.85 4.23 -7.45
N ALA A 52 -8.54 3.99 -7.43
CA ALA A 52 -8.00 2.64 -7.42
C ALA A 52 -8.35 1.93 -6.11
N GLY A 53 -8.20 2.65 -5.00
CA GLY A 53 -8.50 2.07 -3.70
C GLY A 53 -7.34 2.17 -2.73
N LEU A 54 -6.68 3.33 -2.71
CA LEU A 54 -5.54 3.54 -1.84
C LEU A 54 -5.99 4.15 -0.51
N GLN A 55 -5.43 3.62 0.59
CA GLN A 55 -5.77 4.11 1.92
C GLN A 55 -4.65 4.98 2.47
N GLN A 56 -4.96 5.73 3.53
CA GLN A 56 -3.99 6.61 4.16
C GLN A 56 -3.48 6.02 5.46
N LEU A 57 -2.30 6.47 5.90
CA LEU A 57 -1.70 5.98 7.13
C LEU A 57 -1.48 4.48 7.07
N ASP A 58 -1.16 3.98 5.88
CA ASP A 58 -0.92 2.56 5.68
C ASP A 58 0.58 2.29 5.50
N THR A 59 0.96 1.03 5.69
CA THR A 59 2.36 0.63 5.56
C THR A 59 2.61 -0.09 4.24
N VAL A 60 3.75 0.19 3.62
CA VAL A 60 4.10 -0.43 2.36
C VAL A 60 4.75 -1.80 2.58
N LEU A 61 4.23 -2.81 1.90
CA LEU A 61 4.76 -4.16 2.02
C LEU A 61 5.79 -4.45 0.94
N GLN A 62 5.35 -4.39 -0.33
CA GLN A 62 6.24 -4.65 -1.45
C GLN A 62 5.82 -3.81 -2.66
N LEU A 63 6.81 -3.38 -3.45
CA LEU A 63 6.54 -2.58 -4.64
C LEU A 63 7.16 -3.22 -5.87
N ASN A 64 6.33 -3.46 -6.88
CA ASN A 64 6.79 -4.08 -8.12
C ASN A 64 7.36 -5.47 -7.87
N GLU A 65 6.71 -6.21 -6.98
CA GLU A 65 7.15 -7.55 -6.64
C GLU A 65 8.51 -7.53 -5.93
N ARG A 66 8.74 -6.47 -5.16
CA ARG A 66 10.00 -6.33 -4.43
C ARG A 66 9.74 -5.95 -2.98
N PRO A 67 10.55 -6.51 -2.07
CA PRO A 67 10.43 -6.24 -0.63
C PRO A 67 10.85 -4.82 -0.27
N VAL A 68 9.90 -4.05 0.27
CA VAL A 68 10.18 -2.68 0.67
C VAL A 68 9.74 -2.42 2.11
N GLU A 69 9.59 -3.50 2.88
CA GLU A 69 9.18 -3.39 4.26
C GLU A 69 10.25 -2.68 5.09
N HIS A 70 11.49 -2.74 4.63
CA HIS A 70 12.60 -2.09 5.31
C HIS A 70 13.26 -1.04 4.43
N TRP A 71 12.47 -0.39 3.59
CA TRP A 71 12.97 0.63 2.68
C TRP A 71 12.61 2.03 3.18
N LYS A 72 13.38 3.02 2.78
CA LYS A 72 13.15 4.39 3.18
C LYS A 72 12.60 5.23 2.02
N CYS A 73 11.77 6.20 2.33
CA CYS A 73 11.17 7.06 1.30
C CYS A 73 12.17 7.32 0.18
N VAL A 74 13.45 7.35 0.53
CA VAL A 74 14.50 7.60 -0.45
C VAL A 74 14.61 6.45 -1.44
N GLU A 75 15.19 5.33 -0.99
CA GLU A 75 15.35 4.16 -1.84
C GLU A 75 14.03 3.81 -2.53
N LEU A 76 12.94 3.83 -1.77
CA LEU A 76 11.63 3.51 -2.31
C LEU A 76 11.23 4.52 -3.39
N ALA A 77 11.00 5.76 -2.98
CA ALA A 77 10.61 6.82 -3.91
C ALA A 77 11.28 6.62 -5.27
N HIS A 78 12.55 6.21 -5.24
CA HIS A 78 13.30 6.00 -6.46
C HIS A 78 12.64 4.94 -7.33
N GLU A 79 12.28 3.81 -6.72
CA GLU A 79 11.64 2.72 -7.44
C GLU A 79 10.28 3.16 -8.00
N ILE A 80 9.50 3.84 -7.17
CA ILE A 80 8.18 4.31 -7.58
C ILE A 80 8.28 5.19 -8.83
N ARG A 81 8.99 6.30 -8.70
CA ARG A 81 9.17 7.23 -9.80
C ARG A 81 9.81 6.53 -11.00
N SER A 82 10.74 5.62 -10.73
CA SER A 82 11.43 4.88 -11.78
C SER A 82 10.50 4.62 -12.95
N CYS A 83 9.29 4.17 -12.65
CA CYS A 83 8.30 3.89 -13.69
C CYS A 83 7.25 4.98 -13.76
N PRO A 84 7.40 5.88 -14.75
CA PRO A 84 6.46 6.99 -14.94
C PRO A 84 5.10 6.53 -15.45
N SER A 85 5.11 5.67 -16.46
CA SER A 85 3.88 5.15 -17.03
C SER A 85 2.93 4.68 -15.94
N GLU A 86 3.27 3.56 -15.30
CA GLU A 86 2.44 3.01 -14.23
C GLU A 86 3.31 2.39 -13.15
N ILE A 87 2.76 2.28 -11.93
CA ILE A 87 3.48 1.71 -10.81
C ILE A 87 2.54 0.91 -9.91
N ILE A 88 3.03 -0.21 -9.41
CA ILE A 88 2.24 -1.07 -8.52
C ILE A 88 2.83 -1.10 -7.12
N LEU A 89 2.00 -0.85 -6.12
CA LEU A 89 2.45 -0.86 -4.73
C LEU A 89 1.46 -1.62 -3.85
N LEU A 90 1.97 -2.54 -3.03
CA LEU A 90 1.15 -3.33 -2.14
C LEU A 90 1.24 -2.81 -0.69
N VAL A 91 0.09 -2.66 -0.05
CA VAL A 91 0.06 -2.18 1.33
C VAL A 91 -0.79 -3.11 2.20
N TRP A 92 -0.72 -2.89 3.51
CA TRP A 92 -1.48 -3.70 4.46
C TRP A 92 -2.69 -2.94 4.98
N ARG A 93 -3.85 -3.57 4.92
CA ARG A 93 -5.09 -2.95 5.39
C ARG A 93 -5.82 -3.86 6.37
N VAL A 94 -6.37 -3.27 7.43
CA VAL A 94 -7.08 -4.03 8.44
C VAL A 94 -8.53 -3.53 8.58
N SER A 95 -9.46 -4.46 8.63
CA SER A 95 -10.88 -4.12 8.75
C SER A 95 -11.54 -4.95 9.84
N GLY A 96 -12.02 -4.28 10.88
CA GLY A 96 -12.67 -4.97 11.98
C GLY A 96 -12.87 -4.08 13.19
N PRO A 97 -11.77 -3.68 13.83
CA PRO A 97 -11.79 -2.82 15.02
C PRO A 97 -12.23 -1.40 14.68
N SER A 98 -13.53 -1.15 14.78
CA SER A 98 -14.08 0.17 14.49
C SER A 98 -15.04 0.61 15.58
N SER A 99 -14.92 1.87 15.99
CA SER A 99 -15.78 2.42 17.04
C SER A 99 -16.03 3.91 16.80
N GLY A 100 -16.94 4.48 17.59
CA GLY A 100 -17.26 5.89 17.46
C GLY A 100 -18.00 6.43 18.67
N GLY A 1 -7.98 -40.76 1.42
CA GLY A 1 -7.47 -39.46 1.83
C GLY A 1 -8.04 -39.01 3.16
N SER A 2 -7.43 -37.99 3.75
CA SER A 2 -7.87 -37.46 5.03
C SER A 2 -8.69 -36.19 4.85
N SER A 3 -9.23 -35.67 5.94
CA SER A 3 -10.03 -34.45 5.90
C SER A 3 -9.15 -33.22 6.06
N GLY A 4 -8.36 -33.19 7.12
CA GLY A 4 -7.48 -32.06 7.37
C GLY A 4 -7.56 -31.57 8.80
N SER A 5 -6.44 -31.08 9.31
CA SER A 5 -6.38 -30.57 10.68
C SER A 5 -5.77 -29.18 10.71
N SER A 6 -5.88 -28.52 11.87
CA SER A 6 -5.35 -27.17 12.03
C SER A 6 -5.41 -26.75 13.50
N GLY A 7 -4.52 -25.84 13.88
CA GLY A 7 -4.49 -25.36 15.25
C GLY A 7 -5.43 -24.19 15.47
N GLU A 8 -6.18 -24.24 16.57
CA GLU A 8 -7.12 -23.18 16.90
C GLU A 8 -6.41 -21.84 17.03
N GLY A 9 -6.40 -21.08 15.94
CA GLY A 9 -5.74 -19.77 15.96
C GLY A 9 -6.72 -18.64 15.73
N ASP A 10 -6.20 -17.41 15.69
CA ASP A 10 -7.04 -16.24 15.47
C ASP A 10 -7.06 -15.86 14.00
N PRO A 11 -8.24 -15.42 13.52
CA PRO A 11 -8.44 -15.02 12.12
C PRO A 11 -7.71 -13.72 11.79
N GLU A 12 -6.96 -13.75 10.69
CA GLU A 12 -6.21 -12.57 10.26
C GLU A 12 -7.15 -11.43 9.90
N ASN A 13 -7.34 -10.49 10.83
CA ASN A 13 -8.22 -9.36 10.62
C ASN A 13 -7.94 -8.72 9.26
N GLY A 14 -6.79 -8.07 9.13
CA GLY A 14 -6.42 -7.42 7.88
C GLY A 14 -5.95 -8.42 6.84
N GLU A 15 -5.88 -7.96 5.59
CA GLU A 15 -5.45 -8.81 4.49
C GLU A 15 -4.51 -8.06 3.55
N LYS A 16 -3.61 -8.80 2.91
CA LYS A 16 -2.64 -8.20 1.99
C LYS A 16 -3.33 -7.78 0.69
N LEU A 17 -3.39 -6.48 0.45
CA LEU A 17 -4.01 -5.95 -0.76
C LEU A 17 -3.01 -5.11 -1.56
N GLN A 18 -3.25 -5.03 -2.87
CA GLN A 18 -2.37 -4.26 -3.75
C GLN A 18 -3.18 -3.26 -4.57
N ILE A 19 -2.59 -2.09 -4.79
CA ILE A 19 -3.25 -1.03 -5.56
C ILE A 19 -2.35 -0.51 -6.67
N THR A 20 -2.90 -0.46 -7.89
CA THR A 20 -2.15 0.02 -9.03
C THR A 20 -2.52 1.45 -9.39
N ILE A 21 -1.55 2.35 -9.29
CA ILE A 21 -1.78 3.76 -9.60
C ILE A 21 -1.28 4.11 -11.00
N ARG A 22 -2.09 4.83 -11.75
CA ARG A 22 -1.72 5.23 -13.11
C ARG A 22 -1.57 6.74 -13.20
N ARG A 23 -0.32 7.19 -13.33
CA ARG A 23 -0.03 8.61 -13.43
C ARG A 23 -1.04 9.32 -14.33
N GLY A 24 -1.69 10.34 -13.80
CA GLY A 24 -2.67 11.08 -14.58
C GLY A 24 -2.09 12.30 -15.25
N LYS A 25 -2.09 13.43 -14.55
CA LYS A 25 -1.55 14.67 -15.08
C LYS A 25 -0.22 15.03 -14.42
N ASP A 26 0.87 14.51 -14.96
CA ASP A 26 2.19 14.77 -14.41
C ASP A 26 2.19 14.68 -12.89
N GLY A 27 1.59 13.60 -12.37
CA GLY A 27 1.52 13.41 -10.94
C GLY A 27 0.75 12.16 -10.56
N PHE A 28 1.40 11.26 -9.83
CA PHE A 28 0.76 10.02 -9.41
C PHE A 28 -0.54 10.31 -8.65
N GLY A 29 -0.47 11.22 -7.70
CA GLY A 29 -1.64 11.58 -6.92
C GLY A 29 -1.47 11.27 -5.44
N PHE A 30 -0.96 10.08 -5.14
CA PHE A 30 -0.75 9.66 -3.76
C PHE A 30 0.65 10.04 -3.29
N THR A 31 0.77 10.34 -1.99
CA THR A 31 2.05 10.72 -1.41
C THR A 31 2.48 9.75 -0.32
N ILE A 32 3.74 9.35 -0.35
CA ILE A 32 4.27 8.42 0.64
C ILE A 32 5.68 8.81 1.07
N CYS A 33 5.88 9.02 2.36
CA CYS A 33 7.18 9.40 2.90
C CYS A 33 7.34 8.91 4.33
N CYS A 34 8.37 8.11 4.56
CA CYS A 34 8.64 7.57 5.89
C CYS A 34 9.93 6.75 5.89
N ASP A 35 10.25 6.17 7.05
CA ASP A 35 11.45 5.36 7.19
C ASP A 35 11.10 3.89 7.43
N SER A 36 11.71 3.01 6.63
CA SER A 36 11.46 1.58 6.75
C SER A 36 11.12 1.21 8.19
N PRO A 37 9.91 0.66 8.39
CA PRO A 37 8.96 0.42 7.31
C PRO A 37 8.39 1.72 6.75
N VAL A 38 8.06 1.72 5.46
CA VAL A 38 7.51 2.89 4.80
C VAL A 38 5.99 2.94 4.97
N ARG A 39 5.45 4.15 5.03
CA ARG A 39 4.01 4.34 5.19
C ARG A 39 3.50 5.42 4.25
N VAL A 40 2.19 5.44 4.03
CA VAL A 40 1.57 6.43 3.15
C VAL A 40 1.34 7.75 3.89
N GLN A 41 1.50 8.85 3.17
CA GLN A 41 1.32 10.18 3.76
C GLN A 41 -0.13 10.63 3.62
N ALA A 42 -0.62 10.64 2.38
CA ALA A 42 -2.00 11.06 2.11
C ALA A 42 -2.36 10.85 0.64
N VAL A 43 -3.65 10.77 0.37
CA VAL A 43 -4.12 10.57 -1.01
C VAL A 43 -4.84 11.81 -1.53
N ASP A 44 -4.44 12.27 -2.71
CA ASP A 44 -5.05 13.45 -3.31
C ASP A 44 -6.46 13.15 -3.79
N SER A 45 -7.33 14.14 -3.70
CA SER A 45 -8.72 13.99 -4.12
C SER A 45 -8.88 14.31 -5.60
N GLY A 46 -9.17 13.28 -6.40
CA GLY A 46 -9.34 13.47 -7.83
C GLY A 46 -8.17 12.93 -8.63
N GLY A 47 -7.51 11.92 -8.09
CA GLY A 47 -6.38 11.32 -8.78
C GLY A 47 -6.59 9.86 -9.11
N PRO A 48 -5.64 9.28 -9.86
CA PRO A 48 -5.72 7.87 -10.27
C PRO A 48 -5.50 6.92 -9.09
N ALA A 49 -4.91 7.44 -8.02
CA ALA A 49 -4.64 6.64 -6.83
C ALA A 49 -5.94 6.33 -6.08
N GLU A 50 -6.70 7.37 -5.76
CA GLU A 50 -7.95 7.21 -5.05
C GLU A 50 -8.96 6.40 -5.87
N ARG A 51 -9.23 6.87 -7.09
CA ARG A 51 -10.16 6.20 -7.98
C ARG A 51 -9.93 4.70 -7.98
N ALA A 52 -8.66 4.30 -8.09
CA ALA A 52 -8.29 2.89 -8.11
C ALA A 52 -8.70 2.20 -6.82
N GLY A 53 -8.67 2.95 -5.72
CA GLY A 53 -9.04 2.39 -4.43
C GLY A 53 -7.90 2.42 -3.43
N LEU A 54 -7.13 3.50 -3.44
CA LEU A 54 -6.00 3.64 -2.54
C LEU A 54 -6.36 4.51 -1.34
N GLN A 55 -6.12 3.99 -0.15
CA GLN A 55 -6.42 4.71 1.08
C GLN A 55 -5.16 4.97 1.89
N GLN A 56 -4.96 6.22 2.29
CA GLN A 56 -3.78 6.61 3.06
C GLN A 56 -3.66 5.74 4.31
N LEU A 57 -2.58 5.94 5.06
CA LEU A 57 -2.33 5.18 6.28
C LEU A 57 -2.17 3.70 5.97
N ASP A 58 -1.33 3.39 4.99
CA ASP A 58 -1.09 2.01 4.60
C ASP A 58 0.40 1.68 4.63
N THR A 59 0.76 0.62 5.35
CA THR A 59 2.15 0.21 5.46
C THR A 59 2.61 -0.52 4.21
N VAL A 60 3.60 0.05 3.52
CA VAL A 60 4.13 -0.55 2.30
C VAL A 60 4.82 -1.88 2.60
N LEU A 61 4.33 -2.94 1.98
CA LEU A 61 4.89 -4.28 2.18
C LEU A 61 5.95 -4.58 1.12
N GLN A 62 5.51 -4.65 -0.13
CA GLN A 62 6.41 -4.94 -1.24
C GLN A 62 6.01 -4.16 -2.49
N LEU A 63 7.00 -3.83 -3.31
CA LEU A 63 6.75 -3.07 -4.54
C LEU A 63 7.27 -3.83 -5.75
N ASN A 64 6.54 -3.75 -6.86
CA ASN A 64 6.93 -4.42 -8.10
C ASN A 64 7.47 -5.82 -7.80
N GLU A 65 6.81 -6.53 -6.89
CA GLU A 65 7.21 -7.88 -6.52
C GLU A 65 8.59 -7.86 -5.85
N ARG A 66 8.87 -6.81 -5.09
CA ARG A 66 10.14 -6.68 -4.40
C ARG A 66 9.94 -6.29 -2.94
N PRO A 67 10.76 -6.86 -2.06
CA PRO A 67 10.69 -6.57 -0.61
C PRO A 67 11.15 -5.17 -0.27
N VAL A 68 10.19 -4.32 0.13
CA VAL A 68 10.50 -2.94 0.48
C VAL A 68 10.23 -2.69 1.97
N GLU A 69 9.99 -3.76 2.71
CA GLU A 69 9.73 -3.65 4.13
C GLU A 69 10.91 -3.01 4.86
N HIS A 70 12.03 -2.89 4.16
CA HIS A 70 13.23 -2.30 4.74
C HIS A 70 13.72 -1.12 3.89
N TRP A 71 12.82 -0.58 3.09
CA TRP A 71 13.16 0.56 2.23
C TRP A 71 12.72 1.87 2.86
N LYS A 72 13.48 2.93 2.60
CA LYS A 72 13.18 4.25 3.15
C LYS A 72 12.44 5.11 2.12
N CYS A 73 12.21 6.36 2.46
CA CYS A 73 11.51 7.29 1.57
C CYS A 73 12.32 7.53 0.31
N VAL A 74 13.61 7.81 0.47
CA VAL A 74 14.49 8.06 -0.66
C VAL A 74 14.72 6.79 -1.48
N GLU A 75 14.94 5.68 -0.79
CA GLU A 75 15.17 4.40 -1.44
C GLU A 75 13.91 3.92 -2.15
N LEU A 76 12.76 4.20 -1.55
CA LEU A 76 11.48 3.79 -2.12
C LEU A 76 11.12 4.66 -3.32
N ALA A 77 11.13 5.98 -3.11
CA ALA A 77 10.81 6.92 -4.17
C ALA A 77 11.55 6.57 -5.46
N HIS A 78 12.76 6.04 -5.32
CA HIS A 78 13.57 5.65 -6.47
C HIS A 78 12.76 4.80 -7.45
N GLU A 79 11.86 3.98 -6.91
CA GLU A 79 11.03 3.11 -7.72
C GLU A 79 9.84 3.88 -8.30
N ILE A 80 8.93 4.28 -7.42
CA ILE A 80 7.75 5.02 -7.84
C ILE A 80 8.05 5.90 -9.06
N ARG A 81 9.04 6.76 -8.92
CA ARG A 81 9.44 7.65 -10.01
C ARG A 81 9.99 6.86 -11.19
N SER A 82 10.75 5.83 -10.90
CA SER A 82 11.34 4.98 -11.94
C SER A 82 10.37 4.79 -13.09
N CYS A 83 9.15 4.38 -12.76
CA CYS A 83 8.12 4.14 -13.77
C CYS A 83 7.04 5.20 -13.69
N PRO A 84 7.11 6.19 -14.59
CA PRO A 84 6.14 7.29 -14.65
C PRO A 84 4.77 6.83 -15.12
N SER A 85 4.76 5.92 -16.10
CA SER A 85 3.51 5.41 -16.64
C SER A 85 2.62 4.86 -15.53
N GLU A 86 3.03 3.73 -14.95
CA GLU A 86 2.26 3.11 -13.88
C GLU A 86 3.18 2.35 -12.93
N ILE A 87 2.75 2.21 -11.68
CA ILE A 87 3.53 1.51 -10.67
C ILE A 87 2.64 0.67 -9.76
N ILE A 88 3.17 -0.44 -9.28
CA ILE A 88 2.43 -1.33 -8.40
C ILE A 88 3.01 -1.32 -6.98
N LEU A 89 2.13 -1.22 -5.99
CA LEU A 89 2.57 -1.20 -4.59
C LEU A 89 1.60 -2.01 -3.72
N LEU A 90 2.16 -2.84 -2.85
CA LEU A 90 1.34 -3.66 -1.96
C LEU A 90 1.41 -3.13 -0.52
N VAL A 91 0.28 -3.18 0.16
CA VAL A 91 0.20 -2.71 1.55
C VAL A 91 -0.72 -3.59 2.38
N TRP A 92 -0.69 -3.40 3.69
CA TRP A 92 -1.52 -4.17 4.60
C TRP A 92 -2.65 -3.31 5.16
N ARG A 93 -3.88 -3.78 5.00
CA ARG A 93 -5.05 -3.05 5.49
C ARG A 93 -5.83 -3.90 6.48
N VAL A 94 -6.47 -3.24 7.45
CA VAL A 94 -7.25 -3.93 8.46
C VAL A 94 -8.72 -3.49 8.42
N SER A 95 -9.58 -4.36 7.90
CA SER A 95 -11.01 -4.06 7.80
C SER A 95 -11.77 -4.71 8.95
N GLY A 96 -12.75 -3.98 9.48
CA GLY A 96 -13.55 -4.50 10.57
C GLY A 96 -14.21 -3.39 11.38
N PRO A 97 -15.08 -3.78 12.32
CA PRO A 97 -15.81 -2.84 13.18
C PRO A 97 -14.88 -2.13 14.16
N SER A 98 -13.59 -2.43 14.08
CA SER A 98 -12.61 -1.83 14.98
C SER A 98 -12.99 -0.38 15.31
N SER A 99 -12.98 -0.06 16.60
CA SER A 99 -13.33 1.29 17.06
C SER A 99 -12.08 2.15 17.21
N GLY A 100 -12.11 3.34 16.62
CA GLY A 100 -10.98 4.24 16.69
C GLY A 100 -10.82 4.86 18.07
N GLY A 1 -1.34 -28.12 -7.22
CA GLY A 1 -1.58 -26.73 -6.89
C GLY A 1 -2.83 -26.55 -6.04
N SER A 2 -2.66 -25.86 -4.91
CA SER A 2 -3.78 -25.62 -4.01
C SER A 2 -4.74 -24.59 -4.58
N SER A 3 -5.84 -24.34 -3.88
CA SER A 3 -6.83 -23.36 -4.33
C SER A 3 -6.68 -22.05 -3.57
N GLY A 4 -6.61 -22.14 -2.25
CA GLY A 4 -6.47 -20.95 -1.44
C GLY A 4 -7.21 -21.05 -0.12
N SER A 5 -6.55 -20.65 0.96
CA SER A 5 -7.14 -20.72 2.30
C SER A 5 -7.90 -19.42 2.61
N SER A 6 -8.62 -18.91 1.62
CA SER A 6 -9.39 -17.68 1.80
C SER A 6 -10.80 -17.83 1.23
N GLY A 7 -11.70 -16.97 1.70
CA GLY A 7 -13.08 -17.02 1.23
C GLY A 7 -14.04 -17.48 2.31
N GLU A 8 -13.71 -18.60 2.96
CA GLU A 8 -14.55 -19.14 4.02
C GLU A 8 -14.08 -18.67 5.39
N GLY A 9 -12.77 -18.70 5.59
CA GLY A 9 -12.21 -18.28 6.86
C GLY A 9 -11.69 -16.86 6.82
N ASP A 10 -12.07 -16.06 7.81
CA ASP A 10 -11.65 -14.67 7.89
C ASP A 10 -10.12 -14.56 7.80
N PRO A 11 -9.64 -13.39 7.36
CA PRO A 11 -8.20 -13.14 7.23
C PRO A 11 -7.50 -13.04 8.57
N GLU A 12 -6.21 -12.70 8.54
CA GLU A 12 -5.43 -12.57 9.76
C GLU A 12 -5.19 -11.10 10.10
N ASN A 13 -5.97 -10.57 11.04
CA ASN A 13 -5.84 -9.18 11.45
C ASN A 13 -5.50 -8.29 10.27
N GLY A 14 -5.95 -8.69 9.08
CA GLY A 14 -5.69 -7.91 7.88
C GLY A 14 -5.36 -8.79 6.69
N GLU A 15 -5.45 -8.22 5.49
CA GLU A 15 -5.17 -8.95 4.27
C GLU A 15 -4.31 -8.12 3.32
N LYS A 16 -3.54 -8.80 2.48
CA LYS A 16 -2.67 -8.12 1.53
C LYS A 16 -3.45 -7.67 0.30
N LEU A 17 -3.44 -6.37 0.04
CA LEU A 17 -4.16 -5.81 -1.10
C LEU A 17 -3.22 -4.98 -1.97
N GLN A 18 -3.26 -5.22 -3.28
CA GLN A 18 -2.42 -4.48 -4.21
C GLN A 18 -3.21 -3.41 -4.94
N ILE A 19 -2.54 -2.32 -5.30
CA ILE A 19 -3.19 -1.22 -5.99
C ILE A 19 -2.33 -0.74 -7.17
N THR A 20 -2.99 -0.50 -8.31
CA THR A 20 -2.29 -0.03 -9.50
C THR A 20 -2.62 1.43 -9.79
N ILE A 21 -1.60 2.27 -9.77
CA ILE A 21 -1.79 3.70 -10.04
C ILE A 21 -1.22 4.08 -11.41
N ARG A 22 -2.04 4.75 -12.21
CA ARG A 22 -1.61 5.17 -13.54
C ARG A 22 -1.33 6.67 -13.57
N ARG A 23 -0.07 7.02 -13.83
CA ARG A 23 0.33 8.42 -13.89
C ARG A 23 -0.56 9.20 -14.84
N GLY A 24 -1.36 10.12 -14.29
CA GLY A 24 -2.25 10.92 -15.10
C GLY A 24 -1.49 11.89 -16.01
N LYS A 25 -1.49 13.16 -15.64
CA LYS A 25 -0.81 14.18 -16.41
C LYS A 25 0.51 14.57 -15.76
N ASP A 26 0.43 15.11 -14.54
CA ASP A 26 1.61 15.52 -13.80
C ASP A 26 1.67 14.85 -12.44
N GLY A 27 2.36 13.72 -12.36
CA GLY A 27 2.48 12.99 -11.11
C GLY A 27 1.46 11.88 -10.99
N PHE A 28 1.68 10.97 -10.04
CA PHE A 28 0.78 9.85 -9.82
C PHE A 28 -0.53 10.32 -9.18
N GLY A 29 -0.42 10.91 -8.00
CA GLY A 29 -1.60 11.40 -7.30
C GLY A 29 -1.48 11.25 -5.80
N PHE A 30 -0.99 10.10 -5.35
CA PHE A 30 -0.83 9.85 -3.93
C PHE A 30 0.59 10.19 -3.46
N THR A 31 0.71 10.65 -2.23
CA THR A 31 2.00 11.01 -1.67
C THR A 31 2.35 10.14 -0.46
N ILE A 32 3.63 9.76 -0.35
CA ILE A 32 4.09 8.94 0.75
C ILE A 32 5.48 9.35 1.20
N CYS A 33 5.65 9.51 2.51
CA CYS A 33 6.93 9.90 3.07
C CYS A 33 7.09 9.37 4.50
N CYS A 34 8.15 8.60 4.73
CA CYS A 34 8.40 8.03 6.05
C CYS A 34 9.72 7.27 6.06
N ASP A 35 10.12 6.81 7.24
CA ASP A 35 11.37 6.06 7.39
C ASP A 35 11.09 4.58 7.60
N SER A 36 11.77 3.73 6.83
CA SER A 36 11.59 2.30 6.93
C SER A 36 11.22 1.89 8.36
N PRO A 37 10.05 1.26 8.50
CA PRO A 37 9.17 0.96 7.38
C PRO A 37 8.52 2.21 6.80
N VAL A 38 8.20 2.17 5.51
CA VAL A 38 7.58 3.30 4.83
C VAL A 38 6.08 3.31 5.05
N ARG A 39 5.49 4.50 5.05
CA ARG A 39 4.05 4.65 5.25
C ARG A 39 3.48 5.68 4.28
N VAL A 40 2.15 5.80 4.27
CA VAL A 40 1.48 6.74 3.40
C VAL A 40 1.36 8.12 4.05
N GLN A 41 1.48 9.17 3.23
CA GLN A 41 1.40 10.54 3.73
C GLN A 41 -0.01 11.10 3.55
N ALA A 42 -0.49 11.07 2.31
CA ALA A 42 -1.82 11.57 2.01
C ALA A 42 -2.28 11.11 0.62
N VAL A 43 -3.59 10.96 0.46
CA VAL A 43 -4.16 10.52 -0.81
C VAL A 43 -4.97 11.63 -1.47
N ASP A 44 -4.86 11.74 -2.78
CA ASP A 44 -5.58 12.77 -3.54
C ASP A 44 -7.06 12.41 -3.64
N SER A 45 -7.92 13.30 -3.14
CA SER A 45 -9.36 13.08 -3.18
C SER A 45 -9.86 13.06 -4.62
N GLY A 46 -10.27 11.89 -5.08
CA GLY A 46 -10.78 11.75 -6.44
C GLY A 46 -9.67 11.64 -7.46
N GLY A 47 -8.64 10.86 -7.13
CA GLY A 47 -7.51 10.68 -8.04
C GLY A 47 -7.35 9.24 -8.48
N PRO A 48 -6.27 8.97 -9.22
CA PRO A 48 -5.98 7.62 -9.72
C PRO A 48 -5.60 6.65 -8.61
N ALA A 49 -5.21 7.20 -7.47
CA ALA A 49 -4.82 6.38 -6.32
C ALA A 49 -6.00 6.12 -5.40
N GLU A 50 -6.73 7.17 -5.06
CA GLU A 50 -7.89 7.06 -4.18
C GLU A 50 -8.97 6.19 -4.82
N ARG A 51 -9.42 6.59 -6.01
CA ARG A 51 -10.44 5.84 -6.73
C ARG A 51 -10.04 4.38 -6.89
N ALA A 52 -8.77 4.16 -7.22
CA ALA A 52 -8.27 2.80 -7.41
C ALA A 52 -8.53 1.93 -6.17
N GLY A 53 -8.22 2.48 -5.00
CA GLY A 53 -8.44 1.74 -3.77
C GLY A 53 -7.30 1.92 -2.78
N LEU A 54 -6.74 3.13 -2.73
CA LEU A 54 -5.64 3.44 -1.83
C LEU A 54 -6.16 4.09 -0.55
N GLN A 55 -5.64 3.63 0.58
CA GLN A 55 -6.05 4.17 1.88
C GLN A 55 -4.90 4.95 2.53
N GLN A 56 -5.24 6.04 3.20
CA GLN A 56 -4.24 6.86 3.88
C GLN A 56 -3.76 6.20 5.16
N LEU A 57 -2.55 6.53 5.58
CA LEU A 57 -1.98 5.97 6.80
C LEU A 57 -1.75 4.47 6.64
N ASP A 58 -1.40 4.05 5.43
CA ASP A 58 -1.15 2.64 5.16
C ASP A 58 0.34 2.33 5.19
N THR A 59 0.68 1.06 5.38
CA THR A 59 2.07 0.64 5.44
C THR A 59 2.46 -0.12 4.17
N VAL A 60 3.50 0.36 3.50
CA VAL A 60 3.99 -0.28 2.28
C VAL A 60 4.71 -1.59 2.59
N LEU A 61 4.35 -2.63 1.85
CA LEU A 61 4.96 -3.95 2.04
C LEU A 61 5.99 -4.24 0.94
N GLN A 62 5.53 -4.21 -0.30
CA GLN A 62 6.42 -4.46 -1.44
C GLN A 62 5.94 -3.72 -2.68
N LEU A 63 6.89 -3.33 -3.53
CA LEU A 63 6.56 -2.61 -4.76
C LEU A 63 7.14 -3.32 -5.97
N ASN A 64 6.39 -3.29 -7.08
CA ASN A 64 6.82 -3.94 -8.31
C ASN A 64 7.48 -5.28 -8.02
N GLU A 65 6.86 -6.07 -7.16
CA GLU A 65 7.38 -7.38 -6.79
C GLU A 65 8.75 -7.25 -6.13
N ARG A 66 8.93 -6.19 -5.35
CA ARG A 66 10.19 -5.95 -4.66
C ARG A 66 9.95 -5.59 -3.20
N PRO A 67 10.80 -6.13 -2.31
CA PRO A 67 10.71 -5.87 -0.87
C PRO A 67 11.07 -4.44 -0.51
N VAL A 68 10.13 -3.75 0.12
CA VAL A 68 10.35 -2.36 0.53
C VAL A 68 9.87 -2.13 1.96
N GLU A 69 9.85 -3.19 2.75
CA GLU A 69 9.40 -3.10 4.14
C GLU A 69 10.44 -2.36 4.99
N HIS A 70 11.70 -2.42 4.57
CA HIS A 70 12.78 -1.76 5.30
C HIS A 70 13.41 -0.67 4.44
N TRP A 71 12.62 -0.09 3.55
CA TRP A 71 13.11 0.97 2.67
C TRP A 71 12.68 2.35 3.18
N LYS A 72 13.46 3.36 2.83
CA LYS A 72 13.18 4.73 3.26
C LYS A 72 12.63 5.55 2.10
N CYS A 73 11.84 6.58 2.42
CA CYS A 73 11.27 7.44 1.40
C CYS A 73 12.21 7.61 0.22
N VAL A 74 13.50 7.79 0.52
CA VAL A 74 14.51 7.96 -0.51
C VAL A 74 14.74 6.67 -1.28
N GLU A 75 14.88 5.57 -0.55
CA GLU A 75 15.10 4.27 -1.15
C GLU A 75 13.92 3.86 -2.04
N LEU A 76 12.71 4.06 -1.53
CA LEU A 76 11.51 3.73 -2.28
C LEU A 76 11.25 4.74 -3.38
N ALA A 77 11.09 6.01 -3.00
CA ALA A 77 10.85 7.07 -3.97
C ALA A 77 11.58 6.80 -5.27
N HIS A 78 12.82 6.32 -5.17
CA HIS A 78 13.63 6.02 -6.35
C HIS A 78 12.96 4.96 -7.22
N GLU A 79 12.59 3.84 -6.60
CA GLU A 79 11.94 2.75 -7.32
C GLU A 79 10.64 3.23 -7.96
N ILE A 80 9.77 3.83 -7.15
CA ILE A 80 8.49 4.33 -7.64
C ILE A 80 8.66 5.10 -8.94
N ARG A 81 9.41 6.20 -8.87
CA ARG A 81 9.65 7.04 -10.04
C ARG A 81 10.20 6.22 -11.19
N SER A 82 11.01 5.21 -10.86
CA SER A 82 11.60 4.34 -11.87
C SER A 82 10.65 4.13 -13.05
N CYS A 83 9.42 3.73 -12.74
CA CYS A 83 8.41 3.49 -13.76
C CYS A 83 7.34 4.58 -13.74
N PRO A 84 7.46 5.54 -14.66
CA PRO A 84 6.51 6.67 -14.76
C PRO A 84 5.14 6.22 -15.25
N SER A 85 5.14 5.38 -16.29
CA SER A 85 3.89 4.88 -16.86
C SER A 85 2.92 4.45 -15.76
N GLU A 86 3.20 3.30 -15.14
CA GLU A 86 2.36 2.78 -14.07
C GLU A 86 3.21 2.18 -12.95
N ILE A 87 2.65 2.15 -11.75
CA ILE A 87 3.36 1.59 -10.60
C ILE A 87 2.45 0.68 -9.78
N ILE A 88 3.01 -0.41 -9.29
CA ILE A 88 2.25 -1.37 -8.49
C ILE A 88 2.79 -1.45 -7.06
N LEU A 89 1.99 -0.95 -6.12
CA LEU A 89 2.38 -0.96 -4.71
C LEU A 89 1.42 -1.79 -3.88
N LEU A 90 1.95 -2.66 -3.03
CA LEU A 90 1.13 -3.51 -2.18
C LEU A 90 1.20 -3.05 -0.72
N VAL A 91 0.04 -2.88 -0.11
CA VAL A 91 -0.03 -2.44 1.29
C VAL A 91 -0.89 -3.39 2.11
N TRP A 92 -0.84 -3.22 3.43
CA TRP A 92 -1.61 -4.07 4.33
C TRP A 92 -2.82 -3.30 4.89
N ARG A 93 -3.99 -3.93 4.85
CA ARG A 93 -5.21 -3.31 5.34
C ARG A 93 -5.94 -4.25 6.30
N VAL A 94 -6.54 -3.68 7.34
CA VAL A 94 -7.27 -4.46 8.33
C VAL A 94 -8.69 -3.94 8.50
N SER A 95 -9.65 -4.79 8.17
CA SER A 95 -11.07 -4.42 8.29
C SER A 95 -11.55 -4.53 9.73
N GLY A 96 -12.41 -3.59 10.12
CA GLY A 96 -12.93 -3.59 11.47
C GLY A 96 -14.41 -3.93 11.53
N PRO A 97 -14.75 -5.01 12.24
CA PRO A 97 -16.14 -5.46 12.39
C PRO A 97 -16.97 -4.52 13.25
N SER A 98 -16.29 -3.74 14.09
CA SER A 98 -16.97 -2.80 14.98
C SER A 98 -17.90 -1.89 14.18
N SER A 99 -19.05 -1.58 14.77
CA SER A 99 -20.04 -0.72 14.11
C SER A 99 -19.44 0.67 13.84
N GLY A 100 -19.62 1.15 12.62
CA GLY A 100 -19.10 2.45 12.25
C GLY A 100 -18.89 2.60 10.76
N GLY A 1 -16.33 -25.40 -7.53
CA GLY A 1 -16.26 -26.85 -7.58
C GLY A 1 -16.15 -27.46 -6.20
N SER A 2 -15.27 -26.91 -5.38
CA SER A 2 -15.06 -27.41 -4.02
C SER A 2 -15.06 -26.26 -3.01
N SER A 3 -15.29 -26.61 -1.74
CA SER A 3 -15.32 -25.60 -0.68
C SER A 3 -14.49 -26.06 0.51
N GLY A 4 -14.24 -25.14 1.43
CA GLY A 4 -13.46 -25.46 2.62
C GLY A 4 -13.86 -24.65 3.82
N SER A 5 -12.93 -24.45 4.74
CA SER A 5 -13.21 -23.68 5.96
C SER A 5 -11.92 -23.08 6.51
N SER A 6 -12.06 -22.29 7.59
CA SER A 6 -10.91 -21.66 8.22
C SER A 6 -11.23 -21.27 9.66
N GLY A 7 -10.27 -21.52 10.56
CA GLY A 7 -10.47 -21.20 11.95
C GLY A 7 -9.82 -22.22 12.87
N GLU A 8 -8.51 -22.35 12.76
CA GLU A 8 -7.76 -23.30 13.59
C GLU A 8 -6.88 -22.58 14.60
N GLY A 9 -6.09 -21.62 14.10
CA GLY A 9 -5.22 -20.86 14.97
C GLY A 9 -5.81 -19.53 15.37
N ASP A 10 -5.78 -18.56 14.46
CA ASP A 10 -6.32 -17.23 14.73
C ASP A 10 -6.90 -16.62 13.46
N PRO A 11 -8.02 -15.90 13.61
CA PRO A 11 -8.69 -15.24 12.49
C PRO A 11 -7.89 -14.07 11.93
N GLU A 12 -7.71 -14.05 10.61
CA GLU A 12 -6.96 -12.97 9.96
C GLU A 12 -7.85 -11.75 9.74
N ASN A 13 -7.69 -10.76 10.62
CA ASN A 13 -8.46 -9.53 10.53
C ASN A 13 -8.28 -8.86 9.16
N GLY A 14 -7.10 -8.31 8.95
CA GLY A 14 -6.81 -7.64 7.69
C GLY A 14 -6.22 -8.59 6.66
N GLU A 15 -6.11 -8.12 5.41
CA GLU A 15 -5.56 -8.93 4.34
C GLU A 15 -4.72 -8.09 3.39
N LYS A 16 -3.79 -8.73 2.70
CA LYS A 16 -2.92 -8.04 1.75
C LYS A 16 -3.67 -7.68 0.47
N LEU A 17 -3.76 -6.40 0.18
CA LEU A 17 -4.45 -5.93 -1.03
C LEU A 17 -3.51 -5.09 -1.90
N GLN A 18 -3.50 -5.39 -3.20
CA GLN A 18 -2.67 -4.66 -4.13
C GLN A 18 -3.42 -3.50 -4.76
N ILE A 19 -2.71 -2.40 -5.02
CA ILE A 19 -3.32 -1.22 -5.61
C ILE A 19 -2.47 -0.69 -6.76
N THR A 20 -2.92 -0.95 -7.99
CA THR A 20 -2.20 -0.49 -9.17
C THR A 20 -2.59 0.93 -9.55
N ILE A 21 -1.60 1.81 -9.64
CA ILE A 21 -1.84 3.20 -9.99
C ILE A 21 -1.27 3.53 -11.36
N ARG A 22 -2.07 4.19 -12.19
CA ARG A 22 -1.64 4.58 -13.54
C ARG A 22 -1.62 6.09 -13.70
N ARG A 23 -0.44 6.64 -13.94
CA ARG A 23 -0.29 8.09 -14.11
C ARG A 23 -1.53 8.69 -14.77
N GLY A 24 -2.40 9.28 -13.95
CA GLY A 24 -3.61 9.88 -14.46
C GLY A 24 -3.74 11.35 -14.08
N LYS A 25 -4.89 11.71 -13.55
CA LYS A 25 -5.14 13.10 -13.15
C LYS A 25 -3.93 13.67 -12.40
N ASP A 26 -3.10 14.41 -13.11
CA ASP A 26 -1.91 15.02 -12.51
C ASP A 26 -0.97 13.94 -11.97
N GLY A 27 -0.71 12.93 -12.79
CA GLY A 27 0.17 11.85 -12.38
C GLY A 27 -0.23 11.26 -11.04
N PHE A 28 0.59 10.33 -10.55
CA PHE A 28 0.32 9.68 -9.27
C PHE A 28 -0.22 10.68 -8.25
N GLY A 29 -1.54 10.79 -8.17
CA GLY A 29 -2.16 11.72 -7.23
C GLY A 29 -2.09 11.22 -5.80
N PHE A 30 -0.90 10.83 -5.37
CA PHE A 30 -0.70 10.33 -4.01
C PHE A 30 0.71 10.64 -3.51
N THR A 31 0.83 10.94 -2.23
CA THR A 31 2.12 11.26 -1.63
C THR A 31 2.45 10.28 -0.51
N ILE A 32 3.74 9.95 -0.38
CA ILE A 32 4.20 9.02 0.64
C ILE A 32 5.61 9.36 1.10
N CYS A 33 5.78 9.51 2.41
CA CYS A 33 7.08 9.83 2.97
C CYS A 33 7.23 9.25 4.38
N CYS A 34 8.26 8.43 4.57
CA CYS A 34 8.50 7.80 5.86
C CYS A 34 9.81 7.01 5.84
N ASP A 35 10.12 6.36 6.96
CA ASP A 35 11.34 5.57 7.07
C ASP A 35 11.02 4.10 7.29
N SER A 36 11.74 3.23 6.59
CA SER A 36 11.52 1.79 6.71
C SER A 36 11.09 1.42 8.12
N PRO A 37 9.91 0.79 8.23
CA PRO A 37 9.07 0.47 7.08
C PRO A 37 8.46 1.71 6.45
N VAL A 38 8.22 1.66 5.14
CA VAL A 38 7.64 2.78 4.42
C VAL A 38 6.13 2.83 4.61
N ARG A 39 5.59 4.04 4.73
CA ARG A 39 4.16 4.23 4.93
C ARG A 39 3.63 5.33 4.02
N VAL A 40 2.30 5.44 3.95
CA VAL A 40 1.67 6.46 3.11
C VAL A 40 1.59 7.80 3.84
N GLN A 41 1.67 8.88 3.09
CA GLN A 41 1.60 10.23 3.66
C GLN A 41 0.18 10.76 3.61
N ALA A 42 -0.29 11.07 2.41
CA ALA A 42 -1.64 11.61 2.22
C ALA A 42 -2.14 11.36 0.81
N VAL A 43 -3.40 10.96 0.69
CA VAL A 43 -4.00 10.70 -0.62
C VAL A 43 -4.73 11.93 -1.15
N ASP A 44 -4.37 12.34 -2.36
CA ASP A 44 -4.98 13.50 -2.99
C ASP A 44 -6.43 13.21 -3.37
N SER A 45 -7.32 14.16 -3.07
CA SER A 45 -8.74 14.00 -3.38
C SER A 45 -9.00 14.27 -4.85
N GLY A 46 -9.25 13.19 -5.60
CA GLY A 46 -9.53 13.33 -7.02
C GLY A 46 -8.35 12.93 -7.88
N GLY A 47 -7.65 11.87 -7.48
CA GLY A 47 -6.50 11.40 -8.22
C GLY A 47 -6.64 9.95 -8.66
N PRO A 48 -5.65 9.47 -9.42
CA PRO A 48 -5.64 8.08 -9.91
C PRO A 48 -5.40 7.07 -8.80
N ALA A 49 -4.87 7.54 -7.68
CA ALA A 49 -4.60 6.69 -6.54
C ALA A 49 -5.86 6.42 -5.74
N GLU A 50 -6.65 7.47 -5.50
CA GLU A 50 -7.90 7.33 -4.75
C GLU A 50 -8.85 6.37 -5.44
N ARG A 51 -9.06 6.59 -6.74
CA ARG A 51 -9.95 5.75 -7.52
C ARG A 51 -9.59 4.27 -7.36
N ALA A 52 -8.31 4.00 -7.17
CA ALA A 52 -7.83 2.63 -7.01
C ALA A 52 -8.20 2.09 -5.63
N GLY A 53 -7.77 2.79 -4.58
CA GLY A 53 -8.07 2.35 -3.23
C GLY A 53 -6.92 2.59 -2.28
N LEU A 54 -6.28 3.75 -2.41
CA LEU A 54 -5.15 4.10 -1.56
C LEU A 54 -5.62 4.78 -0.27
N GLN A 55 -5.08 4.34 0.86
CA GLN A 55 -5.46 4.89 2.15
C GLN A 55 -4.23 5.43 2.88
N GLN A 56 -4.46 6.33 3.84
CA GLN A 56 -3.38 6.91 4.62
C GLN A 56 -2.93 5.97 5.72
N LEU A 57 -1.67 6.08 6.12
CA LEU A 57 -1.11 5.25 7.17
C LEU A 57 -1.00 3.79 6.71
N ASP A 58 -0.88 3.60 5.40
CA ASP A 58 -0.77 2.26 4.83
C ASP A 58 0.69 1.84 4.72
N THR A 59 1.03 0.73 5.37
CA THR A 59 2.40 0.22 5.35
C THR A 59 2.69 -0.50 4.04
N VAL A 60 3.81 -0.14 3.40
CA VAL A 60 4.20 -0.76 2.15
C VAL A 60 5.03 -2.02 2.39
N LEU A 61 4.39 -3.18 2.24
CA LEU A 61 5.07 -4.45 2.45
C LEU A 61 6.03 -4.75 1.30
N GLN A 62 5.50 -4.75 0.08
CA GLN A 62 6.31 -5.02 -1.11
C GLN A 62 5.76 -4.27 -2.32
N LEU A 63 6.65 -3.57 -3.01
CA LEU A 63 6.25 -2.80 -4.20
C LEU A 63 6.92 -3.37 -5.45
N ASN A 64 6.14 -3.53 -6.51
CA ASN A 64 6.65 -4.05 -7.77
C ASN A 64 7.17 -5.48 -7.60
N GLU A 65 6.32 -6.34 -7.04
CA GLU A 65 6.68 -7.73 -6.82
C GLU A 65 8.08 -7.85 -6.22
N ARG A 66 8.49 -6.79 -5.50
CA ARG A 66 9.81 -6.77 -4.87
C ARG A 66 9.71 -6.30 -3.42
N PRO A 67 10.53 -6.89 -2.55
CA PRO A 67 10.56 -6.55 -1.13
C PRO A 67 11.13 -5.16 -0.87
N VAL A 68 10.36 -4.34 -0.16
CA VAL A 68 10.79 -2.97 0.16
C VAL A 68 10.56 -2.65 1.62
N GLU A 69 10.54 -3.68 2.46
CA GLU A 69 10.32 -3.51 3.89
C GLU A 69 11.47 -2.73 4.52
N HIS A 70 12.65 -2.84 3.92
CA HIS A 70 13.83 -2.15 4.42
C HIS A 70 14.18 -0.95 3.53
N TRP A 71 13.21 -0.50 2.75
CA TRP A 71 13.42 0.62 1.85
C TRP A 71 12.92 1.93 2.47
N LYS A 72 13.75 2.96 2.40
CA LYS A 72 13.40 4.27 2.94
C LYS A 72 12.76 5.16 1.89
N CYS A 73 12.09 6.22 2.34
CA CYS A 73 11.44 7.15 1.42
C CYS A 73 12.30 7.39 0.18
N VAL A 74 13.59 7.63 0.40
CA VAL A 74 14.52 7.87 -0.71
C VAL A 74 14.74 6.60 -1.51
N GLU A 75 14.70 5.45 -0.84
CA GLU A 75 14.91 4.17 -1.49
C GLU A 75 13.72 3.82 -2.39
N LEU A 76 12.52 3.98 -1.85
CA LEU A 76 11.30 3.69 -2.61
C LEU A 76 11.02 4.76 -3.65
N ALA A 77 10.70 5.96 -3.19
CA ALA A 77 10.42 7.07 -4.08
C ALA A 77 11.26 7.00 -5.35
N HIS A 78 12.50 6.54 -5.19
CA HIS A 78 13.41 6.41 -6.33
C HIS A 78 12.82 5.51 -7.40
N GLU A 79 12.46 4.29 -7.02
CA GLU A 79 11.87 3.34 -7.95
C GLU A 79 10.51 3.82 -8.45
N ILE A 80 9.75 4.44 -7.56
CA ILE A 80 8.43 4.94 -7.91
C ILE A 80 8.50 5.88 -9.10
N ARG A 81 9.23 6.99 -8.94
CA ARG A 81 9.38 7.97 -10.00
C ARG A 81 10.14 7.37 -11.19
N SER A 82 10.85 6.27 -10.94
CA SER A 82 11.63 5.61 -11.98
C SER A 82 10.73 5.21 -13.16
N CYS A 83 9.54 4.72 -12.84
CA CYS A 83 8.59 4.30 -13.87
C CYS A 83 7.33 5.15 -13.81
N PRO A 84 7.23 6.14 -14.71
CA PRO A 84 6.08 7.04 -14.79
C PRO A 84 4.82 6.33 -15.29
N SER A 85 5.02 5.38 -16.20
CA SER A 85 3.89 4.64 -16.76
C SER A 85 2.92 4.20 -15.66
N GLU A 86 3.33 3.18 -14.90
CA GLU A 86 2.50 2.66 -13.82
C GLU A 86 3.36 2.12 -12.69
N ILE A 87 2.81 2.14 -11.47
CA ILE A 87 3.53 1.66 -10.30
C ILE A 87 2.66 0.71 -9.48
N ILE A 88 3.20 -0.46 -9.15
CA ILE A 88 2.49 -1.44 -8.36
C ILE A 88 3.00 -1.48 -6.93
N LEU A 89 2.13 -1.11 -6.00
CA LEU A 89 2.49 -1.10 -4.58
C LEU A 89 1.48 -1.90 -3.76
N LEU A 90 2.00 -2.74 -2.87
CA LEU A 90 1.14 -3.57 -2.02
C LEU A 90 1.22 -3.12 -0.57
N VAL A 91 0.06 -3.02 0.09
CA VAL A 91 0.01 -2.61 1.48
C VAL A 91 -0.94 -3.49 2.28
N TRP A 92 -0.90 -3.35 3.60
CA TRP A 92 -1.76 -4.14 4.48
C TRP A 92 -2.97 -3.33 4.93
N ARG A 93 -4.14 -3.95 4.90
CA ARG A 93 -5.37 -3.29 5.31
C ARG A 93 -6.19 -4.17 6.25
N VAL A 94 -6.90 -3.54 7.18
CA VAL A 94 -7.72 -4.27 8.14
C VAL A 94 -9.18 -3.86 8.03
N SER A 95 -10.01 -4.80 7.61
CA SER A 95 -11.44 -4.55 7.46
C SER A 95 -12.22 -5.04 8.68
N GLY A 96 -12.97 -4.14 9.31
CA GLY A 96 -13.74 -4.51 10.48
C GLY A 96 -13.23 -3.84 11.74
N PRO A 97 -13.61 -4.41 12.90
CA PRO A 97 -13.19 -3.88 14.20
C PRO A 97 -11.70 -4.07 14.47
N SER A 98 -10.98 -2.96 14.62
CA SER A 98 -9.54 -3.01 14.88
C SER A 98 -9.25 -3.57 16.26
N SER A 99 -8.36 -4.56 16.33
CA SER A 99 -7.99 -5.18 17.59
C SER A 99 -6.49 -5.09 17.83
N GLY A 100 -6.04 -3.98 18.40
CA GLY A 100 -4.63 -3.80 18.67
C GLY A 100 -4.35 -3.61 20.15
N GLY A 1 3.86 -32.98 1.85
CA GLY A 1 2.74 -33.89 1.87
C GLY A 1 1.41 -33.18 1.79
N SER A 2 0.47 -33.75 1.04
CA SER A 2 -0.85 -33.16 0.88
C SER A 2 -1.84 -33.73 1.90
N SER A 3 -2.32 -32.88 2.80
CA SER A 3 -3.27 -33.31 3.82
C SER A 3 -3.89 -32.10 4.52
N GLY A 4 -4.96 -32.35 5.27
CA GLY A 4 -5.63 -31.28 5.98
C GLY A 4 -5.39 -31.33 7.48
N SER A 5 -5.19 -30.18 8.08
CA SER A 5 -4.95 -30.10 9.52
C SER A 5 -5.62 -28.87 10.12
N SER A 6 -6.03 -28.99 11.38
CA SER A 6 -6.69 -27.89 12.08
C SER A 6 -5.75 -27.23 13.07
N GLY A 7 -5.61 -25.92 12.96
CA GLY A 7 -4.73 -25.18 13.86
C GLY A 7 -4.93 -23.68 13.77
N GLU A 8 -6.20 -23.26 13.73
CA GLU A 8 -6.53 -21.85 13.65
C GLU A 8 -6.91 -21.29 15.02
N GLY A 9 -6.95 -19.98 15.12
CA GLY A 9 -7.30 -19.33 16.38
C GLY A 9 -7.70 -17.89 16.22
N ASP A 10 -6.72 -17.04 15.93
CA ASP A 10 -6.97 -15.61 15.75
C ASP A 10 -7.61 -15.34 14.39
N PRO A 11 -8.65 -14.51 14.38
CA PRO A 11 -9.38 -14.16 13.14
C PRO A 11 -8.54 -13.28 12.22
N GLU A 12 -9.04 -13.05 11.01
CA GLU A 12 -8.35 -12.23 10.04
C GLU A 12 -8.85 -10.79 10.08
N ASN A 13 -7.99 -9.89 10.55
CA ASN A 13 -8.34 -8.47 10.65
C ASN A 13 -7.95 -7.73 9.37
N GLY A 14 -6.70 -7.88 8.96
CA GLY A 14 -6.22 -7.22 7.76
C GLY A 14 -5.78 -8.20 6.69
N GLU A 15 -5.80 -7.75 5.43
CA GLU A 15 -5.39 -8.61 4.32
C GLU A 15 -4.52 -7.83 3.34
N LYS A 16 -3.62 -8.54 2.66
CA LYS A 16 -2.73 -7.92 1.69
C LYS A 16 -3.48 -7.56 0.42
N LEU A 17 -3.51 -6.26 0.11
CA LEU A 17 -4.19 -5.77 -1.09
C LEU A 17 -3.27 -4.87 -1.91
N GLN A 18 -3.09 -5.24 -3.18
CA GLN A 18 -2.24 -4.46 -4.07
C GLN A 18 -3.02 -3.31 -4.71
N ILE A 19 -2.35 -2.18 -4.89
CA ILE A 19 -2.98 -1.01 -5.49
C ILE A 19 -2.13 -0.44 -6.62
N THR A 20 -2.62 -0.57 -7.85
CA THR A 20 -1.91 -0.07 -9.02
C THR A 20 -2.41 1.31 -9.42
N ILE A 21 -1.56 2.32 -9.23
CA ILE A 21 -1.91 3.69 -9.59
C ILE A 21 -1.65 3.97 -11.06
N ARG A 22 -2.55 4.71 -11.69
CA ARG A 22 -2.41 5.06 -13.10
C ARG A 22 -2.19 6.56 -13.28
N ARG A 23 -1.07 6.91 -13.89
CA ARG A 23 -0.74 8.32 -14.11
C ARG A 23 -1.98 9.12 -14.48
N GLY A 24 -2.43 9.97 -13.56
CA GLY A 24 -3.60 10.78 -13.81
C GLY A 24 -3.37 12.25 -13.53
N LYS A 25 -3.85 12.72 -12.39
CA LYS A 25 -3.68 14.13 -12.01
C LYS A 25 -2.22 14.47 -11.82
N ASP A 26 -1.61 15.07 -12.84
CA ASP A 26 -0.20 15.46 -12.79
C ASP A 26 0.64 14.33 -12.20
N GLY A 27 0.31 13.09 -12.56
CA GLY A 27 1.04 11.95 -12.06
C GLY A 27 0.48 11.42 -10.74
N PHE A 28 1.05 10.33 -10.25
CA PHE A 28 0.61 9.72 -9.01
C PHE A 28 0.13 10.79 -8.03
N GLY A 29 -1.17 11.07 -8.04
CA GLY A 29 -1.72 12.07 -7.14
C GLY A 29 -1.81 11.59 -5.72
N PHE A 30 -0.70 11.07 -5.19
CA PHE A 30 -0.66 10.57 -3.82
C PHE A 30 0.70 10.83 -3.18
N THR A 31 0.69 11.08 -1.88
CA THR A 31 1.93 11.35 -1.15
C THR A 31 2.27 10.20 -0.21
N ILE A 32 3.56 9.97 -0.02
CA ILE A 32 4.03 8.90 0.86
C ILE A 32 5.44 9.19 1.39
N CYS A 33 5.58 9.22 2.71
CA CYS A 33 6.86 9.49 3.33
C CYS A 33 6.94 8.86 4.72
N CYS A 34 7.91 7.97 4.91
CA CYS A 34 8.09 7.31 6.20
C CYS A 34 9.30 6.37 6.16
N ASP A 35 10.25 6.63 7.04
CA ASP A 35 11.46 5.81 7.12
C ASP A 35 11.11 4.34 7.33
N SER A 36 11.74 3.47 6.54
CA SER A 36 11.49 2.03 6.64
C SER A 36 11.15 1.63 8.07
N PRO A 37 10.01 0.96 8.24
CA PRO A 37 9.12 0.60 7.13
C PRO A 37 8.42 1.83 6.54
N VAL A 38 8.15 1.77 5.24
CA VAL A 38 7.48 2.86 4.56
C VAL A 38 5.97 2.79 4.73
N ARG A 39 5.33 3.95 4.86
CA ARG A 39 3.89 4.00 5.03
C ARG A 39 3.28 5.13 4.19
N VAL A 40 1.98 5.08 3.99
CA VAL A 40 1.28 6.09 3.21
C VAL A 40 0.98 7.33 4.04
N GLN A 41 1.02 8.49 3.41
CA GLN A 41 0.75 9.75 4.10
C GLN A 41 -0.69 10.18 3.91
N ALA A 42 -1.06 10.46 2.66
CA ALA A 42 -2.42 10.88 2.34
C ALA A 42 -2.70 10.75 0.85
N VAL A 43 -3.97 10.53 0.51
CA VAL A 43 -4.37 10.39 -0.88
C VAL A 43 -5.13 11.62 -1.37
N ASP A 44 -4.87 12.00 -2.62
CA ASP A 44 -5.54 13.17 -3.21
C ASP A 44 -7.01 12.88 -3.46
N SER A 45 -7.88 13.73 -2.94
CA SER A 45 -9.32 13.57 -3.11
C SER A 45 -9.72 13.76 -4.57
N GLY A 46 -10.24 12.70 -5.19
CA GLY A 46 -10.64 12.77 -6.58
C GLY A 46 -9.48 12.67 -7.54
N GLY A 47 -8.54 11.77 -7.22
CA GLY A 47 -7.38 11.59 -8.07
C GLY A 47 -7.26 10.17 -8.59
N PRO A 48 -6.15 9.87 -9.27
CA PRO A 48 -5.90 8.55 -9.84
C PRO A 48 -5.62 7.49 -8.77
N ALA A 49 -4.84 7.88 -7.77
CA ALA A 49 -4.50 6.96 -6.68
C ALA A 49 -5.76 6.45 -5.99
N GLU A 50 -6.55 7.37 -5.43
CA GLU A 50 -7.78 6.99 -4.74
C GLU A 50 -8.61 6.05 -5.60
N ARG A 51 -8.84 6.43 -6.85
CA ARG A 51 -9.63 5.62 -7.76
C ARG A 51 -9.11 4.17 -7.79
N ALA A 52 -7.80 4.03 -7.94
CA ALA A 52 -7.18 2.71 -7.99
C ALA A 52 -7.47 1.93 -6.70
N GLY A 53 -7.42 2.62 -5.57
CA GLY A 53 -7.68 1.97 -4.30
C GLY A 53 -6.61 2.26 -3.26
N LEU A 54 -6.02 3.45 -3.34
CA LEU A 54 -4.98 3.85 -2.41
C LEU A 54 -5.58 4.46 -1.14
N GLN A 55 -5.17 3.93 0.00
CA GLN A 55 -5.67 4.42 1.28
C GLN A 55 -4.52 4.91 2.17
N GLN A 56 -4.70 6.07 2.79
CA GLN A 56 -3.69 6.63 3.66
C GLN A 56 -3.49 5.77 4.90
N LEU A 57 -2.34 5.94 5.56
CA LEU A 57 -2.04 5.17 6.76
C LEU A 57 -1.88 3.69 6.44
N ASP A 58 -1.09 3.40 5.41
CA ASP A 58 -0.84 2.02 5.00
C ASP A 58 0.65 1.72 4.94
N THR A 59 1.07 0.66 5.63
CA THR A 59 2.47 0.27 5.65
C THR A 59 2.85 -0.49 4.38
N VAL A 60 3.70 0.12 3.57
CA VAL A 60 4.15 -0.49 2.32
C VAL A 60 4.95 -1.76 2.59
N LEU A 61 4.39 -2.91 2.21
CA LEU A 61 5.07 -4.19 2.42
C LEU A 61 6.03 -4.49 1.28
N GLN A 62 5.51 -4.50 0.05
CA GLN A 62 6.34 -4.76 -1.12
C GLN A 62 5.83 -3.98 -2.33
N LEU A 63 6.75 -3.39 -3.07
CA LEU A 63 6.40 -2.62 -4.26
C LEU A 63 7.08 -3.18 -5.50
N ASN A 64 6.32 -3.31 -6.58
CA ASN A 64 6.86 -3.83 -7.84
C ASN A 64 7.40 -5.24 -7.65
N GLU A 65 6.56 -6.12 -7.12
CA GLU A 65 6.96 -7.51 -6.90
C GLU A 65 8.35 -7.58 -6.27
N ARG A 66 8.71 -6.55 -5.50
CA ARG A 66 10.01 -6.49 -4.85
C ARG A 66 9.87 -6.11 -3.39
N PRO A 67 10.74 -6.67 -2.54
CA PRO A 67 10.74 -6.39 -1.10
C PRO A 67 11.19 -4.96 -0.78
N VAL A 68 10.31 -4.21 -0.11
CA VAL A 68 10.62 -2.83 0.26
C VAL A 68 10.28 -2.57 1.72
N GLU A 69 10.19 -3.63 2.51
CA GLU A 69 9.87 -3.51 3.92
C GLU A 69 10.94 -2.72 4.66
N HIS A 70 12.19 -2.88 4.23
CA HIS A 70 13.32 -2.18 4.85
C HIS A 70 13.80 -1.04 3.95
N TRP A 71 12.90 -0.51 3.14
CA TRP A 71 13.24 0.59 2.23
C TRP A 71 12.78 1.92 2.80
N LYS A 72 13.61 2.95 2.64
CA LYS A 72 13.29 4.27 3.14
C LYS A 72 12.50 5.06 2.09
N CYS A 73 12.24 6.34 2.39
CA CYS A 73 11.50 7.20 1.48
C CYS A 73 12.27 7.41 0.18
N VAL A 74 13.49 7.95 0.30
CA VAL A 74 14.33 8.21 -0.87
C VAL A 74 14.70 6.91 -1.57
N GLU A 75 14.74 5.82 -0.81
CA GLU A 75 15.09 4.51 -1.36
C GLU A 75 13.92 3.92 -2.14
N LEU A 76 12.72 4.06 -1.58
CA LEU A 76 11.51 3.54 -2.22
C LEU A 76 11.12 4.41 -3.41
N ALA A 77 10.88 5.69 -3.15
CA ALA A 77 10.49 6.62 -4.21
C ALA A 77 11.27 6.35 -5.49
N HIS A 78 12.54 6.00 -5.35
CA HIS A 78 13.38 5.71 -6.50
C HIS A 78 12.69 4.74 -7.46
N GLU A 79 12.12 3.69 -6.91
CA GLU A 79 11.43 2.69 -7.72
C GLU A 79 10.16 3.28 -8.35
N ILE A 80 9.34 3.90 -7.52
CA ILE A 80 8.10 4.51 -7.98
C ILE A 80 8.36 5.43 -9.17
N ARG A 81 9.39 6.25 -9.06
CA ARG A 81 9.75 7.18 -10.12
C ARG A 81 10.31 6.44 -11.34
N SER A 82 10.78 5.22 -11.11
CA SER A 82 11.35 4.40 -12.18
C SER A 82 10.32 4.19 -13.30
N CYS A 83 9.07 3.96 -12.90
CA CYS A 83 8.00 3.73 -13.86
C CYS A 83 6.97 4.87 -13.81
N PRO A 84 7.07 5.80 -14.77
CA PRO A 84 6.17 6.95 -14.85
C PRO A 84 4.75 6.55 -15.26
N SER A 85 4.66 5.73 -16.30
CA SER A 85 3.36 5.27 -16.80
C SER A 85 2.49 4.76 -15.65
N GLU A 86 2.81 3.57 -15.16
CA GLU A 86 2.06 2.98 -14.06
C GLU A 86 3.00 2.45 -12.97
N ILE A 87 2.45 2.21 -11.79
CA ILE A 87 3.24 1.71 -10.67
C ILE A 87 2.44 0.73 -9.83
N ILE A 88 3.12 -0.30 -9.31
CA ILE A 88 2.47 -1.31 -8.49
C ILE A 88 3.05 -1.33 -7.09
N LEU A 89 2.22 -1.04 -6.09
CA LEU A 89 2.66 -1.03 -4.70
C LEU A 89 1.67 -1.78 -3.81
N LEU A 90 2.18 -2.71 -3.01
CA LEU A 90 1.35 -3.49 -2.11
C LEU A 90 1.48 -3.00 -0.67
N VAL A 91 0.35 -2.91 0.02
CA VAL A 91 0.35 -2.45 1.41
C VAL A 91 -0.61 -3.29 2.26
N TRP A 92 -0.52 -3.13 3.58
CA TRP A 92 -1.37 -3.88 4.49
C TRP A 92 -2.55 -3.02 4.95
N ARG A 93 -3.76 -3.57 4.85
CA ARG A 93 -4.96 -2.86 5.25
C ARG A 93 -5.77 -3.68 6.25
N VAL A 94 -6.27 -3.02 7.28
CA VAL A 94 -7.06 -3.69 8.31
C VAL A 94 -8.49 -3.14 8.35
N SER A 95 -9.45 -4.04 8.52
CA SER A 95 -10.85 -3.65 8.58
C SER A 95 -11.20 -3.03 9.93
N GLY A 96 -11.29 -1.70 9.96
CA GLY A 96 -11.60 -1.01 11.20
C GLY A 96 -12.59 0.12 10.99
N PRO A 97 -13.87 -0.13 11.27
CA PRO A 97 -14.93 0.86 11.12
C PRO A 97 -14.84 1.98 12.15
N SER A 98 -13.82 1.91 13.00
CA SER A 98 -13.62 2.90 14.04
C SER A 98 -14.69 2.80 15.11
N SER A 99 -15.01 1.57 15.50
CA SER A 99 -16.04 1.33 16.52
C SER A 99 -15.45 1.50 17.92
N GLY A 100 -16.11 2.34 18.72
CA GLY A 100 -15.64 2.58 20.08
C GLY A 100 -16.74 2.36 21.11
N GLY A 1 7.88 -27.09 20.53
CA GLY A 1 6.67 -27.69 21.04
C GLY A 1 5.45 -26.80 20.87
N SER A 2 4.50 -27.24 20.08
CA SER A 2 3.28 -26.47 19.83
C SER A 2 2.08 -27.39 19.65
N SER A 3 0.92 -26.91 20.08
CA SER A 3 -0.31 -27.70 19.99
C SER A 3 -1.38 -26.93 19.19
N GLY A 4 -1.37 -25.62 19.34
CA GLY A 4 -2.35 -24.79 18.65
C GLY A 4 -3.20 -23.97 19.59
N SER A 5 -2.90 -22.67 19.68
CA SER A 5 -3.63 -21.77 20.56
C SER A 5 -4.98 -21.40 19.94
N SER A 6 -6.04 -22.04 20.44
CA SER A 6 -7.39 -21.78 19.94
C SER A 6 -7.57 -20.30 19.60
N GLY A 7 -7.11 -19.44 20.51
CA GLY A 7 -7.23 -18.01 20.28
C GLY A 7 -8.62 -17.49 20.60
N GLU A 8 -8.79 -16.99 21.83
CA GLU A 8 -10.08 -16.46 22.25
C GLU A 8 -10.29 -15.04 21.73
N GLY A 9 -9.97 -14.84 20.45
CA GLY A 9 -10.13 -13.53 19.84
C GLY A 9 -8.99 -13.18 18.89
N ASP A 10 -8.73 -11.90 18.73
CA ASP A 10 -7.66 -11.43 17.85
C ASP A 10 -7.67 -12.22 16.54
N PRO A 11 -8.83 -12.23 15.87
CA PRO A 11 -9.00 -12.95 14.59
C PRO A 11 -8.23 -12.28 13.46
N GLU A 12 -8.43 -12.77 12.24
CA GLU A 12 -7.76 -12.23 11.07
C GLU A 12 -8.69 -11.32 10.28
N ASN A 13 -8.57 -10.01 10.51
CA ASN A 13 -9.41 -9.03 9.83
C ASN A 13 -8.64 -8.37 8.69
N GLY A 14 -7.41 -7.94 8.97
CA GLY A 14 -6.60 -7.31 7.96
C GLY A 14 -6.13 -8.28 6.89
N GLU A 15 -6.01 -7.79 5.66
CA GLU A 15 -5.57 -8.63 4.55
C GLU A 15 -4.61 -7.86 3.64
N LYS A 16 -3.82 -8.60 2.87
CA LYS A 16 -2.87 -7.99 1.96
C LYS A 16 -3.53 -7.66 0.62
N LEU A 17 -3.55 -6.37 0.28
CA LEU A 17 -4.15 -5.92 -0.97
C LEU A 17 -3.17 -5.07 -1.77
N GLN A 18 -3.25 -5.17 -3.10
CA GLN A 18 -2.37 -4.41 -3.97
C GLN A 18 -3.16 -3.40 -4.80
N ILE A 19 -2.59 -2.22 -4.99
CA ILE A 19 -3.25 -1.18 -5.76
C ILE A 19 -2.32 -0.62 -6.83
N THR A 20 -2.84 -0.46 -8.04
CA THR A 20 -2.06 0.06 -9.16
C THR A 20 -2.50 1.48 -9.52
N ILE A 21 -1.53 2.39 -9.59
CA ILE A 21 -1.82 3.77 -9.94
C ILE A 21 -1.32 4.11 -11.34
N ARG A 22 -2.07 4.95 -12.04
CA ARG A 22 -1.69 5.36 -13.39
C ARG A 22 -1.34 6.85 -13.44
N ARG A 23 -0.13 7.15 -13.88
CA ARG A 23 0.32 8.53 -13.97
C ARG A 23 -0.50 9.31 -14.99
N GLY A 24 -1.57 9.94 -14.51
CA GLY A 24 -2.43 10.72 -15.39
C GLY A 24 -1.80 12.02 -15.83
N LYS A 25 -0.74 11.93 -16.63
CA LYS A 25 -0.04 13.11 -17.12
C LYS A 25 0.37 14.02 -15.96
N ASP A 26 0.52 13.43 -14.78
CA ASP A 26 0.92 14.17 -13.59
C ASP A 26 1.15 13.24 -12.41
N GLY A 27 2.42 13.02 -12.08
CA GLY A 27 2.77 12.15 -10.98
C GLY A 27 1.81 10.98 -10.85
N PHE A 28 1.36 10.72 -9.62
CA PHE A 28 0.45 9.61 -9.37
C PHE A 28 -0.82 10.10 -8.67
N GLY A 29 -0.63 10.96 -7.67
CA GLY A 29 -1.76 11.50 -6.94
C GLY A 29 -1.60 11.32 -5.43
N PHE A 30 -1.17 10.14 -5.02
CA PHE A 30 -0.98 9.84 -3.60
C PHE A 30 0.44 10.19 -3.16
N THR A 31 0.59 10.59 -1.90
CA THR A 31 1.89 10.95 -1.36
C THR A 31 2.36 9.93 -0.33
N ILE A 32 3.67 9.76 -0.22
CA ILE A 32 4.24 8.81 0.73
C ILE A 32 5.60 9.29 1.23
N CYS A 33 5.73 9.40 2.54
CA CYS A 33 6.98 9.85 3.16
C CYS A 33 7.14 9.26 4.55
N CYS A 34 8.23 8.51 4.75
CA CYS A 34 8.50 7.89 6.03
C CYS A 34 9.83 7.13 6.00
N ASP A 35 10.26 6.65 7.16
CA ASP A 35 11.51 5.90 7.26
C ASP A 35 11.24 4.42 7.49
N SER A 36 11.90 3.58 6.70
CA SER A 36 11.73 2.13 6.82
C SER A 36 11.39 1.73 8.25
N PRO A 37 10.22 1.10 8.42
CA PRO A 37 9.30 0.81 7.32
C PRO A 37 8.66 2.07 6.75
N VAL A 38 8.32 2.04 5.46
CA VAL A 38 7.69 3.18 4.80
C VAL A 38 6.20 3.23 5.09
N ARG A 39 5.65 4.43 5.09
CA ARG A 39 4.22 4.62 5.35
C ARG A 39 3.65 5.76 4.51
N VAL A 40 2.33 5.76 4.35
CA VAL A 40 1.66 6.79 3.56
C VAL A 40 1.41 8.04 4.40
N GLN A 41 1.46 9.20 3.74
CA GLN A 41 1.24 10.47 4.43
C GLN A 41 -0.16 11.01 4.12
N ALA A 42 -0.60 10.83 2.88
CA ALA A 42 -1.91 11.29 2.46
C ALA A 42 -2.22 10.86 1.03
N VAL A 43 -3.50 10.91 0.66
CA VAL A 43 -3.93 10.51 -0.68
C VAL A 43 -4.85 11.57 -1.29
N ASP A 44 -4.59 11.92 -2.54
CA ASP A 44 -5.39 12.92 -3.24
C ASP A 44 -6.78 12.37 -3.55
N SER A 45 -7.80 13.11 -3.15
CA SER A 45 -9.18 12.70 -3.38
C SER A 45 -9.57 12.88 -4.85
N GLY A 46 -9.84 11.77 -5.52
CA GLY A 46 -10.22 11.82 -6.93
C GLY A 46 -9.15 11.28 -7.84
N GLY A 47 -7.89 11.39 -7.41
CA GLY A 47 -6.79 10.90 -8.21
C GLY A 47 -6.94 9.44 -8.57
N PRO A 48 -6.03 8.94 -9.43
CA PRO A 48 -6.05 7.55 -9.87
C PRO A 48 -5.66 6.57 -8.76
N ALA A 49 -5.22 7.12 -7.64
CA ALA A 49 -4.83 6.31 -6.50
C ALA A 49 -6.01 6.05 -5.57
N GLU A 50 -6.79 7.10 -5.32
CA GLU A 50 -7.96 6.98 -4.45
C GLU A 50 -9.04 6.12 -5.09
N ARG A 51 -9.39 6.44 -6.32
CA ARG A 51 -10.43 5.69 -7.05
C ARG A 51 -10.07 4.21 -7.11
N ALA A 52 -8.82 3.92 -7.45
CA ALA A 52 -8.35 2.55 -7.54
C ALA A 52 -8.65 1.77 -6.26
N GLY A 53 -8.18 2.31 -5.13
CA GLY A 53 -8.41 1.65 -3.86
C GLY A 53 -7.25 1.82 -2.91
N LEU A 54 -6.68 3.03 -2.87
CA LEU A 54 -5.56 3.32 -1.99
C LEU A 54 -6.01 4.12 -0.77
N GLN A 55 -5.62 3.64 0.41
CA GLN A 55 -5.98 4.30 1.66
C GLN A 55 -4.74 4.84 2.38
N GLN A 56 -4.77 6.11 2.76
CA GLN A 56 -3.66 6.73 3.46
C GLN A 56 -3.37 6.02 4.77
N LEU A 57 -2.25 6.34 5.38
CA LEU A 57 -1.85 5.73 6.66
C LEU A 57 -1.69 4.23 6.51
N ASP A 58 -1.08 3.80 5.41
CA ASP A 58 -0.87 2.38 5.15
C ASP A 58 0.62 2.05 5.15
N THR A 59 0.94 0.79 5.44
CA THR A 59 2.33 0.35 5.46
C THR A 59 2.69 -0.42 4.20
N VAL A 60 3.63 0.11 3.43
CA VAL A 60 4.06 -0.53 2.19
C VAL A 60 4.83 -1.81 2.48
N LEU A 61 4.35 -2.92 1.92
CA LEU A 61 5.00 -4.21 2.11
C LEU A 61 6.02 -4.48 1.01
N GLN A 62 5.55 -4.55 -0.23
CA GLN A 62 6.42 -4.80 -1.37
C GLN A 62 5.98 -3.98 -2.58
N LEU A 63 6.96 -3.57 -3.40
CA LEU A 63 6.67 -2.78 -4.59
C LEU A 63 7.19 -3.48 -5.84
N ASN A 64 6.43 -3.39 -6.92
CA ASN A 64 6.81 -4.00 -8.18
C ASN A 64 7.35 -5.42 -7.96
N GLU A 65 6.71 -6.16 -7.07
CA GLU A 65 7.12 -7.52 -6.76
C GLU A 65 8.50 -7.52 -6.11
N ARG A 66 8.79 -6.48 -5.34
CA ARG A 66 10.07 -6.37 -4.65
C ARG A 66 9.87 -5.99 -3.18
N PRO A 67 10.72 -6.55 -2.31
CA PRO A 67 10.65 -6.28 -0.87
C PRO A 67 11.08 -4.86 -0.52
N VAL A 68 10.21 -4.14 0.19
CA VAL A 68 10.50 -2.76 0.58
C VAL A 68 10.16 -2.53 2.05
N GLU A 69 10.19 -3.59 2.84
CA GLU A 69 9.88 -3.51 4.26
C GLU A 69 10.92 -2.68 4.99
N HIS A 70 12.16 -2.75 4.53
CA HIS A 70 13.25 -2.00 5.14
C HIS A 70 13.75 -0.91 4.20
N TRP A 71 12.84 -0.33 3.43
CA TRP A 71 13.19 0.72 2.49
C TRP A 71 12.78 2.09 3.02
N LYS A 72 13.57 3.10 2.72
CA LYS A 72 13.28 4.46 3.17
C LYS A 72 12.68 5.30 2.04
N CYS A 73 11.98 6.36 2.40
CA CYS A 73 11.35 7.24 1.42
C CYS A 73 12.24 7.40 0.20
N VAL A 74 13.45 7.90 0.41
CA VAL A 74 14.39 8.10 -0.69
C VAL A 74 14.71 6.78 -1.39
N GLU A 75 14.65 5.68 -0.64
CA GLU A 75 14.93 4.37 -1.20
C GLU A 75 13.78 3.90 -2.08
N LEU A 76 12.56 4.23 -1.68
CA LEU A 76 11.37 3.83 -2.43
C LEU A 76 11.10 4.82 -3.57
N ALA A 77 10.88 6.08 -3.21
CA ALA A 77 10.61 7.12 -4.20
C ALA A 77 11.37 6.86 -5.49
N HIS A 78 12.58 6.34 -5.36
CA HIS A 78 13.42 6.04 -6.52
C HIS A 78 12.79 4.93 -7.36
N GLU A 79 12.40 3.83 -6.72
CA GLU A 79 11.79 2.71 -7.41
C GLU A 79 10.50 3.14 -8.10
N ILE A 80 9.69 3.91 -7.40
CA ILE A 80 8.42 4.38 -7.94
C ILE A 80 8.65 5.24 -9.19
N ARG A 81 9.47 6.28 -9.03
CA ARG A 81 9.78 7.19 -10.13
C ARG A 81 10.33 6.42 -11.33
N SER A 82 11.22 5.46 -11.06
CA SER A 82 11.83 4.66 -12.12
C SER A 82 10.82 4.39 -13.24
N CYS A 83 9.63 3.97 -12.86
CA CYS A 83 8.57 3.67 -13.81
C CYS A 83 7.56 4.81 -13.90
N PRO A 84 7.70 5.66 -14.92
CA PRO A 84 6.80 6.80 -15.13
C PRO A 84 5.40 6.37 -15.54
N SER A 85 5.32 5.51 -16.56
CA SER A 85 4.04 5.03 -17.05
C SER A 85 3.13 4.63 -15.90
N GLU A 86 3.42 3.48 -15.30
CA GLU A 86 2.63 2.97 -14.18
C GLU A 86 3.53 2.40 -13.09
N ILE A 87 2.93 2.12 -11.93
CA ILE A 87 3.68 1.56 -10.81
C ILE A 87 2.78 0.75 -9.89
N ILE A 88 3.23 -0.45 -9.53
CA ILE A 88 2.46 -1.31 -8.65
C ILE A 88 3.03 -1.33 -7.24
N LEU A 89 2.18 -1.09 -6.25
CA LEU A 89 2.60 -1.08 -4.86
C LEU A 89 1.64 -1.88 -3.99
N LEU A 90 2.20 -2.72 -3.12
CA LEU A 90 1.39 -3.54 -2.22
C LEU A 90 1.36 -2.95 -0.82
N VAL A 91 0.21 -3.03 -0.17
CA VAL A 91 0.05 -2.51 1.19
C VAL A 91 -0.90 -3.37 2.00
N TRP A 92 -0.93 -3.14 3.31
CA TRP A 92 -1.80 -3.90 4.20
C TRP A 92 -2.98 -3.05 4.67
N ARG A 93 -4.16 -3.66 4.69
CA ARG A 93 -5.37 -2.96 5.11
C ARG A 93 -6.07 -3.72 6.22
N VAL A 94 -6.61 -2.99 7.19
CA VAL A 94 -7.32 -3.60 8.32
C VAL A 94 -8.78 -3.15 8.36
N SER A 95 -9.66 -4.08 8.68
CA SER A 95 -11.09 -3.79 8.75
C SER A 95 -11.65 -4.15 10.12
N GLY A 96 -12.76 -3.52 10.49
CA GLY A 96 -13.39 -3.78 11.77
C GLY A 96 -14.26 -2.63 12.23
N PRO A 97 -14.90 -2.80 13.39
CA PRO A 97 -15.78 -1.79 13.98
C PRO A 97 -15.01 -0.57 14.46
N SER A 98 -15.24 0.57 13.81
CA SER A 98 -14.56 1.81 14.18
C SER A 98 -15.41 2.63 15.14
N SER A 99 -14.77 3.54 15.86
CA SER A 99 -15.47 4.38 16.82
C SER A 99 -16.79 4.88 16.25
N GLY A 100 -16.76 5.36 15.01
CA GLY A 100 -17.96 5.86 14.38
C GLY A 100 -18.03 5.51 12.90
N GLY A 1 13.33 -31.60 9.43
CA GLY A 1 12.20 -30.68 9.51
C GLY A 1 10.88 -31.36 9.23
N SER A 2 9.94 -31.20 10.15
CA SER A 2 8.62 -31.81 10.00
C SER A 2 7.55 -30.94 10.67
N SER A 3 6.46 -30.71 9.94
CA SER A 3 5.36 -29.89 10.46
C SER A 3 4.03 -30.63 10.31
N GLY A 4 3.08 -30.29 11.17
CA GLY A 4 1.77 -30.92 11.12
C GLY A 4 0.77 -30.26 12.06
N SER A 5 0.95 -30.50 13.36
CA SER A 5 0.05 -29.93 14.36
C SER A 5 -0.26 -28.47 14.04
N SER A 6 -1.52 -28.20 13.72
CA SER A 6 -1.95 -26.84 13.40
C SER A 6 -1.64 -25.88 14.55
N GLY A 7 -0.54 -25.13 14.40
CA GLY A 7 -0.15 -24.19 15.42
C GLY A 7 -1.14 -23.04 15.56
N GLU A 8 -2.08 -23.19 16.48
CA GLU A 8 -3.09 -22.17 16.72
C GLU A 8 -2.52 -21.02 17.55
N GLY A 9 -2.85 -19.79 17.16
CA GLY A 9 -2.37 -18.63 17.88
C GLY A 9 -3.30 -17.44 17.77
N ASP A 10 -3.34 -16.84 16.58
CA ASP A 10 -4.20 -15.68 16.35
C ASP A 10 -4.45 -15.48 14.86
N PRO A 11 -5.73 -15.43 14.48
CA PRO A 11 -6.14 -15.25 13.08
C PRO A 11 -5.82 -13.84 12.56
N GLU A 12 -5.18 -13.79 11.39
CA GLU A 12 -4.82 -12.51 10.78
C GLU A 12 -6.06 -11.78 10.27
N ASN A 13 -6.45 -10.72 10.98
CA ASN A 13 -7.62 -9.94 10.60
C ASN A 13 -7.37 -9.20 9.28
N GLY A 14 -6.36 -8.32 9.28
CA GLY A 14 -6.05 -7.57 8.08
C GLY A 14 -5.55 -8.46 6.96
N GLU A 15 -5.47 -7.90 5.75
CA GLU A 15 -5.00 -8.65 4.58
C GLU A 15 -4.17 -7.76 3.67
N LYS A 16 -3.19 -8.36 3.02
CA LYS A 16 -2.31 -7.63 2.10
C LYS A 16 -3.00 -7.42 0.75
N LEU A 17 -3.32 -6.17 0.45
CA LEU A 17 -3.96 -5.84 -0.82
C LEU A 17 -3.06 -4.99 -1.69
N GLN A 18 -3.15 -5.18 -3.00
CA GLN A 18 -2.34 -4.42 -3.95
C GLN A 18 -3.16 -3.33 -4.63
N ILE A 19 -2.52 -2.21 -4.93
CA ILE A 19 -3.19 -1.10 -5.59
C ILE A 19 -2.32 -0.50 -6.69
N THR A 20 -2.82 -0.55 -7.93
CA THR A 20 -2.09 -0.02 -9.06
C THR A 20 -2.37 1.46 -9.24
N ILE A 21 -1.31 2.26 -9.35
CA ILE A 21 -1.45 3.69 -9.54
C ILE A 21 -0.77 4.16 -10.82
N ARG A 22 -1.43 5.04 -11.56
CA ARG A 22 -0.89 5.57 -12.80
C ARG A 22 -0.51 7.04 -12.66
N ARG A 23 0.55 7.43 -13.36
CA ARG A 23 1.02 8.82 -13.30
C ARG A 23 0.28 9.68 -14.32
N GLY A 24 -0.63 10.50 -13.83
CA GLY A 24 -1.39 11.38 -14.71
C GLY A 24 -0.51 12.33 -15.49
N LYS A 25 -0.76 13.62 -15.34
CA LYS A 25 0.02 14.64 -16.03
C LYS A 25 1.13 15.19 -15.14
N ASP A 26 0.73 15.73 -13.99
CA ASP A 26 1.68 16.28 -13.04
C ASP A 26 2.55 15.19 -12.41
N GLY A 27 1.90 14.22 -11.79
CA GLY A 27 2.61 13.12 -11.16
C GLY A 27 1.76 11.89 -10.99
N PHE A 28 1.67 11.40 -9.75
CA PHE A 28 0.87 10.21 -9.45
C PHE A 28 -0.46 10.59 -8.83
N GLY A 29 -0.40 11.22 -7.66
CA GLY A 29 -1.62 11.63 -6.97
C GLY A 29 -1.55 11.38 -5.48
N PHE A 30 -1.04 10.21 -5.10
CA PHE A 30 -0.93 9.84 -3.69
C PHE A 30 0.43 10.28 -3.13
N THR A 31 0.41 10.75 -1.89
CA THR A 31 1.64 11.20 -1.23
C THR A 31 2.05 10.23 -0.13
N ILE A 32 3.35 9.96 -0.04
CA ILE A 32 3.88 9.05 0.96
C ILE A 32 5.26 9.48 1.42
N CYS A 33 5.42 9.60 2.74
CA CYS A 33 6.71 10.02 3.31
C CYS A 33 6.90 9.39 4.69
N CYS A 34 7.99 8.65 4.85
CA CYS A 34 8.30 7.99 6.11
C CYS A 34 9.64 7.27 6.05
N ASP A 35 9.98 6.55 7.11
CA ASP A 35 11.23 5.82 7.18
C ASP A 35 10.98 4.34 7.45
N SER A 36 11.67 3.48 6.70
CA SER A 36 11.51 2.05 6.86
C SER A 36 11.15 1.69 8.30
N PRO A 37 9.98 1.06 8.48
CA PRO A 37 9.09 0.72 7.36
C PRO A 37 8.44 1.94 6.73
N VAL A 38 8.11 1.85 5.46
CA VAL A 38 7.48 2.95 4.75
C VAL A 38 5.98 2.97 4.97
N ARG A 39 5.37 4.15 4.83
CA ARG A 39 3.93 4.29 5.03
C ARG A 39 3.37 5.35 4.08
N VAL A 40 2.06 5.56 4.15
CA VAL A 40 1.39 6.54 3.30
C VAL A 40 0.99 7.77 4.11
N GLN A 41 1.09 8.94 3.48
CA GLN A 41 0.74 10.19 4.15
C GLN A 41 -0.73 10.54 3.90
N ALA A 42 -1.05 10.90 2.67
CA ALA A 42 -2.42 11.25 2.31
C ALA A 42 -2.70 10.92 0.85
N VAL A 43 -3.99 10.87 0.50
CA VAL A 43 -4.39 10.57 -0.87
C VAL A 43 -5.17 11.72 -1.48
N ASP A 44 -5.00 11.92 -2.79
CA ASP A 44 -5.70 12.99 -3.49
C ASP A 44 -7.16 12.63 -3.74
N SER A 45 -8.03 13.63 -3.64
CA SER A 45 -9.46 13.42 -3.85
C SER A 45 -9.79 13.31 -5.34
N GLY A 46 -10.62 12.34 -5.68
CA GLY A 46 -10.99 12.16 -7.08
C GLY A 46 -9.80 12.05 -8.00
N GLY A 47 -8.85 11.18 -7.64
CA GLY A 47 -7.66 11.00 -8.45
C GLY A 47 -7.43 9.56 -8.84
N PRO A 48 -6.24 9.26 -9.35
CA PRO A 48 -5.86 7.91 -9.77
C PRO A 48 -5.70 6.95 -8.59
N ALA A 49 -5.06 7.43 -7.53
CA ALA A 49 -4.83 6.62 -6.34
C ALA A 49 -6.15 6.32 -5.63
N GLU A 50 -6.89 7.38 -5.29
CA GLU A 50 -8.18 7.22 -4.61
C GLU A 50 -9.10 6.30 -5.40
N ARG A 51 -9.49 6.75 -6.59
CA ARG A 51 -10.39 5.96 -7.43
C ARG A 51 -9.99 4.48 -7.43
N ALA A 52 -8.69 4.23 -7.55
CA ALA A 52 -8.18 2.86 -7.56
C ALA A 52 -8.52 2.15 -6.26
N GLY A 53 -8.50 2.88 -5.15
CA GLY A 53 -8.82 2.29 -3.87
C GLY A 53 -7.65 2.35 -2.91
N LEU A 54 -6.96 3.48 -2.88
CA LEU A 54 -5.81 3.66 -2.00
C LEU A 54 -6.20 4.44 -0.74
N GLN A 55 -6.03 3.82 0.42
CA GLN A 55 -6.36 4.46 1.68
C GLN A 55 -5.11 4.77 2.47
N GLN A 56 -4.92 6.04 2.80
CA GLN A 56 -3.76 6.49 3.56
C GLN A 56 -3.65 5.72 4.87
N LEU A 57 -2.56 5.95 5.60
CA LEU A 57 -2.33 5.28 6.88
C LEU A 57 -2.11 3.78 6.68
N ASP A 58 -1.37 3.44 5.63
CA ASP A 58 -1.07 2.04 5.33
C ASP A 58 0.43 1.82 5.19
N THR A 59 0.86 0.58 5.36
CA THR A 59 2.26 0.23 5.26
C THR A 59 2.57 -0.45 3.93
N VAL A 60 3.58 0.06 3.22
CA VAL A 60 3.97 -0.51 1.94
C VAL A 60 4.63 -1.88 2.11
N LEU A 61 3.95 -2.92 1.65
CA LEU A 61 4.49 -4.28 1.76
C LEU A 61 5.60 -4.50 0.75
N GLN A 62 5.26 -4.48 -0.54
CA GLN A 62 6.23 -4.69 -1.60
C GLN A 62 5.83 -3.94 -2.86
N LEU A 63 6.83 -3.51 -3.63
CA LEU A 63 6.57 -2.78 -4.87
C LEU A 63 7.30 -3.42 -6.04
N ASN A 64 6.64 -3.49 -7.18
CA ASN A 64 7.23 -4.09 -8.38
C ASN A 64 7.79 -5.47 -8.08
N GLU A 65 7.07 -6.23 -7.26
CA GLU A 65 7.50 -7.57 -6.90
C GLU A 65 8.80 -7.53 -6.10
N ARG A 66 9.01 -6.44 -5.37
CA ARG A 66 10.21 -6.28 -4.57
C ARG A 66 9.87 -5.88 -3.14
N PRO A 67 10.61 -6.42 -2.17
CA PRO A 67 10.41 -6.13 -0.75
C PRO A 67 10.80 -4.70 -0.39
N VAL A 68 9.84 -3.94 0.12
CA VAL A 68 10.09 -2.56 0.50
C VAL A 68 9.69 -2.31 1.96
N GLU A 69 9.56 -3.39 2.72
CA GLU A 69 9.20 -3.30 4.13
C GLU A 69 10.28 -2.58 4.93
N HIS A 70 11.51 -2.63 4.42
CA HIS A 70 12.63 -1.98 5.09
C HIS A 70 13.24 -0.90 4.20
N TRP A 71 12.41 -0.28 3.37
CA TRP A 71 12.87 0.77 2.48
C TRP A 71 12.56 2.15 3.05
N LYS A 72 13.39 3.12 2.71
CA LYS A 72 13.21 4.48 3.19
C LYS A 72 12.57 5.36 2.13
N CYS A 73 11.83 6.38 2.57
CA CYS A 73 11.16 7.29 1.65
C CYS A 73 12.00 7.50 0.38
N VAL A 74 13.28 7.79 0.57
CA VAL A 74 14.18 8.00 -0.56
C VAL A 74 14.32 6.74 -1.40
N GLU A 75 14.84 5.68 -0.79
CA GLU A 75 15.03 4.42 -1.49
C GLU A 75 13.80 4.06 -2.32
N LEU A 76 12.63 4.16 -1.70
CA LEU A 76 11.38 3.85 -2.38
C LEU A 76 11.14 4.80 -3.54
N ALA A 77 10.88 6.07 -3.22
CA ALA A 77 10.63 7.09 -4.24
C ALA A 77 11.47 6.82 -5.49
N HIS A 78 12.67 6.28 -5.28
CA HIS A 78 13.57 5.97 -6.39
C HIS A 78 12.93 4.97 -7.35
N GLU A 79 12.42 3.87 -6.79
CA GLU A 79 11.79 2.84 -7.60
C GLU A 79 10.53 3.36 -8.27
N ILE A 80 9.60 3.85 -7.47
CA ILE A 80 8.35 4.39 -7.99
C ILE A 80 8.59 5.24 -9.24
N ARG A 81 9.78 5.82 -9.34
CA ARG A 81 10.13 6.65 -10.48
C ARG A 81 10.55 5.78 -11.67
N SER A 82 11.23 4.68 -11.37
CA SER A 82 11.69 3.77 -12.42
C SER A 82 10.66 3.66 -13.54
N CYS A 83 9.38 3.67 -13.17
CA CYS A 83 8.30 3.57 -14.14
C CYS A 83 7.43 4.82 -14.10
N PRO A 84 7.66 5.73 -15.06
CA PRO A 84 6.89 6.98 -15.16
C PRO A 84 5.44 6.75 -15.59
N SER A 85 5.17 5.57 -16.13
CA SER A 85 3.83 5.22 -16.58
C SER A 85 2.96 4.80 -15.40
N GLU A 86 3.19 3.58 -14.92
CA GLU A 86 2.42 3.05 -13.79
C GLU A 86 3.30 2.15 -12.92
N ILE A 87 2.92 2.06 -11.64
CA ILE A 87 3.67 1.23 -10.70
C ILE A 87 2.73 0.42 -9.81
N ILE A 88 3.24 -0.68 -9.28
CA ILE A 88 2.44 -1.54 -8.41
C ILE A 88 2.95 -1.49 -6.97
N LEU A 89 2.18 -0.86 -6.10
CA LEU A 89 2.55 -0.74 -4.69
C LEU A 89 1.60 -1.56 -3.81
N LEU A 90 2.11 -2.65 -3.25
CA LEU A 90 1.31 -3.51 -2.38
C LEU A 90 1.29 -2.98 -0.96
N VAL A 91 0.10 -2.93 -0.36
CA VAL A 91 -0.06 -2.44 1.00
C VAL A 91 -0.88 -3.41 1.83
N TRP A 92 -0.83 -3.23 3.15
CA TRP A 92 -1.57 -4.10 4.07
C TRP A 92 -2.71 -3.34 4.74
N ARG A 93 -3.87 -3.97 4.81
CA ARG A 93 -5.04 -3.35 5.43
C ARG A 93 -5.54 -4.19 6.60
N VAL A 94 -6.24 -3.53 7.53
CA VAL A 94 -6.77 -4.22 8.70
C VAL A 94 -8.28 -3.98 8.84
N SER A 95 -9.05 -5.07 8.81
CA SER A 95 -10.49 -4.98 8.93
C SER A 95 -10.96 -5.39 10.33
N GLY A 96 -11.23 -4.40 11.18
CA GLY A 96 -11.68 -4.68 12.52
C GLY A 96 -11.97 -3.43 13.31
N PRO A 97 -13.24 -2.99 13.28
CA PRO A 97 -13.68 -1.79 13.99
C PRO A 97 -13.67 -1.97 15.50
N SER A 98 -12.86 -1.18 16.19
CA SER A 98 -12.76 -1.26 17.64
C SER A 98 -12.35 0.08 18.24
N SER A 99 -12.62 0.27 19.52
CA SER A 99 -12.29 1.51 20.21
C SER A 99 -10.95 1.38 20.94
N GLY A 100 -9.97 2.14 20.48
CA GLY A 100 -8.65 2.11 21.11
C GLY A 100 -8.54 3.04 22.29
N GLY A 1 -0.65 -41.66 10.74
CA GLY A 1 0.06 -41.71 9.48
C GLY A 1 -0.69 -41.01 8.36
N SER A 2 -0.78 -39.68 8.45
CA SER A 2 -1.49 -38.89 7.45
C SER A 2 -1.26 -37.41 7.68
N SER A 3 -1.58 -36.60 6.67
CA SER A 3 -1.41 -35.16 6.75
C SER A 3 -2.58 -34.52 7.50
N GLY A 4 -2.29 -33.95 8.66
CA GLY A 4 -3.33 -33.32 9.46
C GLY A 4 -2.82 -32.82 10.79
N SER A 5 -3.14 -31.58 11.13
CA SER A 5 -2.71 -30.98 12.39
C SER A 5 -3.64 -29.85 12.81
N SER A 6 -3.39 -29.30 13.99
CA SER A 6 -4.20 -28.21 14.51
C SER A 6 -3.33 -27.09 15.05
N GLY A 7 -3.69 -25.85 14.69
CA GLY A 7 -2.92 -24.70 15.15
C GLY A 7 -3.79 -23.62 15.74
N GLU A 8 -4.67 -23.05 14.92
CA GLU A 8 -5.58 -22.00 15.37
C GLU A 8 -4.84 -21.02 16.28
N GLY A 9 -3.70 -20.52 15.82
CA GLY A 9 -2.93 -19.58 16.61
C GLY A 9 -3.54 -18.19 16.63
N ASP A 10 -3.28 -17.42 15.58
CA ASP A 10 -3.81 -16.06 15.47
C ASP A 10 -4.65 -15.91 14.22
N PRO A 11 -5.82 -15.27 14.38
CA PRO A 11 -6.76 -15.05 13.28
C PRO A 11 -6.23 -14.04 12.26
N GLU A 12 -7.03 -13.75 11.24
CA GLU A 12 -6.64 -12.81 10.20
C GLU A 12 -7.62 -11.64 10.14
N ASN A 13 -7.19 -10.49 10.63
CA ASN A 13 -8.02 -9.28 10.63
C ASN A 13 -7.82 -8.48 9.35
N GLY A 14 -6.55 -8.29 8.97
CA GLY A 14 -6.24 -7.53 7.77
C GLY A 14 -5.51 -8.36 6.74
N GLU A 15 -5.46 -7.86 5.51
CA GLU A 15 -4.79 -8.57 4.42
C GLU A 15 -4.08 -7.59 3.49
N LYS A 16 -2.97 -8.04 2.91
CA LYS A 16 -2.19 -7.20 1.99
C LYS A 16 -2.79 -7.24 0.59
N LEU A 17 -3.40 -6.14 0.18
CA LEU A 17 -4.01 -6.03 -1.14
C LEU A 17 -3.21 -5.10 -2.04
N GLN A 18 -3.20 -5.40 -3.33
CA GLN A 18 -2.46 -4.58 -4.30
C GLN A 18 -3.40 -3.58 -4.97
N ILE A 19 -2.85 -2.41 -5.30
CA ILE A 19 -3.64 -1.37 -5.96
C ILE A 19 -2.85 -0.70 -7.08
N THR A 20 -3.26 -0.97 -8.32
CA THR A 20 -2.58 -0.41 -9.48
C THR A 20 -2.86 1.09 -9.60
N ILE A 21 -1.81 1.89 -9.60
CA ILE A 21 -1.94 3.34 -9.71
C ILE A 21 -1.06 3.89 -10.83
N ARG A 22 -1.64 4.73 -11.69
CA ARG A 22 -0.91 5.32 -12.80
C ARG A 22 -0.69 6.81 -12.56
N ARG A 23 0.44 7.33 -13.05
CA ARG A 23 0.78 8.73 -12.88
C ARG A 23 -0.32 9.63 -13.47
N GLY A 24 -1.00 10.35 -12.59
CA GLY A 24 -2.07 11.22 -13.04
C GLY A 24 -1.96 12.62 -12.45
N LYS A 25 -1.44 12.71 -11.23
CA LYS A 25 -1.28 13.99 -10.55
C LYS A 25 0.15 14.16 -10.06
N ASP A 26 0.42 15.33 -9.47
CA ASP A 26 1.76 15.62 -8.96
C ASP A 26 2.12 14.68 -7.82
N GLY A 27 2.50 13.45 -8.17
CA GLY A 27 2.87 12.47 -7.17
C GLY A 27 1.96 11.26 -7.17
N PHE A 28 1.78 10.66 -8.36
CA PHE A 28 0.93 9.49 -8.50
C PHE A 28 -0.40 9.69 -7.76
N GLY A 29 -0.81 10.94 -7.63
CA GLY A 29 -2.05 11.25 -6.95
C GLY A 29 -1.93 11.14 -5.45
N PHE A 30 -1.35 10.04 -4.98
CA PHE A 30 -1.18 9.82 -3.55
C PHE A 30 0.26 10.13 -3.12
N THR A 31 0.41 10.68 -1.92
CA THR A 31 1.73 11.03 -1.40
C THR A 31 2.16 10.04 -0.32
N ILE A 32 3.43 9.63 -0.39
CA ILE A 32 3.96 8.69 0.59
C ILE A 32 5.35 9.12 1.06
N CYS A 33 5.50 9.26 2.36
CA CYS A 33 6.78 9.67 2.94
C CYS A 33 6.92 9.15 4.37
N CYS A 34 7.99 8.39 4.61
CA CYS A 34 8.24 7.82 5.92
C CYS A 34 9.57 7.07 5.95
N ASP A 35 9.90 6.49 7.10
CA ASP A 35 11.14 5.74 7.25
C ASP A 35 10.86 4.26 7.47
N SER A 36 11.59 3.42 6.74
CA SER A 36 11.41 1.97 6.85
C SER A 36 10.99 1.58 8.25
N PRO A 37 9.81 0.94 8.37
CA PRO A 37 8.98 0.62 7.20
C PRO A 37 8.35 1.86 6.59
N VAL A 38 8.10 1.81 5.28
CA VAL A 38 7.50 2.94 4.58
C VAL A 38 5.99 2.99 4.81
N ARG A 39 5.47 4.20 4.96
CA ARG A 39 4.04 4.38 5.18
C ARG A 39 3.49 5.49 4.28
N VAL A 40 2.17 5.66 4.31
CA VAL A 40 1.51 6.69 3.50
C VAL A 40 1.33 7.98 4.29
N GLN A 41 1.38 9.10 3.59
CA GLN A 41 1.22 10.41 4.22
C GLN A 41 -0.22 10.90 4.09
N ALA A 42 -0.69 10.99 2.85
CA ALA A 42 -2.06 11.46 2.58
C ALA A 42 -2.47 11.13 1.15
N VAL A 43 -3.70 10.67 0.99
CA VAL A 43 -4.21 10.33 -0.34
C VAL A 43 -5.06 11.46 -0.91
N ASP A 44 -4.87 11.74 -2.19
CA ASP A 44 -5.61 12.81 -2.86
C ASP A 44 -7.03 12.35 -3.19
N SER A 45 -8.00 13.18 -2.84
CA SER A 45 -9.40 12.86 -3.10
C SER A 45 -9.77 13.14 -4.55
N GLY A 46 -10.18 12.10 -5.27
CA GLY A 46 -10.54 12.26 -6.66
C GLY A 46 -9.37 12.11 -7.59
N GLY A 47 -8.39 11.30 -7.19
CA GLY A 47 -7.21 11.08 -8.02
C GLY A 47 -7.08 9.64 -8.48
N PRO A 48 -5.98 9.34 -9.19
CA PRO A 48 -5.72 8.00 -9.71
C PRO A 48 -5.39 7.01 -8.60
N ALA A 49 -5.32 7.50 -7.37
CA ALA A 49 -5.02 6.65 -6.22
C ALA A 49 -6.29 6.08 -5.61
N GLU A 50 -7.18 6.96 -5.16
CA GLU A 50 -8.43 6.54 -4.54
C GLU A 50 -9.28 5.75 -5.55
N ARG A 51 -9.41 6.27 -6.75
CA ARG A 51 -10.20 5.62 -7.79
C ARG A 51 -9.80 4.15 -7.92
N ALA A 52 -8.59 3.83 -7.48
CA ALA A 52 -8.09 2.46 -7.55
C ALA A 52 -8.40 1.69 -6.27
N GLY A 53 -8.42 2.41 -5.15
CA GLY A 53 -8.70 1.80 -3.87
C GLY A 53 -7.54 1.92 -2.89
N LEU A 54 -6.94 3.10 -2.85
CA LEU A 54 -5.82 3.35 -1.96
C LEU A 54 -6.27 4.12 -0.71
N GLN A 55 -5.77 3.71 0.44
CA GLN A 55 -6.12 4.35 1.70
C GLN A 55 -4.88 4.90 2.40
N GLN A 56 -4.95 6.15 2.84
CA GLN A 56 -3.83 6.79 3.51
C GLN A 56 -3.53 6.10 4.84
N LEU A 57 -2.38 6.43 5.42
CA LEU A 57 -1.97 5.83 6.70
C LEU A 57 -1.80 4.31 6.55
N ASP A 58 -1.20 3.89 5.45
CA ASP A 58 -0.97 2.47 5.19
C ASP A 58 0.51 2.17 5.07
N THR A 59 0.90 0.93 5.36
CA THR A 59 2.29 0.52 5.28
C THR A 59 2.58 -0.21 3.98
N VAL A 60 3.69 0.13 3.35
CA VAL A 60 4.08 -0.50 2.08
C VAL A 60 4.84 -1.79 2.33
N LEU A 61 4.25 -2.91 1.89
CA LEU A 61 4.88 -4.22 2.05
C LEU A 61 5.87 -4.50 0.93
N GLN A 62 5.39 -4.44 -0.30
CA GLN A 62 6.25 -4.68 -1.46
C GLN A 62 5.77 -3.88 -2.67
N LEU A 63 6.72 -3.47 -3.51
CA LEU A 63 6.39 -2.69 -4.70
C LEU A 63 6.99 -3.33 -5.94
N ASN A 64 6.17 -3.48 -6.98
CA ASN A 64 6.64 -4.07 -8.24
C ASN A 64 7.17 -5.48 -8.01
N GLU A 65 6.64 -6.15 -6.99
CA GLU A 65 7.06 -7.51 -6.66
C GLU A 65 8.44 -7.51 -6.01
N ARG A 66 8.70 -6.48 -5.20
CA ARG A 66 9.99 -6.36 -4.51
C ARG A 66 9.77 -6.04 -3.03
N PRO A 67 10.62 -6.62 -2.17
CA PRO A 67 10.56 -6.41 -0.73
C PRO A 67 10.97 -5.00 -0.32
N VAL A 68 9.99 -4.18 0.04
CA VAL A 68 10.25 -2.81 0.44
C VAL A 68 9.73 -2.54 1.85
N GLU A 69 9.59 -3.60 2.64
CA GLU A 69 9.09 -3.48 4.01
C GLU A 69 10.10 -2.75 4.89
N HIS A 70 11.37 -2.89 4.55
CA HIS A 70 12.44 -2.24 5.31
C HIS A 70 13.07 -1.10 4.51
N TRP A 71 12.41 -0.72 3.43
CA TRP A 71 12.90 0.36 2.57
C TRP A 71 12.49 1.72 3.13
N LYS A 72 13.28 2.74 2.85
CA LYS A 72 13.00 4.09 3.31
C LYS A 72 12.36 4.93 2.21
N CYS A 73 12.13 6.20 2.50
CA CYS A 73 11.52 7.11 1.53
C CYS A 73 12.49 7.41 0.39
N VAL A 74 13.75 7.66 0.75
CA VAL A 74 14.77 7.97 -0.24
C VAL A 74 15.19 6.73 -1.01
N GLU A 75 14.82 5.56 -0.49
CA GLU A 75 15.16 4.29 -1.13
C GLU A 75 13.97 3.76 -1.93
N LEU A 76 12.77 4.20 -1.58
CA LEU A 76 11.56 3.77 -2.27
C LEU A 76 11.23 4.70 -3.44
N ALA A 77 11.04 5.98 -3.14
CA ALA A 77 10.73 6.97 -4.16
C ALA A 77 11.52 6.70 -5.44
N HIS A 78 12.81 6.40 -5.27
CA HIS A 78 13.69 6.13 -6.41
C HIS A 78 13.05 5.10 -7.34
N GLU A 79 12.55 4.01 -6.77
CA GLU A 79 11.93 2.95 -7.56
C GLU A 79 10.65 3.46 -8.22
N ILE A 80 9.75 4.03 -7.42
CA ILE A 80 8.50 4.55 -7.93
C ILE A 80 8.71 5.35 -9.21
N ARG A 81 9.71 6.22 -9.19
CA ARG A 81 10.02 7.05 -10.35
C ARG A 81 10.47 6.18 -11.53
N SER A 82 11.06 5.04 -11.23
CA SER A 82 11.53 4.12 -12.26
C SER A 82 10.51 4.02 -13.40
N CYS A 83 9.25 3.80 -13.05
CA CYS A 83 8.19 3.68 -14.03
C CYS A 83 7.22 4.85 -13.93
N PRO A 84 7.37 5.83 -14.84
CA PRO A 84 6.52 7.02 -14.87
C PRO A 84 5.10 6.70 -15.32
N SER A 85 4.96 5.73 -16.21
CA SER A 85 3.66 5.34 -16.72
C SER A 85 2.76 4.87 -15.58
N GLU A 86 3.03 3.67 -15.07
CA GLU A 86 2.24 3.11 -13.98
C GLU A 86 3.12 2.38 -12.97
N ILE A 87 2.69 2.33 -11.73
CA ILE A 87 3.44 1.65 -10.67
C ILE A 87 2.52 0.86 -9.76
N ILE A 88 2.88 -0.39 -9.50
CA ILE A 88 2.10 -1.26 -8.63
C ILE A 88 2.68 -1.31 -7.23
N LEU A 89 1.88 -0.92 -6.24
CA LEU A 89 2.33 -0.93 -4.85
C LEU A 89 1.37 -1.76 -3.99
N LEU A 90 1.95 -2.53 -3.07
CA LEU A 90 1.15 -3.37 -2.18
C LEU A 90 1.20 -2.84 -0.75
N VAL A 91 0.04 -2.79 -0.10
CA VAL A 91 -0.06 -2.31 1.27
C VAL A 91 -0.92 -3.25 2.12
N TRP A 92 -0.90 -3.01 3.44
CA TRP A 92 -1.67 -3.83 4.36
C TRP A 92 -2.83 -3.04 4.96
N ARG A 93 -4.03 -3.60 4.87
CA ARG A 93 -5.22 -2.94 5.40
C ARG A 93 -6.04 -3.91 6.25
N VAL A 94 -6.46 -3.44 7.42
CA VAL A 94 -7.25 -4.26 8.33
C VAL A 94 -8.74 -4.00 8.15
N SER A 95 -9.53 -5.07 8.09
CA SER A 95 -10.98 -4.95 7.92
C SER A 95 -11.70 -5.23 9.23
N GLY A 96 -12.07 -4.16 9.93
CA GLY A 96 -12.78 -4.30 11.19
C GLY A 96 -13.92 -3.31 11.33
N PRO A 97 -14.77 -3.54 12.35
CA PRO A 97 -15.92 -2.67 12.61
C PRO A 97 -15.51 -1.30 13.13
N SER A 98 -14.20 -1.11 13.31
CA SER A 98 -13.68 0.15 13.80
C SER A 98 -14.50 1.33 13.28
N SER A 99 -15.04 2.12 14.20
CA SER A 99 -15.85 3.28 13.83
C SER A 99 -15.08 4.20 12.89
N GLY A 100 -15.70 5.34 12.54
CA GLY A 100 -15.06 6.28 11.65
C GLY A 100 -15.99 6.74 10.55
N GLY A 1 -29.65 -28.52 16.04
CA GLY A 1 -29.34 -27.88 14.78
C GLY A 1 -28.45 -26.66 14.95
N SER A 2 -28.27 -25.90 13.88
CA SER A 2 -27.44 -24.71 13.91
C SER A 2 -27.94 -23.67 12.92
N SER A 3 -28.06 -22.42 13.38
CA SER A 3 -28.53 -21.34 12.54
C SER A 3 -27.37 -20.67 11.80
N GLY A 4 -27.68 -19.99 10.71
CA GLY A 4 -26.66 -19.31 9.93
C GLY A 4 -27.00 -17.85 9.66
N SER A 5 -26.13 -17.19 8.90
CA SER A 5 -26.34 -15.78 8.57
C SER A 5 -26.40 -14.93 9.84
N SER A 6 -25.50 -15.21 10.77
CA SER A 6 -25.46 -14.47 12.03
C SER A 6 -24.02 -14.37 12.55
N GLY A 7 -23.64 -13.18 12.99
CA GLY A 7 -22.31 -12.97 13.51
C GLY A 7 -22.24 -11.86 14.54
N GLU A 8 -22.51 -10.63 14.09
CA GLU A 8 -22.47 -9.47 14.98
C GLU A 8 -21.25 -9.52 15.89
N GLY A 9 -20.11 -9.90 15.31
CA GLY A 9 -18.88 -9.98 16.09
C GLY A 9 -17.79 -10.75 15.37
N ASP A 10 -16.78 -10.03 14.89
CA ASP A 10 -15.67 -10.66 14.17
C ASP A 10 -14.34 -10.03 14.59
N PRO A 11 -13.26 -10.83 14.50
CA PRO A 11 -11.92 -10.38 14.86
C PRO A 11 -11.36 -9.35 13.88
N GLU A 12 -10.11 -8.95 14.09
CA GLU A 12 -9.47 -7.97 13.22
C GLU A 12 -8.23 -8.57 12.54
N ASN A 13 -8.43 -9.05 11.31
CA ASN A 13 -7.34 -9.66 10.56
C ASN A 13 -7.33 -9.15 9.11
N GLY A 14 -6.52 -8.13 8.87
CA GLY A 14 -6.43 -7.56 7.53
C GLY A 14 -5.81 -8.52 6.54
N GLU A 15 -5.72 -8.09 5.28
CA GLU A 15 -5.13 -8.92 4.23
C GLU A 15 -4.27 -8.08 3.29
N LYS A 16 -3.35 -8.75 2.60
CA LYS A 16 -2.46 -8.07 1.67
C LYS A 16 -3.17 -7.79 0.34
N LEU A 17 -3.28 -6.52 -0.02
CA LEU A 17 -3.93 -6.12 -1.26
C LEU A 17 -3.03 -5.21 -2.08
N GLN A 18 -3.11 -5.34 -3.41
CA GLN A 18 -2.30 -4.52 -4.30
C GLN A 18 -3.10 -3.32 -4.83
N ILE A 19 -2.41 -2.22 -5.09
CA ILE A 19 -3.05 -1.02 -5.59
C ILE A 19 -2.30 -0.45 -6.79
N THR A 20 -2.85 -0.67 -7.99
CA THR A 20 -2.23 -0.18 -9.21
C THR A 20 -2.71 1.22 -9.54
N ILE A 21 -1.77 2.17 -9.57
CA ILE A 21 -2.09 3.56 -9.87
C ILE A 21 -1.64 3.93 -11.28
N ARG A 22 -2.36 4.87 -11.90
CA ARG A 22 -2.05 5.31 -13.25
C ARG A 22 -1.68 6.79 -13.27
N ARG A 23 -0.49 7.09 -13.76
CA ARG A 23 -0.02 8.48 -13.83
C ARG A 23 -1.17 9.42 -14.16
N GLY A 24 -1.59 10.21 -13.18
CA GLY A 24 -2.68 11.14 -13.38
C GLY A 24 -2.22 12.43 -14.04
N LYS A 25 -3.08 13.45 -14.02
CA LYS A 25 -2.76 14.73 -14.62
C LYS A 25 -1.49 15.31 -14.02
N ASP A 26 -1.27 15.03 -12.73
CA ASP A 26 -0.09 15.52 -12.03
C ASP A 26 0.71 14.37 -11.44
N GLY A 27 0.70 13.24 -12.14
CA GLY A 27 1.43 12.07 -11.67
C GLY A 27 0.66 11.29 -10.62
N PHE A 28 1.38 10.69 -9.67
CA PHE A 28 0.74 9.91 -8.62
C PHE A 28 0.03 10.82 -7.62
N GLY A 29 -1.23 11.12 -7.89
CA GLY A 29 -2.01 11.97 -7.02
C GLY A 29 -1.72 11.71 -5.55
N PHE A 30 -1.35 10.47 -5.23
CA PHE A 30 -1.04 10.09 -3.86
C PHE A 30 0.44 10.27 -3.56
N THR A 31 0.75 10.58 -2.30
CA THR A 31 2.14 10.79 -1.89
C THR A 31 2.48 9.92 -0.68
N ILE A 32 3.69 9.38 -0.68
CA ILE A 32 4.14 8.53 0.42
C ILE A 32 5.58 8.86 0.81
N CYS A 33 5.81 9.10 2.10
CA CYS A 33 7.14 9.42 2.59
C CYS A 33 7.28 9.01 4.05
N CYS A 34 8.26 8.17 4.34
CA CYS A 34 8.51 7.71 5.69
C CYS A 34 9.75 6.82 5.75
N ASP A 35 10.39 6.78 6.91
CA ASP A 35 11.60 5.97 7.11
C ASP A 35 11.24 4.51 7.35
N SER A 36 11.89 3.61 6.62
CA SER A 36 11.63 2.18 6.76
C SER A 36 11.29 1.84 8.20
N PRO A 37 10.11 1.23 8.40
CA PRO A 37 9.18 0.92 7.30
C PRO A 37 8.56 2.17 6.70
N VAL A 38 8.25 2.11 5.41
CA VAL A 38 7.65 3.24 4.71
C VAL A 38 6.13 3.28 4.95
N ARG A 39 5.57 4.49 4.89
CA ARG A 39 4.14 4.66 5.09
C ARG A 39 3.58 5.71 4.14
N VAL A 40 2.26 5.82 4.10
CA VAL A 40 1.59 6.78 3.23
C VAL A 40 1.56 8.17 3.86
N GLN A 41 1.69 9.20 3.03
CA GLN A 41 1.69 10.57 3.52
C GLN A 41 0.28 11.17 3.42
N ALA A 42 -0.31 11.07 2.24
CA ALA A 42 -1.66 11.60 2.02
C ALA A 42 -2.18 11.21 0.64
N VAL A 43 -3.50 11.05 0.54
CA VAL A 43 -4.12 10.67 -0.72
C VAL A 43 -5.09 11.76 -1.20
N ASP A 44 -4.93 12.16 -2.45
CA ASP A 44 -5.78 13.19 -3.04
C ASP A 44 -7.20 12.67 -3.24
N SER A 45 -8.18 13.46 -2.83
CA SER A 45 -9.58 13.08 -2.96
C SER A 45 -10.02 13.14 -4.42
N GLY A 46 -10.48 12.01 -4.94
CA GLY A 46 -10.92 11.96 -6.32
C GLY A 46 -9.77 11.95 -7.31
N GLY A 47 -8.76 11.13 -7.02
CA GLY A 47 -7.61 11.05 -7.90
C GLY A 47 -7.43 9.66 -8.49
N PRO A 48 -6.32 9.46 -9.21
CA PRO A 48 -6.01 8.18 -9.85
C PRO A 48 -5.66 7.09 -8.84
N ALA A 49 -5.17 7.51 -7.67
CA ALA A 49 -4.81 6.58 -6.62
C ALA A 49 -6.03 6.10 -5.86
N GLU A 50 -6.77 7.05 -5.29
CA GLU A 50 -7.97 6.72 -4.52
C GLU A 50 -8.99 5.99 -5.40
N ARG A 51 -9.24 6.53 -6.58
CA ARG A 51 -10.19 5.93 -7.52
C ARG A 51 -9.96 4.42 -7.63
N ALA A 52 -8.69 4.02 -7.54
CA ALA A 52 -8.33 2.61 -7.64
C ALA A 52 -8.65 1.88 -6.34
N GLY A 53 -8.32 2.50 -5.21
CA GLY A 53 -8.58 1.90 -3.92
C GLY A 53 -7.43 2.08 -2.96
N LEU A 54 -6.77 3.23 -3.03
CA LEU A 54 -5.64 3.53 -2.15
C LEU A 54 -6.10 4.22 -0.88
N GLN A 55 -5.71 3.67 0.26
CA GLN A 55 -6.09 4.24 1.56
C GLN A 55 -4.87 4.83 2.26
N GLN A 56 -5.06 6.00 2.86
CA GLN A 56 -3.98 6.68 3.57
C GLN A 56 -3.62 5.93 4.85
N LEU A 57 -2.45 6.23 5.39
CA LEU A 57 -1.98 5.59 6.62
C LEU A 57 -1.80 4.10 6.41
N ASP A 58 -1.39 3.72 5.20
CA ASP A 58 -1.18 2.31 4.86
C ASP A 58 0.30 2.00 4.74
N THR A 59 0.74 0.93 5.40
CA THR A 59 2.14 0.53 5.37
C THR A 59 2.48 -0.15 4.04
N VAL A 60 3.67 0.15 3.52
CA VAL A 60 4.12 -0.44 2.26
C VAL A 60 4.91 -1.72 2.51
N LEU A 61 4.32 -2.85 2.12
CA LEU A 61 4.98 -4.14 2.28
C LEU A 61 6.00 -4.39 1.18
N GLN A 62 5.52 -4.49 -0.05
CA GLN A 62 6.39 -4.73 -1.20
C GLN A 62 5.96 -3.88 -2.39
N LEU A 63 6.92 -3.45 -3.19
CA LEU A 63 6.65 -2.63 -4.36
C LEU A 63 7.09 -3.35 -5.64
N ASN A 64 6.25 -3.29 -6.66
CA ASN A 64 6.54 -3.94 -7.94
C ASN A 64 7.06 -5.36 -7.72
N GLU A 65 6.39 -6.10 -6.84
CA GLU A 65 6.77 -7.47 -6.55
C GLU A 65 8.17 -7.52 -5.93
N ARG A 66 8.53 -6.48 -5.20
CA ARG A 66 9.84 -6.40 -4.56
C ARG A 66 9.71 -5.99 -3.09
N PRO A 67 10.57 -6.55 -2.24
CA PRO A 67 10.57 -6.26 -0.80
C PRO A 67 11.03 -4.84 -0.50
N VAL A 68 10.19 -4.07 0.19
CA VAL A 68 10.52 -2.70 0.54
C VAL A 68 10.16 -2.40 2.00
N GLU A 69 10.18 -3.45 2.82
CA GLU A 69 9.86 -3.31 4.24
C GLU A 69 10.96 -2.52 4.96
N HIS A 70 12.19 -2.65 4.48
CA HIS A 70 13.32 -1.96 5.08
C HIS A 70 13.84 -0.87 4.15
N TRP A 71 12.94 -0.28 3.38
CA TRP A 71 13.32 0.78 2.44
C TRP A 71 12.89 2.14 2.96
N LYS A 72 13.74 3.14 2.76
CA LYS A 72 13.44 4.50 3.21
C LYS A 72 12.83 5.32 2.09
N CYS A 73 12.13 6.40 2.46
CA CYS A 73 11.49 7.27 1.48
C CYS A 73 12.39 7.47 0.26
N VAL A 74 13.68 7.64 0.52
CA VAL A 74 14.65 7.85 -0.57
C VAL A 74 14.86 6.56 -1.36
N GLU A 75 14.80 5.42 -0.68
CA GLU A 75 14.98 4.14 -1.33
C GLU A 75 13.76 3.76 -2.17
N LEU A 76 12.57 3.99 -1.61
CA LEU A 76 11.34 3.67 -2.31
C LEU A 76 11.07 4.69 -3.42
N ALA A 77 10.99 5.96 -3.04
CA ALA A 77 10.75 7.03 -4.01
C ALA A 77 11.43 6.74 -5.34
N HIS A 78 12.67 6.27 -5.27
CA HIS A 78 13.43 5.95 -6.47
C HIS A 78 12.74 4.87 -7.29
N GLU A 79 12.26 3.84 -6.60
CA GLU A 79 11.57 2.74 -7.27
C GLU A 79 10.26 3.21 -7.90
N ILE A 80 9.45 3.92 -7.11
CA ILE A 80 8.18 4.43 -7.59
C ILE A 80 8.37 5.34 -8.80
N ARG A 81 9.17 6.39 -8.61
CA ARG A 81 9.44 7.35 -9.68
C ARG A 81 10.03 6.65 -10.90
N SER A 82 10.75 5.56 -10.66
CA SER A 82 11.38 4.80 -11.73
C SER A 82 10.41 4.60 -12.89
N CYS A 83 9.20 4.16 -12.57
CA CYS A 83 8.18 3.93 -13.58
C CYS A 83 7.15 5.06 -13.59
N PRO A 84 7.29 5.99 -14.54
CA PRO A 84 6.39 7.13 -14.67
C PRO A 84 4.99 6.72 -15.15
N SER A 85 4.95 5.75 -16.07
CA SER A 85 3.68 5.27 -16.61
C SER A 85 2.77 4.78 -15.49
N GLU A 86 3.09 3.61 -14.95
CA GLU A 86 2.30 3.02 -13.87
C GLU A 86 3.20 2.40 -12.81
N ILE A 87 2.71 2.37 -11.57
CA ILE A 87 3.48 1.80 -10.47
C ILE A 87 2.61 0.87 -9.62
N ILE A 88 3.15 -0.28 -9.26
CA ILE A 88 2.44 -1.25 -8.46
C ILE A 88 2.98 -1.29 -7.03
N LEU A 89 2.08 -1.10 -6.06
CA LEU A 89 2.46 -1.11 -4.65
C LEU A 89 1.48 -1.94 -3.83
N LEU A 90 2.01 -2.76 -2.92
CA LEU A 90 1.18 -3.60 -2.08
C LEU A 90 1.26 -3.15 -0.62
N VAL A 91 0.11 -2.85 -0.02
CA VAL A 91 0.07 -2.41 1.36
C VAL A 91 -0.83 -3.32 2.20
N TRP A 92 -0.81 -3.15 3.51
CA TRP A 92 -1.62 -3.96 4.42
C TRP A 92 -2.81 -3.15 4.93
N ARG A 93 -4.00 -3.75 4.85
CA ARG A 93 -5.21 -3.08 5.31
C ARG A 93 -6.07 -4.04 6.12
N VAL A 94 -6.63 -3.54 7.22
CA VAL A 94 -7.48 -4.36 8.08
C VAL A 94 -8.95 -3.91 7.99
N SER A 95 -9.81 -4.84 7.58
CA SER A 95 -11.24 -4.54 7.45
C SER A 95 -11.97 -4.84 8.75
N GLY A 96 -12.94 -3.98 9.09
CA GLY A 96 -13.70 -4.16 10.31
C GLY A 96 -14.20 -2.86 10.88
N PRO A 97 -15.48 -2.83 11.26
CA PRO A 97 -16.11 -1.63 11.84
C PRO A 97 -15.59 -1.33 13.24
N SER A 98 -15.14 -0.09 13.44
CA SER A 98 -14.61 0.33 14.73
C SER A 98 -15.74 0.60 15.71
N SER A 99 -16.60 1.55 15.37
CA SER A 99 -17.73 1.92 16.23
C SER A 99 -18.98 1.16 15.81
N GLY A 100 -19.99 1.18 16.68
CA GLY A 100 -21.24 0.49 16.38
C GLY A 100 -21.62 -0.50 17.46
N GLY A 1 -8.14 -34.86 2.76
CA GLY A 1 -9.36 -34.80 3.55
C GLY A 1 -10.60 -34.98 2.70
N SER A 2 -11.72 -35.29 3.35
CA SER A 2 -12.98 -35.49 2.65
C SER A 2 -14.10 -34.70 3.32
N SER A 3 -14.35 -35.00 4.60
CA SER A 3 -15.39 -34.33 5.36
C SER A 3 -14.95 -34.06 6.79
N GLY A 4 -15.35 -32.92 7.34
CA GLY A 4 -14.98 -32.58 8.69
C GLY A 4 -13.77 -31.67 8.74
N SER A 5 -13.77 -30.63 7.91
CA SER A 5 -12.66 -29.69 7.86
C SER A 5 -12.46 -29.02 9.21
N SER A 6 -11.25 -28.53 9.45
CA SER A 6 -10.92 -27.86 10.71
C SER A 6 -10.39 -26.45 10.46
N GLY A 7 -10.55 -25.57 11.45
CA GLY A 7 -10.08 -24.22 11.31
C GLY A 7 -8.91 -23.91 12.24
N GLU A 8 -8.52 -22.64 12.29
CA GLU A 8 -7.41 -22.22 13.13
C GLU A 8 -7.88 -21.25 14.22
N GLY A 9 -7.00 -20.97 15.16
CA GLY A 9 -7.34 -20.06 16.25
C GLY A 9 -7.21 -18.61 15.85
N ASP A 10 -6.08 -18.27 15.24
CA ASP A 10 -5.82 -16.89 14.81
C ASP A 10 -6.92 -16.42 13.85
N PRO A 11 -7.67 -15.39 14.28
CA PRO A 11 -8.75 -14.81 13.47
C PRO A 11 -8.23 -14.06 12.25
N GLU A 12 -9.14 -13.38 11.55
CA GLU A 12 -8.77 -12.63 10.36
C GLU A 12 -9.08 -11.15 10.54
N ASN A 13 -8.04 -10.36 10.81
CA ASN A 13 -8.21 -8.92 11.01
C ASN A 13 -8.09 -8.17 9.69
N GLY A 14 -6.95 -8.31 9.03
CA GLY A 14 -6.74 -7.64 7.76
C GLY A 14 -6.29 -8.60 6.66
N GLU A 15 -6.16 -8.08 5.45
CA GLU A 15 -5.74 -8.90 4.32
C GLU A 15 -4.82 -8.12 3.40
N LYS A 16 -3.91 -8.83 2.73
CA LYS A 16 -2.96 -8.20 1.82
C LYS A 16 -3.60 -7.93 0.47
N LEU A 17 -3.63 -6.66 0.07
CA LEU A 17 -4.22 -6.27 -1.20
C LEU A 17 -3.25 -5.39 -2.00
N GLN A 18 -3.30 -5.54 -3.32
CA GLN A 18 -2.43 -4.76 -4.20
C GLN A 18 -3.22 -3.65 -4.90
N ILE A 19 -2.54 -2.54 -5.17
CA ILE A 19 -3.17 -1.41 -5.83
C ILE A 19 -2.27 -0.84 -6.92
N THR A 20 -2.86 -0.62 -8.10
CA THR A 20 -2.12 -0.08 -9.23
C THR A 20 -2.43 1.40 -9.45
N ILE A 21 -1.41 2.23 -9.35
CA ILE A 21 -1.57 3.67 -9.53
C ILE A 21 -1.10 4.11 -10.90
N ARG A 22 -1.82 5.06 -11.50
CA ARG A 22 -1.47 5.57 -12.82
C ARG A 22 -0.90 6.98 -12.73
N ARG A 23 0.34 7.14 -13.19
CA ARG A 23 0.99 8.45 -13.16
C ARG A 23 0.40 9.38 -14.21
N GLY A 24 -0.48 10.28 -13.77
CA GLY A 24 -1.11 11.21 -14.67
C GLY A 24 -0.09 12.00 -15.49
N LYS A 25 -0.59 12.79 -16.43
CA LYS A 25 0.28 13.60 -17.28
C LYS A 25 1.50 14.09 -16.51
N ASP A 26 1.28 14.47 -15.26
CA ASP A 26 2.36 14.96 -14.41
C ASP A 26 2.04 14.72 -12.94
N GLY A 27 2.76 13.80 -12.32
CA GLY A 27 2.55 13.49 -10.92
C GLY A 27 1.60 12.32 -10.72
N PHE A 28 1.91 11.46 -9.76
CA PHE A 28 1.08 10.30 -9.47
C PHE A 28 -0.22 10.71 -8.79
N GLY A 29 -0.09 11.45 -7.69
CA GLY A 29 -1.27 11.90 -6.96
C GLY A 29 -1.18 11.57 -5.48
N PHE A 30 -0.63 10.40 -5.17
CA PHE A 30 -0.51 9.97 -3.78
C PHE A 30 0.84 10.39 -3.21
N THR A 31 0.82 10.82 -1.95
CA THR A 31 2.04 11.26 -1.27
C THR A 31 2.42 10.30 -0.15
N ILE A 32 3.71 9.96 -0.09
CA ILE A 32 4.20 9.05 0.94
C ILE A 32 5.62 9.42 1.36
N CYS A 33 5.80 9.63 2.67
CA CYS A 33 7.11 9.99 3.19
C CYS A 33 7.29 9.43 4.61
N CYS A 34 8.34 8.64 4.79
CA CYS A 34 8.63 8.04 6.09
C CYS A 34 9.94 7.26 6.05
N ASP A 35 10.27 6.62 7.16
CA ASP A 35 11.49 5.83 7.25
C ASP A 35 11.18 4.36 7.50
N SER A 36 11.86 3.48 6.77
CA SER A 36 11.65 2.05 6.90
C SER A 36 11.27 1.68 8.34
N PRO A 37 10.08 1.07 8.49
CA PRO A 37 9.20 0.75 7.36
C PRO A 37 8.58 2.00 6.74
N VAL A 38 8.31 1.94 5.44
CA VAL A 38 7.70 3.06 4.73
C VAL A 38 6.20 3.12 4.96
N ARG A 39 5.69 4.32 5.20
CA ARG A 39 4.26 4.50 5.42
C ARG A 39 3.68 5.51 4.44
N VAL A 40 2.37 5.74 4.53
CA VAL A 40 1.69 6.68 3.65
C VAL A 40 1.48 8.02 4.34
N GLN A 41 1.52 9.10 3.56
CA GLN A 41 1.34 10.44 4.10
C GLN A 41 -0.10 10.91 3.93
N ALA A 42 -0.50 11.14 2.67
CA ALA A 42 -1.84 11.58 2.36
C ALA A 42 -2.22 11.25 0.92
N VAL A 43 -3.48 10.88 0.71
CA VAL A 43 -3.96 10.55 -0.61
C VAL A 43 -4.74 11.70 -1.24
N ASP A 44 -4.44 12.01 -2.50
CA ASP A 44 -5.10 13.09 -3.20
C ASP A 44 -6.45 12.63 -3.76
N SER A 45 -7.53 13.08 -3.11
CA SER A 45 -8.87 12.71 -3.54
C SER A 45 -9.08 13.02 -5.03
N GLY A 46 -9.60 12.05 -5.76
CA GLY A 46 -9.84 12.24 -7.18
C GLY A 46 -8.69 11.74 -8.03
N GLY A 47 -7.49 11.71 -7.46
CA GLY A 47 -6.33 11.24 -8.20
C GLY A 47 -6.47 9.81 -8.66
N PRO A 48 -5.46 9.31 -9.38
CA PRO A 48 -5.45 7.94 -9.89
C PRO A 48 -5.30 6.90 -8.79
N ALA A 49 -4.60 7.27 -7.72
CA ALA A 49 -4.39 6.38 -6.59
C ALA A 49 -5.69 6.10 -5.86
N GLU A 50 -6.37 7.16 -5.42
CA GLU A 50 -7.63 7.01 -4.71
C GLU A 50 -8.63 6.21 -5.53
N ARG A 51 -8.87 6.64 -6.77
CA ARG A 51 -9.80 5.96 -7.65
C ARG A 51 -9.57 4.45 -7.64
N ALA A 52 -8.31 4.06 -7.83
CA ALA A 52 -7.96 2.64 -7.83
C ALA A 52 -8.39 1.96 -6.54
N GLY A 53 -8.15 2.62 -5.41
CA GLY A 53 -8.54 2.05 -4.13
C GLY A 53 -7.43 2.15 -3.11
N LEU A 54 -6.70 3.26 -3.12
CA LEU A 54 -5.60 3.48 -2.19
C LEU A 54 -6.09 4.15 -0.91
N GLN A 55 -5.64 3.65 0.24
CA GLN A 55 -6.04 4.20 1.52
C GLN A 55 -4.85 4.82 2.24
N GLN A 56 -5.08 5.96 2.88
CA GLN A 56 -4.02 6.66 3.60
C GLN A 56 -3.71 5.96 4.92
N LEU A 57 -2.54 6.27 5.49
CA LEU A 57 -2.14 5.68 6.75
C LEU A 57 -1.88 4.18 6.59
N ASP A 58 -1.44 3.78 5.40
CA ASP A 58 -1.16 2.38 5.11
C ASP A 58 0.34 2.11 5.15
N THR A 59 0.70 0.88 5.51
CA THR A 59 2.11 0.49 5.59
C THR A 59 2.53 -0.29 4.35
N VAL A 60 3.57 0.18 3.68
CA VAL A 60 4.08 -0.47 2.48
C VAL A 60 4.78 -1.78 2.83
N LEU A 61 4.32 -2.87 2.23
CA LEU A 61 4.91 -4.18 2.48
C LEU A 61 5.95 -4.52 1.40
N GLN A 62 5.51 -4.52 0.15
CA GLN A 62 6.40 -4.82 -0.96
C GLN A 62 5.91 -4.16 -2.24
N LEU A 63 6.85 -3.74 -3.08
CA LEU A 63 6.52 -3.09 -4.35
C LEU A 63 7.05 -3.90 -5.53
N ASN A 64 6.26 -3.96 -6.60
CA ASN A 64 6.65 -4.70 -7.79
C ASN A 64 7.11 -6.11 -7.44
N GLU A 65 6.44 -6.72 -6.46
CA GLU A 65 6.78 -8.07 -6.03
C GLU A 65 8.19 -8.10 -5.42
N ARG A 66 8.64 -6.96 -4.92
CA ARG A 66 9.96 -6.87 -4.32
C ARG A 66 9.87 -6.33 -2.89
N PRO A 67 10.72 -6.86 -2.01
CA PRO A 67 10.76 -6.45 -0.60
C PRO A 67 11.30 -5.03 -0.41
N VAL A 68 10.50 -4.17 0.21
CA VAL A 68 10.89 -2.78 0.44
C VAL A 68 10.58 -2.37 1.87
N GLU A 69 10.49 -3.34 2.76
CA GLU A 69 10.20 -3.07 4.16
C GLU A 69 11.34 -2.28 4.81
N HIS A 70 12.55 -2.49 4.32
CA HIS A 70 13.72 -1.80 4.85
C HIS A 70 14.14 -0.64 3.94
N TRP A 71 13.16 -0.10 3.22
CA TRP A 71 13.43 1.01 2.30
C TRP A 71 12.95 2.33 2.90
N LYS A 72 13.54 3.43 2.44
CA LYS A 72 13.17 4.76 2.93
C LYS A 72 12.51 5.58 1.82
N CYS A 73 11.80 6.63 2.22
CA CYS A 73 11.12 7.49 1.27
C CYS A 73 11.91 7.60 -0.03
N VAL A 74 13.20 7.85 0.09
CA VAL A 74 14.07 7.99 -1.07
C VAL A 74 14.13 6.68 -1.86
N GLU A 75 14.85 5.70 -1.33
CA GLU A 75 14.99 4.41 -1.98
C GLU A 75 13.70 4.02 -2.71
N LEU A 76 12.59 4.05 -1.97
CA LEU A 76 11.29 3.71 -2.54
C LEU A 76 10.90 4.68 -3.65
N ALA A 77 10.86 5.97 -3.32
CA ALA A 77 10.51 7.00 -4.30
C ALA A 77 11.24 6.78 -5.61
N HIS A 78 12.39 6.12 -5.54
CA HIS A 78 13.19 5.85 -6.73
C HIS A 78 12.47 4.87 -7.66
N GLU A 79 11.81 3.88 -7.07
CA GLU A 79 11.08 2.89 -7.85
C GLU A 79 9.84 3.51 -8.50
N ILE A 80 9.13 4.33 -7.74
CA ILE A 80 7.93 4.99 -8.24
C ILE A 80 8.26 5.95 -9.37
N ARG A 81 9.33 6.73 -9.19
CA ARG A 81 9.75 7.69 -10.20
C ARG A 81 10.41 6.98 -11.38
N SER A 82 11.02 5.84 -11.11
CA SER A 82 11.68 5.06 -12.15
C SER A 82 10.76 4.84 -13.34
N CYS A 83 9.55 4.37 -13.06
CA CYS A 83 8.56 4.11 -14.11
C CYS A 83 7.49 5.20 -14.13
N PRO A 84 7.62 6.14 -15.07
CA PRO A 84 6.68 7.26 -15.21
C PRO A 84 5.32 6.79 -15.74
N SER A 85 5.26 5.54 -16.18
CA SER A 85 4.02 4.98 -16.71
C SER A 85 3.08 4.56 -15.58
N GLU A 86 3.41 3.44 -14.94
CA GLU A 86 2.60 2.93 -13.84
C GLU A 86 3.46 2.16 -12.84
N ILE A 87 3.00 2.10 -11.59
CA ILE A 87 3.72 1.40 -10.54
C ILE A 87 2.77 0.60 -9.66
N ILE A 88 3.26 -0.52 -9.14
CA ILE A 88 2.46 -1.38 -8.28
C ILE A 88 3.00 -1.39 -6.85
N LEU A 89 2.11 -1.22 -5.89
CA LEU A 89 2.49 -1.21 -4.48
C LEU A 89 1.51 -2.02 -3.64
N LEU A 90 2.04 -2.88 -2.78
CA LEU A 90 1.21 -3.72 -1.91
C LEU A 90 1.26 -3.21 -0.48
N VAL A 91 0.08 -3.07 0.13
CA VAL A 91 -0.01 -2.61 1.51
C VAL A 91 -0.93 -3.50 2.33
N TRP A 92 -0.88 -3.35 3.65
CA TRP A 92 -1.71 -4.14 4.54
C TRP A 92 -2.93 -3.34 5.00
N ARG A 93 -4.10 -3.97 4.95
CA ARG A 93 -5.34 -3.32 5.36
C ARG A 93 -6.11 -4.19 6.35
N VAL A 94 -6.66 -3.56 7.38
CA VAL A 94 -7.42 -4.28 8.39
C VAL A 94 -8.89 -3.85 8.38
N SER A 95 -9.78 -4.80 8.64
CA SER A 95 -11.21 -4.52 8.67
C SER A 95 -11.73 -4.43 10.10
N GLY A 96 -11.95 -3.21 10.56
CA GLY A 96 -12.45 -3.01 11.92
C GLY A 96 -13.83 -2.39 11.94
N PRO A 97 -14.15 -1.70 13.05
CA PRO A 97 -15.45 -1.05 13.22
C PRO A 97 -15.63 0.16 12.29
N SER A 98 -16.45 -0.01 11.26
CA SER A 98 -16.70 1.07 10.31
C SER A 98 -17.67 2.09 10.87
N SER A 99 -18.79 1.60 11.39
CA SER A 99 -19.81 2.48 11.97
C SER A 99 -19.19 3.43 12.98
N GLY A 100 -18.95 4.66 12.55
CA GLY A 100 -18.36 5.66 13.44
C GLY A 100 -16.92 5.35 13.78
N GLY A 1 15.94 -14.42 19.78
CA GLY A 1 15.16 -13.21 19.99
C GLY A 1 13.71 -13.51 20.28
N SER A 2 12.87 -13.41 19.26
CA SER A 2 11.44 -13.67 19.41
C SER A 2 11.02 -14.91 18.63
N SER A 3 10.03 -15.63 19.16
CA SER A 3 9.55 -16.84 18.51
C SER A 3 8.02 -16.83 18.42
N GLY A 4 7.38 -16.53 19.54
CA GLY A 4 5.92 -16.49 19.57
C GLY A 4 5.36 -16.98 20.89
N SER A 5 4.04 -17.20 20.92
CA SER A 5 3.38 -17.67 22.13
C SER A 5 2.17 -18.52 21.79
N SER A 6 1.80 -19.41 22.72
CA SER A 6 0.65 -20.30 22.51
C SER A 6 -0.56 -19.79 23.29
N GLY A 7 -1.75 -20.24 22.87
CA GLY A 7 -2.97 -19.83 23.54
C GLY A 7 -3.40 -18.44 23.13
N GLU A 8 -3.19 -17.46 24.01
CA GLU A 8 -3.57 -16.08 23.73
C GLU A 8 -2.70 -15.49 22.63
N GLY A 9 -3.34 -14.89 21.63
CA GLY A 9 -2.61 -14.29 20.54
C GLY A 9 -3.47 -13.36 19.71
N ASP A 10 -3.49 -13.58 18.40
CA ASP A 10 -4.28 -12.75 17.50
C ASP A 10 -4.31 -13.35 16.09
N PRO A 11 -5.52 -13.72 15.63
CA PRO A 11 -5.71 -14.31 14.30
C PRO A 11 -5.47 -13.31 13.17
N GLU A 12 -5.39 -13.80 11.95
CA GLU A 12 -5.18 -12.95 10.79
C GLU A 12 -6.46 -12.21 10.41
N ASN A 13 -6.55 -10.95 10.81
CA ASN A 13 -7.72 -10.13 10.51
C ASN A 13 -7.57 -9.44 9.16
N GLY A 14 -6.62 -8.52 9.07
CA GLY A 14 -6.38 -7.81 7.83
C GLY A 14 -5.96 -8.73 6.69
N GLU A 15 -5.84 -8.17 5.50
CA GLU A 15 -5.44 -8.95 4.34
C GLU A 15 -4.53 -8.13 3.42
N LYS A 16 -3.73 -8.83 2.61
CA LYS A 16 -2.82 -8.17 1.70
C LYS A 16 -3.55 -7.67 0.45
N LEU A 17 -3.51 -6.36 0.24
CA LEU A 17 -4.19 -5.75 -0.91
C LEU A 17 -3.20 -4.91 -1.73
N GLN A 18 -3.26 -5.06 -3.04
CA GLN A 18 -2.39 -4.31 -3.94
C GLN A 18 -3.14 -3.19 -4.63
N ILE A 19 -2.43 -2.12 -4.95
CA ILE A 19 -3.03 -0.96 -5.61
C ILE A 19 -2.19 -0.51 -6.81
N THR A 20 -2.84 -0.30 -7.94
CA THR A 20 -2.15 0.13 -9.15
C THR A 20 -2.59 1.54 -9.56
N ILE A 21 -1.72 2.51 -9.34
CA ILE A 21 -2.01 3.90 -9.68
C ILE A 21 -1.29 4.31 -10.95
N ARG A 22 -2.06 4.52 -12.02
CA ARG A 22 -1.49 4.92 -13.30
C ARG A 22 -1.19 6.42 -13.32
N ARG A 23 0.03 6.78 -13.70
CA ARG A 23 0.44 8.17 -13.76
C ARG A 23 -0.57 9.00 -14.53
N GLY A 24 -1.48 9.66 -13.81
CA GLY A 24 -2.49 10.47 -14.44
C GLY A 24 -2.38 11.94 -14.05
N LYS A 25 -3.52 12.57 -13.81
CA LYS A 25 -3.54 13.97 -13.42
C LYS A 25 -2.49 14.27 -12.36
N ASP A 26 -1.39 14.88 -12.79
CA ASP A 26 -0.30 15.22 -11.88
C ASP A 26 0.34 13.96 -11.30
N GLY A 27 0.59 12.99 -12.17
CA GLY A 27 1.20 11.75 -11.73
C GLY A 27 0.41 11.07 -10.62
N PHE A 28 1.11 10.30 -9.79
CA PHE A 28 0.46 9.60 -8.68
C PHE A 28 -0.18 10.59 -7.71
N GLY A 29 -1.44 10.93 -7.96
CA GLY A 29 -2.14 11.86 -7.09
C GLY A 29 -1.85 11.62 -5.63
N PHE A 30 -1.48 10.39 -5.29
CA PHE A 30 -1.16 10.03 -3.92
C PHE A 30 0.33 10.23 -3.62
N THR A 31 0.64 10.54 -2.37
CA THR A 31 2.02 10.76 -1.96
C THR A 31 2.42 9.81 -0.84
N ILE A 32 3.72 9.64 -0.65
CA ILE A 32 4.23 8.76 0.40
C ILE A 32 5.57 9.26 0.93
N CYS A 33 5.63 9.49 2.24
CA CYS A 33 6.85 9.96 2.88
C CYS A 33 6.97 9.42 4.29
N CYS A 34 8.06 8.72 4.57
CA CYS A 34 8.29 8.14 5.89
C CYS A 34 9.65 7.44 5.94
N ASP A 35 9.93 6.79 7.08
CA ASP A 35 11.18 6.09 7.25
C ASP A 35 10.95 4.59 7.42
N SER A 36 11.73 3.79 6.69
CA SER A 36 11.59 2.34 6.75
C SER A 36 11.14 1.89 8.14
N PRO A 37 9.99 1.21 8.18
CA PRO A 37 9.20 0.90 6.99
C PRO A 37 8.55 2.15 6.39
N VAL A 38 8.36 2.12 5.08
CA VAL A 38 7.75 3.25 4.38
C VAL A 38 6.23 3.20 4.47
N ARG A 39 5.62 4.35 4.74
CA ARG A 39 4.16 4.45 4.86
C ARG A 39 3.60 5.47 3.88
N VAL A 40 2.28 5.49 3.76
CA VAL A 40 1.61 6.43 2.86
C VAL A 40 1.44 7.79 3.52
N GLN A 41 1.52 8.84 2.71
CA GLN A 41 1.38 10.21 3.21
C GLN A 41 -0.09 10.64 3.19
N ALA A 42 -0.62 10.84 1.99
CA ALA A 42 -2.01 11.26 1.82
C ALA A 42 -2.56 10.82 0.47
N VAL A 43 -3.87 10.66 0.40
CA VAL A 43 -4.53 10.25 -0.85
C VAL A 43 -5.29 11.42 -1.47
N ASP A 44 -5.14 11.57 -2.78
CA ASP A 44 -5.82 12.64 -3.50
C ASP A 44 -7.32 12.35 -3.64
N SER A 45 -8.14 13.25 -3.14
CA SER A 45 -9.59 13.09 -3.21
C SER A 45 -10.08 13.16 -4.64
N GLY A 46 -10.54 12.03 -5.16
CA GLY A 46 -11.02 11.98 -6.52
C GLY A 46 -9.91 11.93 -7.55
N GLY A 47 -8.87 11.15 -7.25
CA GLY A 47 -7.75 11.03 -8.16
C GLY A 47 -7.52 9.61 -8.62
N PRO A 48 -6.45 9.40 -9.40
CA PRO A 48 -6.10 8.07 -9.92
C PRO A 48 -5.61 7.13 -8.84
N ALA A 49 -5.62 7.60 -7.61
CA ALA A 49 -5.18 6.80 -6.47
C ALA A 49 -6.37 6.22 -5.71
N GLU A 50 -7.20 7.09 -5.17
CA GLU A 50 -8.38 6.67 -4.42
C GLU A 50 -9.37 5.92 -5.33
N ARG A 51 -9.62 6.49 -6.50
CA ARG A 51 -10.54 5.87 -7.46
C ARG A 51 -10.27 4.38 -7.59
N ALA A 52 -9.03 3.98 -7.36
CA ALA A 52 -8.64 2.57 -7.44
C ALA A 52 -8.87 1.86 -6.11
N GLY A 53 -8.64 2.58 -5.02
CA GLY A 53 -8.83 2.01 -3.69
C GLY A 53 -7.58 2.11 -2.84
N LEU A 54 -6.90 3.25 -2.94
CA LEU A 54 -5.68 3.47 -2.16
C LEU A 54 -5.98 4.32 -0.92
N GLN A 55 -5.58 3.80 0.24
CA GLN A 55 -5.80 4.51 1.50
C GLN A 55 -4.49 4.97 2.10
N GLN A 56 -4.55 6.01 2.93
CA GLN A 56 -3.37 6.55 3.58
C GLN A 56 -3.20 5.97 4.98
N LEU A 57 -2.06 6.28 5.60
CA LEU A 57 -1.77 5.79 6.94
C LEU A 57 -1.59 4.28 6.95
N ASP A 58 -1.08 3.75 5.84
CA ASP A 58 -0.85 2.31 5.71
C ASP A 58 0.63 2.00 5.57
N THR A 59 0.99 0.75 5.79
CA THR A 59 2.39 0.31 5.69
C THR A 59 2.66 -0.34 4.34
N VAL A 60 3.83 -0.03 3.77
CA VAL A 60 4.21 -0.60 2.48
C VAL A 60 4.91 -1.94 2.65
N LEU A 61 4.39 -2.96 1.98
CA LEU A 61 4.97 -4.30 2.06
C LEU A 61 6.00 -4.51 0.96
N GLN A 62 5.55 -4.46 -0.29
CA GLN A 62 6.43 -4.64 -1.43
C GLN A 62 5.95 -3.84 -2.63
N LEU A 63 6.86 -3.49 -3.51
CA LEU A 63 6.53 -2.72 -4.70
C LEU A 63 7.08 -3.40 -5.96
N ASN A 64 6.32 -3.34 -7.04
CA ASN A 64 6.72 -3.94 -8.30
C ASN A 64 7.32 -5.33 -8.07
N GLU A 65 6.69 -6.09 -7.19
CA GLU A 65 7.16 -7.45 -6.88
C GLU A 65 8.57 -7.41 -6.29
N ARG A 66 8.85 -6.35 -5.54
CA ARG A 66 10.17 -6.20 -4.91
C ARG A 66 10.03 -5.88 -3.43
N PRO A 67 10.91 -6.48 -2.61
CA PRO A 67 10.91 -6.27 -1.16
C PRO A 67 11.34 -4.86 -0.77
N VAL A 68 10.43 -4.11 -0.18
CA VAL A 68 10.71 -2.74 0.24
C VAL A 68 10.31 -2.51 1.69
N GLU A 69 10.08 -3.61 2.41
CA GLU A 69 9.68 -3.54 3.81
C GLU A 69 10.75 -2.82 4.64
N HIS A 70 12.00 -2.92 4.19
CA HIS A 70 13.11 -2.28 4.89
C HIS A 70 13.64 -1.09 4.09
N TRP A 71 12.83 -0.58 3.18
CA TRP A 71 13.22 0.55 2.35
C TRP A 71 12.74 1.87 2.96
N LYS A 72 13.47 2.94 2.68
CA LYS A 72 13.13 4.26 3.21
C LYS A 72 12.62 5.17 2.09
N CYS A 73 11.90 6.22 2.47
CA CYS A 73 11.35 7.17 1.51
C CYS A 73 12.29 7.32 0.31
N VAL A 74 13.56 7.55 0.60
CA VAL A 74 14.56 7.73 -0.45
C VAL A 74 14.69 6.48 -1.31
N GLU A 75 14.85 5.33 -0.65
CA GLU A 75 14.99 4.06 -1.35
C GLU A 75 13.79 3.81 -2.26
N LEU A 76 12.59 3.99 -1.71
CA LEU A 76 11.36 3.79 -2.47
C LEU A 76 11.20 4.87 -3.54
N ALA A 77 11.05 6.12 -3.10
CA ALA A 77 10.90 7.23 -4.02
C ALA A 77 11.69 7.01 -5.31
N HIS A 78 12.85 6.37 -5.17
CA HIS A 78 13.70 6.09 -6.32
C HIS A 78 12.98 5.17 -7.32
N GLU A 79 12.47 4.05 -6.81
CA GLU A 79 11.77 3.09 -7.65
C GLU A 79 10.54 3.72 -8.28
N ILE A 80 9.60 4.17 -7.45
CA ILE A 80 8.38 4.80 -7.93
C ILE A 80 8.64 5.61 -9.19
N ARG A 81 9.75 6.34 -9.20
CA ARG A 81 10.11 7.16 -10.35
C ARG A 81 10.60 6.31 -11.50
N SER A 82 11.41 5.29 -11.19
CA SER A 82 11.94 4.40 -12.20
C SER A 82 10.89 4.09 -13.26
N CYS A 83 9.73 3.65 -12.83
CA CYS A 83 8.63 3.32 -13.75
C CYS A 83 7.82 4.57 -14.09
N PRO A 84 7.94 5.03 -15.35
CA PRO A 84 7.22 6.21 -15.84
C PRO A 84 5.72 5.97 -15.96
N SER A 85 5.36 4.89 -16.64
CA SER A 85 3.96 4.55 -16.83
C SER A 85 3.19 4.61 -15.51
N GLU A 86 3.36 3.57 -14.69
CA GLU A 86 2.69 3.52 -13.39
C GLU A 86 3.51 2.71 -12.39
N ILE A 87 2.96 2.52 -11.20
CA ILE A 87 3.64 1.77 -10.15
C ILE A 87 2.66 0.89 -9.38
N ILE A 88 3.15 -0.25 -8.90
CA ILE A 88 2.31 -1.18 -8.15
C ILE A 88 2.83 -1.35 -6.72
N LEU A 89 2.17 -0.70 -5.77
CA LEU A 89 2.56 -0.79 -4.37
C LEU A 89 1.56 -1.61 -3.57
N LEU A 90 2.07 -2.59 -2.83
CA LEU A 90 1.22 -3.45 -2.02
C LEU A 90 1.29 -3.06 -0.54
N VAL A 91 0.13 -2.95 0.09
CA VAL A 91 0.07 -2.58 1.51
C VAL A 91 -0.85 -3.52 2.27
N TRP A 92 -0.83 -3.41 3.60
CA TRP A 92 -1.66 -4.25 4.45
C TRP A 92 -2.83 -3.46 5.02
N ARG A 93 -4.03 -4.02 4.92
CA ARG A 93 -5.23 -3.35 5.43
C ARG A 93 -5.93 -4.24 6.45
N VAL A 94 -6.71 -3.61 7.33
CA VAL A 94 -7.45 -4.34 8.35
C VAL A 94 -8.94 -4.05 8.27
N SER A 95 -9.76 -5.09 8.37
CA SER A 95 -11.21 -4.95 8.30
C SER A 95 -11.85 -5.26 9.65
N GLY A 96 -12.50 -4.26 10.23
CA GLY A 96 -13.15 -4.46 11.51
C GLY A 96 -13.09 -3.21 12.39
N PRO A 97 -14.07 -3.08 13.30
CA PRO A 97 -14.14 -1.93 14.21
C PRO A 97 -13.03 -1.94 15.26
N SER A 98 -12.88 -0.83 15.96
CA SER A 98 -11.85 -0.71 16.99
C SER A 98 -12.45 -0.88 18.38
N SER A 99 -13.43 -0.03 18.71
CA SER A 99 -14.08 -0.09 20.02
C SER A 99 -15.28 -1.03 19.98
N GLY A 100 -15.32 -1.97 20.92
CA GLY A 100 -16.41 -2.92 20.98
C GLY A 100 -17.03 -3.01 22.36
N GLY A 1 -16.92 -35.15 1.97
CA GLY A 1 -15.49 -34.98 2.19
C GLY A 1 -15.18 -34.44 3.57
N SER A 2 -13.90 -34.19 3.82
CA SER A 2 -13.47 -33.66 5.11
C SER A 2 -13.18 -32.16 5.02
N SER A 3 -12.21 -31.80 4.19
CA SER A 3 -11.83 -30.41 4.01
C SER A 3 -11.91 -29.65 5.33
N GLY A 4 -11.40 -30.27 6.40
CA GLY A 4 -11.42 -29.65 7.71
C GLY A 4 -10.12 -28.95 8.03
N SER A 5 -10.21 -27.75 8.59
CA SER A 5 -9.04 -26.97 8.94
C SER A 5 -9.43 -25.73 9.73
N SER A 6 -8.95 -25.65 10.98
CA SER A 6 -9.26 -24.51 11.84
C SER A 6 -8.11 -24.26 12.82
N GLY A 7 -8.14 -23.09 13.46
CA GLY A 7 -7.10 -22.74 14.41
C GLY A 7 -7.66 -22.42 15.79
N GLU A 8 -8.97 -22.30 15.87
CA GLU A 8 -9.63 -21.99 17.14
C GLU A 8 -8.81 -20.98 17.94
N GLY A 9 -8.47 -19.86 17.30
CA GLY A 9 -7.69 -18.84 17.96
C GLY A 9 -8.11 -17.44 17.57
N ASP A 10 -7.36 -16.83 16.66
CA ASP A 10 -7.68 -15.48 16.20
C ASP A 10 -7.18 -15.27 14.77
N PRO A 11 -8.12 -15.26 13.81
CA PRO A 11 -7.80 -15.08 12.39
C PRO A 11 -7.36 -13.65 12.08
N GLU A 12 -6.91 -13.43 10.85
CA GLU A 12 -6.45 -12.11 10.43
C GLU A 12 -7.55 -11.37 9.68
N ASN A 13 -8.03 -10.27 10.27
CA ASN A 13 -9.09 -9.47 9.66
C ASN A 13 -8.57 -8.81 8.38
N GLY A 14 -7.51 -8.03 8.49
CA GLY A 14 -6.95 -7.35 7.34
C GLY A 14 -6.35 -8.31 6.35
N GLU A 15 -6.19 -7.85 5.10
CA GLU A 15 -5.63 -8.69 4.05
C GLU A 15 -4.68 -7.87 3.16
N LYS A 16 -3.73 -8.55 2.54
CA LYS A 16 -2.76 -7.90 1.67
C LYS A 16 -3.41 -7.49 0.35
N LEU A 17 -3.52 -6.18 0.13
CA LEU A 17 -4.11 -5.66 -1.09
C LEU A 17 -3.12 -4.78 -1.85
N GLN A 18 -3.00 -5.01 -3.15
CA GLN A 18 -2.10 -4.24 -3.98
C GLN A 18 -2.85 -3.15 -4.74
N ILE A 19 -2.21 -1.99 -4.89
CA ILE A 19 -2.82 -0.87 -5.60
C ILE A 19 -1.91 -0.36 -6.71
N THR A 20 -2.46 -0.27 -7.92
CA THR A 20 -1.69 0.20 -9.06
C THR A 20 -2.20 1.56 -9.54
N ILE A 21 -1.39 2.60 -9.32
CA ILE A 21 -1.76 3.95 -9.72
C ILE A 21 -1.14 4.30 -11.07
N ARG A 22 -1.99 4.51 -12.07
CA ARG A 22 -1.53 4.86 -13.41
C ARG A 22 -1.24 6.36 -13.51
N ARG A 23 -0.02 6.69 -13.90
CA ARG A 23 0.38 8.09 -14.04
C ARG A 23 -0.51 8.81 -15.04
N GLY A 24 -1.43 9.63 -14.53
CA GLY A 24 -2.33 10.37 -15.39
C GLY A 24 -1.66 11.56 -16.04
N LYS A 25 -1.97 12.76 -15.54
CA LYS A 25 -1.39 13.99 -16.07
C LYS A 25 -0.53 14.68 -15.03
N ASP A 26 -0.91 14.53 -13.76
CA ASP A 26 -0.16 15.15 -12.67
C ASP A 26 0.43 14.09 -11.75
N GLY A 27 1.48 13.43 -12.21
CA GLY A 27 2.13 12.40 -11.42
C GLY A 27 1.22 11.21 -11.18
N PHE A 28 1.13 10.77 -9.93
CA PHE A 28 0.29 9.64 -9.57
C PHE A 28 -1.00 10.10 -8.90
N GLY A 29 -0.86 10.78 -7.77
CA GLY A 29 -2.03 11.27 -7.05
C GLY A 29 -1.85 11.17 -5.55
N PHE A 30 -1.43 10.01 -5.07
CA PHE A 30 -1.23 9.80 -3.64
C PHE A 30 0.20 10.13 -3.23
N THR A 31 0.36 10.60 -2.00
CA THR A 31 1.68 10.95 -1.50
C THR A 31 2.18 9.93 -0.48
N ILE A 32 3.49 9.90 -0.27
CA ILE A 32 4.08 8.97 0.68
C ILE A 32 5.41 9.50 1.22
N CYS A 33 5.52 9.57 2.54
CA CYS A 33 6.73 10.06 3.19
C CYS A 33 6.89 9.45 4.58
N CYS A 34 8.02 8.78 4.79
CA CYS A 34 8.31 8.15 6.07
C CYS A 34 9.69 7.52 6.07
N ASP A 35 10.01 6.82 7.16
CA ASP A 35 11.32 6.16 7.28
C ASP A 35 11.15 4.66 7.46
N SER A 36 11.94 3.90 6.70
CA SER A 36 11.88 2.44 6.77
C SER A 36 11.49 1.97 8.17
N PRO A 37 10.38 1.25 8.26
CA PRO A 37 9.55 0.91 7.11
C PRO A 37 8.83 2.12 6.53
N VAL A 38 8.60 2.10 5.23
CA VAL A 38 7.91 3.21 4.56
C VAL A 38 6.40 3.12 4.76
N ARG A 39 5.77 4.27 4.87
CA ARG A 39 4.32 4.33 5.07
C ARG A 39 3.69 5.35 4.13
N VAL A 40 2.36 5.45 4.18
CA VAL A 40 1.62 6.38 3.33
C VAL A 40 1.32 7.68 4.09
N GLN A 41 1.42 8.80 3.38
CA GLN A 41 1.16 10.10 3.98
C GLN A 41 -0.33 10.44 3.91
N ALA A 42 -0.86 10.51 2.70
CA ALA A 42 -2.27 10.82 2.48
C ALA A 42 -2.72 10.45 1.09
N VAL A 43 -4.01 10.57 0.83
CA VAL A 43 -4.57 10.24 -0.49
C VAL A 43 -5.46 11.37 -0.99
N ASP A 44 -5.17 11.85 -2.19
CA ASP A 44 -5.95 12.92 -2.79
C ASP A 44 -7.32 12.42 -3.23
N SER A 45 -8.37 13.08 -2.75
CA SER A 45 -9.74 12.70 -3.08
C SER A 45 -10.13 13.26 -4.44
N GLY A 46 -9.32 12.98 -5.45
CA GLY A 46 -9.60 13.46 -6.80
C GLY A 46 -8.56 13.01 -7.82
N GLY A 47 -8.04 11.80 -7.62
CA GLY A 47 -7.04 11.27 -8.53
C GLY A 47 -7.24 9.79 -8.82
N PRO A 48 -6.34 9.22 -9.64
CA PRO A 48 -6.40 7.81 -10.01
C PRO A 48 -6.07 6.88 -8.84
N ALA A 49 -5.77 7.48 -7.69
CA ALA A 49 -5.45 6.72 -6.49
C ALA A 49 -6.70 6.25 -5.76
N GLU A 50 -7.40 7.20 -5.15
CA GLU A 50 -8.63 6.88 -4.42
C GLU A 50 -9.51 5.94 -5.22
N ARG A 51 -9.83 6.32 -6.44
CA ARG A 51 -10.67 5.50 -7.31
C ARG A 51 -10.20 4.05 -7.31
N ALA A 52 -8.89 3.86 -7.43
CA ALA A 52 -8.32 2.52 -7.44
C ALA A 52 -8.61 1.79 -6.14
N GLY A 53 -8.42 2.47 -5.02
CA GLY A 53 -8.67 1.87 -3.73
C GLY A 53 -7.47 1.97 -2.79
N LEU A 54 -6.89 3.16 -2.72
CA LEU A 54 -5.73 3.39 -1.86
C LEU A 54 -6.13 4.18 -0.62
N GLN A 55 -5.82 3.62 0.55
CA GLN A 55 -6.15 4.28 1.81
C GLN A 55 -4.88 4.78 2.51
N GLN A 56 -4.91 6.03 2.95
CA GLN A 56 -3.77 6.64 3.63
C GLN A 56 -3.49 5.93 4.95
N LEU A 57 -2.36 6.26 5.56
CA LEU A 57 -1.98 5.65 6.83
C LEU A 57 -1.79 4.14 6.70
N ASP A 58 -1.25 3.73 5.55
CA ASP A 58 -1.02 2.32 5.29
C ASP A 58 0.48 2.02 5.23
N THR A 59 0.85 0.78 5.55
CA THR A 59 2.24 0.37 5.54
C THR A 59 2.59 -0.34 4.24
N VAL A 60 3.71 0.05 3.63
CA VAL A 60 4.15 -0.56 2.38
C VAL A 60 4.85 -1.89 2.63
N LEU A 61 4.28 -2.96 2.09
CA LEU A 61 4.85 -4.30 2.26
C LEU A 61 5.92 -4.57 1.21
N GLN A 62 5.55 -4.40 -0.06
CA GLN A 62 6.49 -4.63 -1.16
C GLN A 62 6.10 -3.79 -2.37
N LEU A 63 7.08 -3.52 -3.23
CA LEU A 63 6.84 -2.74 -4.44
C LEU A 63 7.35 -3.48 -5.68
N ASN A 64 6.64 -3.31 -6.79
CA ASN A 64 7.02 -3.96 -8.04
C ASN A 64 7.37 -5.43 -7.81
N GLU A 65 6.80 -6.02 -6.77
CA GLU A 65 7.05 -7.42 -6.44
C GLU A 65 8.44 -7.59 -5.84
N ARG A 66 8.89 -6.59 -5.08
CA ARG A 66 10.21 -6.64 -4.46
C ARG A 66 10.12 -6.23 -2.99
N PRO A 67 10.98 -6.84 -2.16
CA PRO A 67 11.03 -6.56 -0.72
C PRO A 67 11.56 -5.16 -0.42
N VAL A 68 10.69 -4.29 0.08
CA VAL A 68 11.09 -2.93 0.41
C VAL A 68 10.72 -2.58 1.86
N GLU A 69 10.44 -3.61 2.65
CA GLU A 69 10.08 -3.42 4.04
C GLU A 69 11.19 -2.71 4.80
N HIS A 70 12.42 -2.86 4.30
CA HIS A 70 13.58 -2.23 4.94
C HIS A 70 14.04 -1.01 4.14
N TRP A 71 13.22 -0.60 3.17
CA TRP A 71 13.54 0.56 2.34
C TRP A 71 12.95 1.84 2.94
N LYS A 72 13.54 2.97 2.59
CA LYS A 72 13.08 4.26 3.09
C LYS A 72 12.47 5.09 1.96
N CYS A 73 11.69 6.10 2.33
CA CYS A 73 11.04 6.96 1.36
C CYS A 73 11.97 7.22 0.16
N VAL A 74 13.24 7.46 0.45
CA VAL A 74 14.22 7.70 -0.60
C VAL A 74 14.40 6.48 -1.50
N GLU A 75 15.00 5.43 -0.93
CA GLU A 75 15.24 4.21 -1.67
C GLU A 75 14.02 3.84 -2.53
N LEU A 76 12.85 3.85 -1.90
CA LEU A 76 11.61 3.53 -2.61
C LEU A 76 11.31 4.54 -3.70
N ALA A 77 11.12 5.80 -3.30
CA ALA A 77 10.84 6.87 -4.24
C ALA A 77 11.61 6.68 -5.54
N HIS A 78 12.83 6.15 -5.43
CA HIS A 78 13.66 5.91 -6.60
C HIS A 78 12.97 4.99 -7.59
N GLU A 79 12.56 3.81 -7.11
CA GLU A 79 11.89 2.84 -7.96
C GLU A 79 10.60 3.41 -8.55
N ILE A 80 9.74 3.91 -7.66
CA ILE A 80 8.47 4.50 -8.08
C ILE A 80 8.67 5.44 -9.27
N ARG A 81 9.80 6.14 -9.29
CA ARG A 81 10.11 7.06 -10.37
C ARG A 81 10.63 6.33 -11.59
N SER A 82 11.32 5.21 -11.35
CA SER A 82 11.88 4.41 -12.44
C SER A 82 10.83 4.15 -13.52
N CYS A 83 9.72 3.54 -13.12
CA CYS A 83 8.64 3.23 -14.06
C CYS A 83 7.82 4.48 -14.37
N PRO A 84 7.92 4.96 -15.62
CA PRO A 84 7.19 6.15 -16.07
C PRO A 84 5.70 5.91 -16.18
N SER A 85 5.32 4.84 -16.85
CA SER A 85 3.91 4.49 -17.04
C SER A 85 3.16 4.55 -15.70
N GLU A 86 3.35 3.53 -14.87
CA GLU A 86 2.69 3.46 -13.58
C GLU A 86 3.53 2.64 -12.59
N ILE A 87 3.10 2.63 -11.33
CA ILE A 87 3.80 1.89 -10.29
C ILE A 87 2.84 1.00 -9.51
N ILE A 88 3.35 -0.12 -9.02
CA ILE A 88 2.54 -1.05 -8.25
C ILE A 88 3.05 -1.18 -6.82
N LEU A 89 2.28 -0.68 -5.87
CA LEU A 89 2.66 -0.74 -4.46
C LEU A 89 1.67 -1.60 -3.67
N LEU A 90 2.20 -2.40 -2.76
CA LEU A 90 1.38 -3.28 -1.93
C LEU A 90 1.39 -2.82 -0.47
N VAL A 91 0.21 -2.83 0.14
CA VAL A 91 0.08 -2.42 1.54
C VAL A 91 -0.89 -3.31 2.29
N TRP A 92 -0.93 -3.16 3.61
CA TRP A 92 -1.83 -3.95 4.44
C TRP A 92 -2.97 -3.10 4.99
N ARG A 93 -4.19 -3.60 4.86
CA ARG A 93 -5.37 -2.88 5.34
C ARG A 93 -6.28 -3.80 6.15
N VAL A 94 -6.96 -3.23 7.14
CA VAL A 94 -7.86 -4.00 7.98
C VAL A 94 -9.31 -3.76 7.60
N SER A 95 -10.00 -4.83 7.21
CA SER A 95 -11.40 -4.73 6.82
C SER A 95 -12.30 -5.48 7.80
N GLY A 96 -13.01 -4.74 8.63
CA GLY A 96 -13.89 -5.35 9.60
C GLY A 96 -14.37 -4.36 10.65
N PRO A 97 -15.61 -3.88 10.51
CA PRO A 97 -16.20 -2.92 11.44
C PRO A 97 -16.51 -3.55 12.80
N SER A 98 -15.53 -3.51 13.70
CA SER A 98 -15.69 -4.08 15.03
C SER A 98 -16.80 -3.37 15.79
N SER A 99 -17.28 -3.99 16.85
CA SER A 99 -18.34 -3.42 17.67
C SER A 99 -19.33 -2.64 16.81
N GLY A 100 -19.81 -3.28 15.74
CA GLY A 100 -20.75 -2.64 14.85
C GLY A 100 -20.63 -3.13 13.42
N GLY A 1 -30.41 -31.91 7.47
CA GLY A 1 -31.39 -31.22 6.65
C GLY A 1 -30.82 -30.01 5.96
N SER A 2 -30.50 -28.98 6.74
CA SER A 2 -29.95 -27.75 6.20
C SER A 2 -28.44 -27.87 5.99
N SER A 3 -27.94 -27.23 4.94
CA SER A 3 -26.52 -27.26 4.62
C SER A 3 -25.76 -26.16 5.35
N GLY A 4 -26.36 -24.97 5.37
CA GLY A 4 -25.74 -23.83 6.04
C GLY A 4 -24.48 -23.36 5.32
N SER A 5 -23.38 -24.05 5.56
CA SER A 5 -22.10 -23.70 4.94
C SER A 5 -21.92 -22.18 4.92
N SER A 6 -22.27 -21.54 6.02
CA SER A 6 -22.14 -20.08 6.12
C SER A 6 -20.82 -19.70 6.79
N GLY A 7 -20.01 -18.93 6.06
CA GLY A 7 -18.73 -18.50 6.60
C GLY A 7 -17.88 -17.78 5.57
N GLU A 8 -17.07 -16.84 6.02
CA GLU A 8 -16.21 -16.08 5.13
C GLU A 8 -14.77 -16.04 5.66
N GLY A 9 -13.83 -16.48 4.83
CA GLY A 9 -12.44 -16.49 5.23
C GLY A 9 -12.05 -15.25 6.03
N ASP A 10 -11.86 -15.43 7.32
CA ASP A 10 -11.48 -14.32 8.19
C ASP A 10 -9.97 -14.12 8.21
N PRO A 11 -9.52 -12.95 7.73
CA PRO A 11 -8.10 -12.61 7.67
C PRO A 11 -7.50 -12.38 9.06
N GLU A 12 -6.18 -12.20 9.10
CA GLU A 12 -5.49 -11.97 10.36
C GLU A 12 -5.15 -10.50 10.54
N ASN A 13 -6.00 -9.78 11.26
CA ASN A 13 -5.79 -8.36 11.50
C ASN A 13 -5.66 -7.59 10.19
N GLY A 14 -6.25 -8.15 9.13
CA GLY A 14 -6.20 -7.50 7.83
C GLY A 14 -5.67 -8.43 6.74
N GLU A 15 -5.69 -7.96 5.51
CA GLU A 15 -5.22 -8.76 4.38
C GLU A 15 -4.33 -7.93 3.46
N LYS A 16 -3.58 -8.60 2.59
CA LYS A 16 -2.70 -7.92 1.65
C LYS A 16 -3.42 -7.61 0.34
N LEU A 17 -3.45 -6.33 -0.02
CA LEU A 17 -4.11 -5.90 -1.24
C LEU A 17 -3.22 -4.96 -2.04
N GLN A 18 -3.13 -5.19 -3.34
CA GLN A 18 -2.32 -4.34 -4.22
C GLN A 18 -3.18 -3.32 -4.96
N ILE A 19 -2.60 -2.17 -5.27
CA ILE A 19 -3.31 -1.13 -5.98
C ILE A 19 -2.45 -0.50 -7.07
N THR A 20 -2.84 -0.69 -8.32
CA THR A 20 -2.10 -0.15 -9.45
C THR A 20 -2.50 1.29 -9.74
N ILE A 21 -1.56 2.21 -9.56
CA ILE A 21 -1.81 3.62 -9.80
C ILE A 21 -1.23 4.07 -11.13
N ARG A 22 -2.04 4.76 -11.93
CA ARG A 22 -1.61 5.24 -13.23
C ARG A 22 -1.48 6.77 -13.24
N ARG A 23 -0.28 7.25 -13.48
CA ARG A 23 -0.02 8.69 -13.51
C ARG A 23 -1.22 9.44 -14.08
N GLY A 24 -1.95 10.13 -13.22
CA GLY A 24 -3.11 10.89 -13.65
C GLY A 24 -2.74 12.03 -14.57
N LYS A 25 -3.58 13.06 -14.60
CA LYS A 25 -3.34 14.23 -15.44
C LYS A 25 -2.04 14.92 -15.05
N ASP A 26 -1.83 15.10 -13.75
CA ASP A 26 -0.63 15.75 -13.26
C ASP A 26 -0.06 14.99 -12.06
N GLY A 27 0.93 14.13 -12.33
CA GLY A 27 1.54 13.35 -11.27
C GLY A 27 0.71 12.14 -10.88
N PHE A 28 1.31 11.24 -10.12
CA PHE A 28 0.61 10.03 -9.69
C PHE A 28 -0.70 10.37 -8.99
N GLY A 29 -0.63 11.24 -8.00
CA GLY A 29 -1.83 11.63 -7.28
C GLY A 29 -1.69 11.45 -5.77
N PHE A 30 -1.09 10.34 -5.37
CA PHE A 30 -0.90 10.04 -3.96
C PHE A 30 0.51 10.42 -3.50
N THR A 31 0.65 10.71 -2.21
CA THR A 31 1.95 11.09 -1.65
C THR A 31 2.31 10.22 -0.45
N ILE A 32 3.58 9.85 -0.36
CA ILE A 32 4.06 9.02 0.74
C ILE A 32 5.47 9.39 1.14
N CYS A 33 5.69 9.56 2.45
CA CYS A 33 7.00 9.92 2.96
C CYS A 33 7.18 9.44 4.40
N CYS A 34 8.20 8.61 4.62
CA CYS A 34 8.47 8.08 5.95
C CYS A 34 9.72 7.21 5.94
N ASP A 35 10.38 7.13 7.09
CA ASP A 35 11.61 6.34 7.21
C ASP A 35 11.27 4.86 7.41
N SER A 36 11.93 4.01 6.64
CA SER A 36 11.70 2.57 6.72
C SER A 36 11.33 2.16 8.15
N PRO A 37 10.16 1.51 8.29
CA PRO A 37 9.28 1.20 7.16
C PRO A 37 8.63 2.44 6.58
N VAL A 38 8.33 2.40 5.28
CA VAL A 38 7.71 3.53 4.60
C VAL A 38 6.19 3.50 4.79
N ARG A 39 5.60 4.68 4.96
CA ARG A 39 4.16 4.80 5.15
C ARG A 39 3.56 5.81 4.18
N VAL A 40 2.24 5.93 4.19
CA VAL A 40 1.54 6.88 3.33
C VAL A 40 1.35 8.21 4.02
N GLN A 41 1.44 9.29 3.24
CA GLN A 41 1.27 10.64 3.77
C GLN A 41 -0.17 11.10 3.64
N ALA A 42 -0.65 11.19 2.41
CA ALA A 42 -2.02 11.61 2.15
C ALA A 42 -2.50 11.11 0.79
N VAL A 43 -3.81 10.93 0.66
CA VAL A 43 -4.40 10.44 -0.58
C VAL A 43 -5.30 11.50 -1.21
N ASP A 44 -5.17 11.68 -2.52
CA ASP A 44 -5.98 12.66 -3.23
C ASP A 44 -7.42 12.18 -3.38
N SER A 45 -8.36 13.04 -3.00
CA SER A 45 -9.78 12.70 -3.08
C SER A 45 -10.28 12.78 -4.53
N GLY A 46 -10.57 11.62 -5.11
CA GLY A 46 -11.05 11.59 -6.48
C GLY A 46 -9.92 11.47 -7.49
N GLY A 47 -8.90 10.70 -7.15
CA GLY A 47 -7.77 10.51 -8.04
C GLY A 47 -7.56 9.06 -8.41
N PRO A 48 -6.50 8.79 -9.18
CA PRO A 48 -6.16 7.44 -9.62
C PRO A 48 -5.68 6.55 -8.48
N ALA A 49 -5.30 7.18 -7.37
CA ALA A 49 -4.83 6.45 -6.20
C ALA A 49 -5.99 5.89 -5.39
N GLU A 50 -6.85 6.80 -4.91
CA GLU A 50 -8.00 6.40 -4.12
C GLU A 50 -8.98 5.58 -4.95
N ARG A 51 -9.46 6.16 -6.03
CA ARG A 51 -10.41 5.49 -6.92
C ARG A 51 -10.03 4.02 -7.11
N ALA A 52 -8.72 3.77 -7.24
CA ALA A 52 -8.22 2.42 -7.43
C ALA A 52 -8.42 1.58 -6.16
N GLY A 53 -8.16 2.19 -5.01
CA GLY A 53 -8.31 1.49 -3.75
C GLY A 53 -7.15 1.72 -2.80
N LEU A 54 -6.64 2.95 -2.79
CA LEU A 54 -5.51 3.30 -1.93
C LEU A 54 -6.01 3.91 -0.61
N GLN A 55 -5.49 3.39 0.49
CA GLN A 55 -5.87 3.88 1.82
C GLN A 55 -4.76 4.71 2.43
N GLN A 56 -5.15 5.79 3.11
CA GLN A 56 -4.17 6.68 3.74
C GLN A 56 -3.60 6.04 5.00
N LEU A 57 -2.41 6.50 5.40
CA LEU A 57 -1.75 5.98 6.59
C LEU A 57 -1.53 4.48 6.47
N ASP A 58 -1.23 4.02 5.26
CA ASP A 58 -0.98 2.61 5.01
C ASP A 58 0.51 2.30 5.03
N THR A 59 0.86 1.05 5.33
CA THR A 59 2.25 0.63 5.39
C THR A 59 2.65 -0.11 4.12
N VAL A 60 3.64 0.42 3.41
CA VAL A 60 4.12 -0.19 2.19
C VAL A 60 4.83 -1.51 2.47
N LEU A 61 4.19 -2.61 2.11
CA LEU A 61 4.75 -3.94 2.33
C LEU A 61 5.78 -4.28 1.25
N GLN A 62 5.32 -4.33 0.00
CA GLN A 62 6.19 -4.63 -1.12
C GLN A 62 5.80 -3.84 -2.36
N LEU A 63 6.79 -3.39 -3.12
CA LEU A 63 6.55 -2.61 -4.32
C LEU A 63 7.19 -3.28 -5.54
N ASN A 64 6.40 -3.45 -6.60
CA ASN A 64 6.89 -4.08 -7.82
C ASN A 64 7.32 -5.51 -7.56
N GLU A 65 6.40 -6.32 -7.02
CA GLU A 65 6.68 -7.71 -6.72
C GLU A 65 8.04 -7.86 -6.02
N ARG A 66 8.45 -6.82 -5.31
CA ARG A 66 9.72 -6.83 -4.60
C ARG A 66 9.55 -6.34 -3.16
N PRO A 67 10.31 -6.94 -2.23
CA PRO A 67 10.26 -6.57 -0.82
C PRO A 67 10.86 -5.19 -0.55
N VAL A 68 10.10 -4.35 0.14
CA VAL A 68 10.56 -3.00 0.46
C VAL A 68 10.30 -2.67 1.93
N GLU A 69 10.21 -3.71 2.75
CA GLU A 69 9.98 -3.52 4.18
C GLU A 69 11.14 -2.80 4.84
N HIS A 70 12.34 -2.98 4.28
CA HIS A 70 13.54 -2.35 4.81
C HIS A 70 13.99 -1.19 3.92
N TRP A 71 13.04 -0.61 3.20
CA TRP A 71 13.34 0.51 2.30
C TRP A 71 12.82 1.81 2.88
N LYS A 72 13.60 2.88 2.72
CA LYS A 72 13.22 4.19 3.22
C LYS A 72 12.51 5.01 2.14
N CYS A 73 12.22 6.26 2.45
CA CYS A 73 11.55 7.14 1.50
C CYS A 73 12.45 7.46 0.31
N VAL A 74 13.75 7.56 0.57
CA VAL A 74 14.71 7.87 -0.48
C VAL A 74 15.03 6.62 -1.30
N GLU A 75 15.12 5.47 -0.64
CA GLU A 75 15.41 4.21 -1.31
C GLU A 75 14.20 3.72 -2.10
N LEU A 76 13.01 3.93 -1.54
CA LEU A 76 11.78 3.50 -2.19
C LEU A 76 11.42 4.44 -3.35
N ALA A 77 11.16 5.70 -3.01
CA ALA A 77 10.82 6.70 -4.03
C ALA A 77 11.53 6.42 -5.34
N HIS A 78 12.79 6.01 -5.25
CA HIS A 78 13.59 5.70 -6.44
C HIS A 78 12.83 4.78 -7.38
N GLU A 79 12.34 3.67 -6.84
CA GLU A 79 11.58 2.70 -7.64
C GLU A 79 10.29 3.32 -8.16
N ILE A 80 9.59 4.01 -7.28
CA ILE A 80 8.33 4.65 -7.66
C ILE A 80 8.52 5.59 -8.84
N ARG A 81 9.62 6.32 -8.83
CA ARG A 81 9.93 7.26 -9.91
C ARG A 81 10.43 6.52 -11.15
N SER A 82 11.02 5.35 -10.94
CA SER A 82 11.55 4.56 -12.04
C SER A 82 10.54 4.48 -13.18
N CYS A 83 9.30 4.16 -12.85
CA CYS A 83 8.24 4.05 -13.84
C CYS A 83 7.15 5.09 -13.60
N PRO A 84 7.20 6.18 -14.37
CA PRO A 84 6.22 7.27 -14.25
C PRO A 84 4.83 6.86 -14.75
N SER A 85 4.78 6.31 -15.95
CA SER A 85 3.52 5.87 -16.54
C SER A 85 2.62 5.23 -15.49
N GLU A 86 3.00 4.03 -15.04
CA GLU A 86 2.23 3.31 -14.03
C GLU A 86 3.16 2.63 -13.03
N ILE A 87 2.62 2.30 -11.86
CA ILE A 87 3.40 1.65 -10.81
C ILE A 87 2.54 0.66 -10.03
N ILE A 88 3.18 -0.35 -9.46
CA ILE A 88 2.48 -1.37 -8.69
C ILE A 88 3.00 -1.43 -7.26
N LEU A 89 2.17 -0.99 -6.32
CA LEU A 89 2.54 -1.00 -4.90
C LEU A 89 1.53 -1.80 -4.07
N LEU A 90 2.05 -2.61 -3.15
CA LEU A 90 1.20 -3.43 -2.30
C LEU A 90 1.24 -2.93 -0.85
N VAL A 91 0.06 -2.75 -0.26
CA VAL A 91 -0.03 -2.29 1.12
C VAL A 91 -0.92 -3.20 1.95
N TRP A 92 -0.92 -3.00 3.26
CA TRP A 92 -1.72 -3.80 4.17
C TRP A 92 -2.97 -3.05 4.60
N ARG A 93 -4.10 -3.75 4.62
CA ARG A 93 -5.37 -3.16 5.02
C ARG A 93 -6.09 -4.02 6.04
N VAL A 94 -6.76 -3.38 6.99
CA VAL A 94 -7.49 -4.11 8.04
C VAL A 94 -8.95 -3.67 8.09
N SER A 95 -9.85 -4.63 8.14
CA SER A 95 -11.28 -4.35 8.19
C SER A 95 -11.73 -4.06 9.62
N GLY A 96 -12.67 -3.13 9.77
CA GLY A 96 -13.17 -2.79 11.08
C GLY A 96 -12.29 -1.79 11.79
N PRO A 97 -12.65 -0.50 11.69
CA PRO A 97 -11.90 0.58 12.33
C PRO A 97 -12.01 0.56 13.85
N SER A 98 -12.71 -0.44 14.37
CA SER A 98 -12.89 -0.58 15.81
C SER A 98 -11.64 -1.16 16.47
N SER A 99 -10.66 -0.30 16.71
CA SER A 99 -9.41 -0.73 17.33
C SER A 99 -9.69 -1.60 18.56
N GLY A 100 -9.42 -2.89 18.43
CA GLY A 100 -9.65 -3.81 19.54
C GLY A 100 -8.45 -4.70 19.81
N GLY A 1 -12.32 -28.45 23.59
CA GLY A 1 -11.20 -28.77 24.47
C GLY A 1 -10.60 -30.12 24.16
N SER A 2 -9.96 -30.23 23.00
CA SER A 2 -9.33 -31.48 22.59
C SER A 2 -8.54 -31.29 21.30
N SER A 3 -7.75 -32.30 20.93
CA SER A 3 -6.94 -32.24 19.73
C SER A 3 -7.80 -31.98 18.50
N GLY A 4 -7.58 -30.83 17.86
CA GLY A 4 -8.35 -30.48 16.68
C GLY A 4 -7.86 -29.21 16.02
N SER A 5 -8.70 -28.18 16.03
CA SER A 5 -8.34 -26.90 15.42
C SER A 5 -9.06 -25.76 16.12
N SER A 6 -8.29 -24.78 16.60
CA SER A 6 -8.85 -23.63 17.29
C SER A 6 -7.78 -22.59 17.58
N GLY A 7 -8.21 -21.39 17.95
CA GLY A 7 -7.28 -20.32 18.24
C GLY A 7 -7.97 -19.03 18.62
N GLU A 8 -7.86 -18.65 19.89
CA GLU A 8 -8.49 -17.43 20.38
C GLU A 8 -7.43 -16.43 20.86
N GLY A 9 -6.84 -15.71 19.91
CA GLY A 9 -5.82 -14.73 20.26
C GLY A 9 -5.88 -13.50 19.37
N ASP A 10 -4.80 -13.24 18.65
CA ASP A 10 -4.74 -12.08 17.77
C ASP A 10 -4.30 -12.50 16.36
N PRO A 11 -5.21 -13.15 15.63
CA PRO A 11 -4.95 -13.61 14.27
C PRO A 11 -4.83 -12.46 13.28
N GLU A 12 -4.54 -12.79 12.02
CA GLU A 12 -4.41 -11.78 10.98
C GLU A 12 -5.77 -11.25 10.56
N ASN A 13 -6.15 -10.09 11.10
CA ASN A 13 -7.43 -9.48 10.79
C ASN A 13 -7.43 -8.92 9.37
N GLY A 14 -6.55 -7.96 9.11
CA GLY A 14 -6.46 -7.36 7.80
C GLY A 14 -6.09 -8.36 6.72
N GLU A 15 -6.03 -7.90 5.48
CA GLU A 15 -5.70 -8.77 4.36
C GLU A 15 -4.78 -8.05 3.37
N LYS A 16 -4.01 -8.82 2.61
CA LYS A 16 -3.10 -8.26 1.62
C LYS A 16 -3.86 -7.83 0.37
N LEU A 17 -3.69 -6.56 -0.01
CA LEU A 17 -4.35 -6.02 -1.18
C LEU A 17 -3.39 -5.16 -2.00
N GLN A 18 -3.35 -5.41 -3.31
CA GLN A 18 -2.47 -4.67 -4.21
C GLN A 18 -3.24 -3.55 -4.90
N ILE A 19 -2.56 -2.44 -5.16
CA ILE A 19 -3.17 -1.30 -5.83
C ILE A 19 -2.35 -0.85 -7.03
N THR A 20 -3.03 -0.65 -8.16
CA THR A 20 -2.36 -0.23 -9.38
C THR A 20 -2.60 1.26 -9.66
N ILE A 21 -1.53 2.04 -9.69
CA ILE A 21 -1.62 3.47 -9.94
C ILE A 21 -0.94 3.84 -11.26
N ARG A 22 -1.61 4.67 -12.05
CA ARG A 22 -1.07 5.10 -13.33
C ARG A 22 -0.83 6.61 -13.33
N ARG A 23 0.21 7.03 -14.04
CA ARG A 23 0.56 8.44 -14.12
C ARG A 23 -0.67 9.29 -14.44
N GLY A 24 -1.07 10.13 -13.50
CA GLY A 24 -2.23 10.98 -13.70
C GLY A 24 -1.87 12.31 -14.35
N LYS A 25 -1.26 13.19 -13.57
CA LYS A 25 -0.86 14.51 -14.07
C LYS A 25 0.36 15.02 -13.32
N ASP A 26 1.44 15.27 -14.06
CA ASP A 26 2.68 15.78 -13.46
C ASP A 26 3.00 15.03 -12.18
N GLY A 27 2.81 13.70 -12.21
CA GLY A 27 3.10 12.90 -11.03
C GLY A 27 2.19 11.69 -10.93
N PHE A 28 1.88 11.29 -9.71
CA PHE A 28 1.01 10.15 -9.46
C PHE A 28 -0.31 10.58 -8.82
N GLY A 29 -0.21 11.37 -7.76
CA GLY A 29 -1.39 11.85 -7.07
C GLY A 29 -1.30 11.66 -5.57
N PHE A 30 -0.88 10.47 -5.15
CA PHE A 30 -0.76 10.16 -3.73
C PHE A 30 0.65 10.48 -3.23
N THR A 31 0.74 10.85 -1.96
CA THR A 31 2.04 11.18 -1.36
C THR A 31 2.36 10.24 -0.20
N ILE A 32 3.61 9.80 -0.14
CA ILE A 32 4.05 8.90 0.92
C ILE A 32 5.48 9.21 1.36
N CYS A 33 5.66 9.35 2.67
CA CYS A 33 6.97 9.65 3.23
C CYS A 33 7.11 9.12 4.65
N CYS A 34 8.09 8.25 4.86
CA CYS A 34 8.32 7.66 6.17
C CYS A 34 9.53 6.73 6.14
N ASP A 35 10.47 6.97 7.06
CA ASP A 35 11.67 6.16 7.14
C ASP A 35 11.33 4.69 7.37
N SER A 36 11.96 3.80 6.60
CA SER A 36 11.71 2.38 6.71
C SER A 36 11.34 1.99 8.14
N PRO A 37 10.18 1.35 8.30
CA PRO A 37 9.30 1.02 7.18
C PRO A 37 8.64 2.26 6.57
N VAL A 38 8.36 2.20 5.27
CA VAL A 38 7.74 3.31 4.57
C VAL A 38 6.23 3.32 4.79
N ARG A 39 5.65 4.52 4.86
CA ARG A 39 4.22 4.67 5.06
C ARG A 39 3.64 5.77 4.17
N VAL A 40 2.32 5.89 4.16
CA VAL A 40 1.65 6.90 3.35
C VAL A 40 1.43 8.18 4.13
N GLN A 41 1.47 9.31 3.43
CA GLN A 41 1.28 10.61 4.06
C GLN A 41 -0.18 11.06 3.94
N ALA A 42 -0.66 11.16 2.71
CA ALA A 42 -2.03 11.58 2.46
C ALA A 42 -2.48 11.17 1.07
N VAL A 43 -3.77 10.87 0.92
CA VAL A 43 -4.33 10.46 -0.36
C VAL A 43 -5.07 11.62 -1.03
N ASP A 44 -4.85 11.79 -2.33
CA ASP A 44 -5.49 12.86 -3.08
C ASP A 44 -6.96 12.54 -3.33
N SER A 45 -7.83 13.48 -2.99
CA SER A 45 -9.27 13.29 -3.18
C SER A 45 -9.65 13.45 -4.64
N GLY A 46 -10.08 12.36 -5.26
CA GLY A 46 -10.47 12.39 -6.66
C GLY A 46 -9.29 12.21 -7.59
N GLY A 47 -8.40 11.28 -7.25
CA GLY A 47 -7.24 11.02 -8.08
C GLY A 47 -7.13 9.58 -8.49
N PRO A 48 -6.05 9.24 -9.21
CA PRO A 48 -5.80 7.87 -9.68
C PRO A 48 -5.47 6.91 -8.54
N ALA A 49 -4.96 7.46 -7.45
CA ALA A 49 -4.60 6.65 -6.28
C ALA A 49 -5.84 6.18 -5.54
N GLU A 50 -6.62 7.13 -5.04
CA GLU A 50 -7.84 6.81 -4.30
C GLU A 50 -8.82 6.03 -5.17
N ARG A 51 -9.23 6.63 -6.28
CA ARG A 51 -10.16 6.00 -7.20
C ARG A 51 -9.82 4.52 -7.37
N ALA A 52 -8.53 4.23 -7.48
CA ALA A 52 -8.08 2.85 -7.66
C ALA A 52 -8.35 2.02 -6.41
N GLY A 53 -8.11 2.61 -5.25
CA GLY A 53 -8.33 1.90 -4.00
C GLY A 53 -7.20 2.08 -3.02
N LEU A 54 -6.67 3.30 -2.93
CA LEU A 54 -5.57 3.59 -2.03
C LEU A 54 -6.07 4.27 -0.76
N GLN A 55 -5.57 3.80 0.38
CA GLN A 55 -5.97 4.37 1.67
C GLN A 55 -4.79 5.04 2.37
N GLN A 56 -5.08 6.12 3.09
CA GLN A 56 -4.04 6.87 3.79
C GLN A 56 -3.62 6.14 5.07
N LEU A 57 -2.38 6.35 5.49
CA LEU A 57 -1.87 5.71 6.70
C LEU A 57 -1.66 4.21 6.48
N ASP A 58 -1.17 3.86 5.29
CA ASP A 58 -0.92 2.47 4.95
C ASP A 58 0.57 2.17 4.93
N THR A 59 0.94 0.95 5.31
CA THR A 59 2.34 0.55 5.34
C THR A 59 2.72 -0.21 4.08
N VAL A 60 3.84 0.17 3.47
CA VAL A 60 4.32 -0.46 2.25
C VAL A 60 5.14 -1.71 2.58
N LEU A 61 4.67 -2.86 2.10
CA LEU A 61 5.37 -4.12 2.33
C LEU A 61 6.36 -4.41 1.20
N GLN A 62 5.86 -4.46 -0.02
CA GLN A 62 6.71 -4.73 -1.18
C GLN A 62 6.25 -3.93 -2.39
N LEU A 63 7.17 -3.17 -2.98
CA LEU A 63 6.86 -2.35 -4.15
C LEU A 63 7.30 -3.04 -5.42
N ASN A 64 6.39 -3.09 -6.41
CA ASN A 64 6.70 -3.72 -7.69
C ASN A 64 7.16 -5.17 -7.48
N GLU A 65 6.52 -5.85 -6.54
CA GLU A 65 6.88 -7.24 -6.25
C GLU A 65 8.30 -7.34 -5.70
N ARG A 66 8.74 -6.30 -5.00
CA ARG A 66 10.07 -6.28 -4.43
C ARG A 66 10.03 -5.90 -2.95
N PRO A 67 10.95 -6.45 -2.17
CA PRO A 67 11.04 -6.18 -0.73
C PRO A 67 11.51 -4.76 -0.43
N VAL A 68 10.60 -3.96 0.13
CA VAL A 68 10.92 -2.57 0.46
C VAL A 68 10.56 -2.27 1.92
N GLU A 69 10.40 -3.32 2.71
CA GLU A 69 10.05 -3.17 4.12
C GLU A 69 11.13 -2.38 4.86
N HIS A 70 12.37 -2.51 4.39
CA HIS A 70 13.50 -1.82 5.00
C HIS A 70 14.02 -0.70 4.09
N TRP A 71 13.12 -0.15 3.28
CA TRP A 71 13.50 0.92 2.35
C TRP A 71 13.01 2.27 2.87
N LYS A 72 13.80 3.31 2.64
CA LYS A 72 13.45 4.65 3.06
C LYS A 72 12.74 5.42 1.95
N CYS A 73 11.88 6.35 2.34
CA CYS A 73 11.14 7.15 1.37
C CYS A 73 11.98 7.41 0.13
N VAL A 74 13.24 7.78 0.34
CA VAL A 74 14.15 8.07 -0.76
C VAL A 74 14.44 6.81 -1.57
N GLU A 75 14.93 5.77 -0.90
CA GLU A 75 15.25 4.51 -1.56
C GLU A 75 14.06 4.00 -2.36
N LEU A 76 12.89 4.02 -1.75
CA LEU A 76 11.67 3.56 -2.40
C LEU A 76 11.24 4.53 -3.50
N ALA A 77 10.98 5.77 -3.11
CA ALA A 77 10.57 6.80 -4.07
C ALA A 77 11.26 6.60 -5.42
N HIS A 78 12.53 6.17 -5.37
CA HIS A 78 13.30 5.95 -6.59
C HIS A 78 12.58 4.97 -7.52
N GLU A 79 12.13 3.85 -6.95
CA GLU A 79 11.44 2.84 -7.73
C GLU A 79 10.10 3.36 -8.26
N ILE A 80 9.31 3.93 -7.35
CA ILE A 80 8.00 4.48 -7.73
C ILE A 80 8.13 5.41 -8.92
N ARG A 81 9.10 6.31 -8.87
CA ARG A 81 9.32 7.26 -9.95
C ARG A 81 9.95 6.57 -11.16
N SER A 82 10.92 5.71 -10.90
CA SER A 82 11.61 4.99 -11.96
C SER A 82 10.64 4.63 -13.09
N CYS A 83 9.45 4.18 -12.71
CA CYS A 83 8.43 3.81 -13.69
C CYS A 83 7.32 4.84 -13.75
N PRO A 84 7.39 5.73 -14.75
CA PRO A 84 6.40 6.79 -14.95
C PRO A 84 5.05 6.25 -15.39
N SER A 85 5.05 5.42 -16.43
CA SER A 85 3.82 4.83 -16.95
C SER A 85 2.90 4.41 -15.81
N GLU A 86 3.24 3.30 -15.17
CA GLU A 86 2.44 2.79 -14.06
C GLU A 86 3.32 2.15 -12.99
N ILE A 87 2.77 1.96 -11.80
CA ILE A 87 3.52 1.37 -10.69
C ILE A 87 2.60 0.52 -9.82
N ILE A 88 3.07 -0.66 -9.44
CA ILE A 88 2.30 -1.57 -8.59
C ILE A 88 2.86 -1.60 -7.17
N LEU A 89 2.08 -1.11 -6.22
CA LEU A 89 2.49 -1.09 -4.83
C LEU A 89 1.54 -1.91 -3.96
N LEU A 90 2.10 -2.69 -3.05
CA LEU A 90 1.30 -3.53 -2.16
C LEU A 90 1.38 -3.03 -0.72
N VAL A 91 0.23 -2.99 -0.06
CA VAL A 91 0.16 -2.52 1.32
C VAL A 91 -0.80 -3.39 2.14
N TRP A 92 -0.79 -3.18 3.46
CA TRP A 92 -1.66 -3.94 4.36
C TRP A 92 -2.86 -3.10 4.77
N ARG A 93 -4.05 -3.71 4.72
CA ARG A 93 -5.28 -3.03 5.09
C ARG A 93 -6.09 -3.87 6.07
N VAL A 94 -6.84 -3.19 6.94
CA VAL A 94 -7.67 -3.88 7.93
C VAL A 94 -9.12 -3.46 7.80
N SER A 95 -10.00 -4.45 7.71
CA SER A 95 -11.43 -4.18 7.58
C SER A 95 -12.21 -4.82 8.72
N GLY A 96 -12.84 -3.98 9.55
CA GLY A 96 -13.61 -4.49 10.67
C GLY A 96 -15.07 -4.12 10.58
N PRO A 97 -15.95 -5.11 10.83
CA PRO A 97 -17.40 -4.92 10.78
C PRO A 97 -17.91 -4.04 11.92
N SER A 98 -17.07 -3.87 12.95
CA SER A 98 -17.44 -3.07 14.11
C SER A 98 -17.80 -1.64 13.68
N SER A 99 -19.07 -1.29 13.82
CA SER A 99 -19.55 0.03 13.45
C SER A 99 -18.71 1.12 14.13
N GLY A 100 -18.58 1.01 15.45
CA GLY A 100 -17.81 1.99 16.19
C GLY A 100 -16.71 1.35 17.01
#